data_5C8E
#
_entry.id   5C8E
#
_cell.length_a   177.940
_cell.length_b   141.820
_cell.length_c   162.690
_cell.angle_alpha   90.00
_cell.angle_beta   90.00
_cell.angle_gamma   90.00
#
_symmetry.space_group_name_H-M   'P 21 21 2'
#
loop_
_entity.id
_entity.type
_entity.pdbx_description
1 polymer 'Light-dependent transcriptional regulator CarH'
2 polymer '26-mer DNA segment containing the CarH operator sequence (antisense strand)'
3 polymer '26-mer DNA segment containing the CarH operator sequence (sense strand)'
4 non-polymer COBALAMIN
5 non-polymer "5'-DEOXYADENOSINE"
#
loop_
_entity_poly.entity_id
_entity_poly.type
_entity_poly.pdbx_seq_one_letter_code
_entity_poly.pdbx_strand_id
1 'polypeptide(L)'
;MGSSHHHHHHSSGLVPRGSHMTSSGVYTIAEVEAMTGLSAEVLRQWERRYGFPKPRRTPGGHRLYSAEDVEALKTIKRWL
EEGATPKAAIRRYLAQEVRPEDLGTGLLEALLRGDLAGAEALFRRGLRFWGPEGVLEHLLLPVLREVGEAWHRGEIGVAE
EHLASTFLRARLQELLDLAGFPPGPPVLVTTPPGERHEIGAMLAAYHLRRKGVPALYLGPDTPLPDLRALARRLGAGAVV
LSAVLSEPLRALPDGALKDLAPRVFLGGQGAGPEEARRLGAEYMEDLKGLAEALWLPRGPEKEAI
;
A,B,C,D,E,F,G,H
2 'polydeoxyribonucleotide'
;(DA)(DT)(DA)(DG)(DG)(DT)(DT)(DT)(DT)(DG)(DT)(DC)(DA)(DA)(DG)(DC)(DT)(DT)(DT)(DT)
(DG)(DT)(DA)(DC)(DA)(DT)
;
I,K
3 'polydeoxyribonucleotide'
;(DA)(DT)(DG)(DT)(DA)(DC)(DA)(DA)(DA)(DA)(DG)(DC)(DT)(DT)(DG)(DA)(DC)(DA)(DA)(DA)
(DA)(DC)(DC)(DT)(DA)(DT)
;
J,L
#
loop_
_chem_comp.id
_chem_comp.type
_chem_comp.name
_chem_comp.formula
5AD non-polymer 5'-DEOXYADENOSINE 'C10 H13 N5 O3'
B12 non-polymer COBALAMIN 'C62 H89 Co N13 O14 P 2'
DA DNA linking 2'-DEOXYADENOSINE-5'-MONOPHOSPHATE 'C10 H14 N5 O6 P'
DC DNA linking 2'-DEOXYCYTIDINE-5'-MONOPHOSPHATE 'C9 H14 N3 O7 P'
DG DNA linking 2'-DEOXYGUANOSINE-5'-MONOPHOSPHATE 'C10 H14 N5 O7 P'
DT DNA linking THYMIDINE-5'-MONOPHOSPHATE 'C10 H15 N2 O8 P'
#
# COMPACT_ATOMS: atom_id res chain seq x y z
N GLY A 25 21.88 17.99 27.80
CA GLY A 25 22.35 17.39 29.03
C GLY A 25 22.27 15.88 29.02
N VAL A 26 21.89 15.32 30.16
CA VAL A 26 21.82 13.86 30.30
C VAL A 26 20.65 13.42 31.18
N TYR A 27 19.85 12.50 30.66
CA TYR A 27 18.72 11.94 31.41
C TYR A 27 18.66 10.42 31.23
N THR A 28 17.66 9.79 31.85
CA THR A 28 17.45 8.36 31.69
C THR A 28 16.17 8.09 30.91
N ILE A 29 16.04 6.88 30.39
CA ILE A 29 14.85 6.49 29.65
C ILE A 29 13.68 6.28 30.60
N ALA A 30 13.99 6.10 31.88
CA ALA A 30 12.97 5.95 32.90
C ALA A 30 12.38 7.30 33.29
N GLU A 31 13.24 8.32 33.33
CA GLU A 31 12.80 9.67 33.67
C GLU A 31 11.88 10.23 32.59
N VAL A 32 12.19 9.92 31.34
CA VAL A 32 11.39 10.37 30.21
C VAL A 32 10.01 9.73 30.24
N GLU A 33 9.96 8.47 30.66
CA GLU A 33 8.71 7.72 30.74
C GLU A 33 7.80 8.28 31.83
N ALA A 34 8.37 9.01 32.78
CA ALA A 34 7.61 9.58 33.88
C ALA A 34 7.41 11.08 33.71
N MET A 35 7.97 11.64 32.63
CA MET A 35 7.85 13.07 32.35
C MET A 35 7.00 13.34 31.12
N THR A 36 7.09 12.44 30.14
CA THR A 36 6.35 12.59 28.89
C THR A 36 5.07 11.76 28.88
N GLY A 37 5.11 10.63 29.57
CA GLY A 37 3.98 9.72 29.61
C GLY A 37 4.15 8.56 28.66
N LEU A 38 4.98 8.75 27.65
CA LEU A 38 5.27 7.70 26.68
C LEU A 38 6.15 6.62 27.30
N SER A 39 5.79 5.37 27.06
CA SER A 39 6.54 4.25 27.63
C SER A 39 7.93 4.14 27.03
N ALA A 40 8.82 3.44 27.74
CA ALA A 40 10.20 3.29 27.31
C ALA A 40 10.32 2.46 26.03
N GLU A 41 9.36 1.57 25.83
CA GLU A 41 9.35 0.72 24.65
C GLU A 41 9.13 1.53 23.37
N VAL A 42 8.35 2.59 23.49
CA VAL A 42 8.04 3.46 22.35
C VAL A 42 9.23 4.32 21.97
N LEU A 43 9.91 4.85 22.98
CA LEU A 43 11.05 5.75 22.77
C LEU A 43 12.17 5.10 21.98
N ARG A 44 12.34 3.79 22.15
CA ARG A 44 13.37 3.05 21.46
C ARG A 44 12.95 2.71 20.02
N GLN A 45 11.64 2.64 19.80
CA GLN A 45 11.11 2.31 18.49
C GLN A 45 11.17 3.51 17.53
N TRP A 46 10.86 4.69 18.06
CA TRP A 46 10.91 5.91 17.26
C TRP A 46 12.33 6.28 16.89
N GLU A 47 13.29 5.80 17.68
CA GLU A 47 14.70 6.01 17.40
C GLU A 47 15.17 5.04 16.31
N ARG A 48 14.40 3.98 16.13
CA ARG A 48 14.75 2.93 15.18
C ARG A 48 14.16 3.19 13.79
N ARG A 49 12.96 3.77 13.73
CA ARG A 49 12.32 3.92 12.43
C ARG A 49 12.26 5.37 11.97
N TYR A 50 12.70 6.30 12.82
CA TYR A 50 12.81 7.69 12.42
C TYR A 50 14.20 8.25 12.66
N GLY A 51 14.83 7.79 13.74
CA GLY A 51 16.14 8.28 14.12
C GLY A 51 16.05 9.35 15.20
N PHE A 52 14.83 9.84 15.42
CA PHE A 52 14.58 10.84 16.46
C PHE A 52 13.71 10.26 17.57
N PRO A 53 14.11 10.49 18.83
CA PRO A 53 15.30 11.24 19.22
C PRO A 53 16.57 10.39 19.19
N LYS A 54 17.71 11.05 18.97
CA LYS A 54 19.00 10.37 18.98
C LYS A 54 19.90 10.92 20.07
N PRO A 55 19.71 10.43 21.30
CA PRO A 55 20.47 10.92 22.47
C PRO A 55 21.90 10.40 22.50
N ARG A 56 22.76 11.08 23.24
CA ARG A 56 24.14 10.62 23.42
C ARG A 56 24.14 9.28 24.16
N ARG A 57 25.01 8.38 23.73
CA ARG A 57 25.05 7.03 24.29
C ARG A 57 26.13 6.88 25.34
N THR A 58 25.79 6.15 26.41
CA THR A 58 26.77 5.75 27.41
C THR A 58 27.77 4.79 26.77
N PRO A 59 28.98 4.70 27.35
CA PRO A 59 29.99 3.76 26.83
C PRO A 59 29.49 2.33 26.71
N GLY A 60 28.47 1.97 27.48
CA GLY A 60 27.90 0.64 27.44
C GLY A 60 26.68 0.54 26.55
N GLY A 61 26.25 1.65 25.99
CA GLY A 61 25.13 1.67 25.07
C GLY A 61 23.86 2.27 25.66
N HIS A 62 23.90 2.58 26.95
CA HIS A 62 22.74 3.18 27.61
C HIS A 62 22.48 4.59 27.08
N ARG A 63 21.22 4.97 27.03
CA ARG A 63 20.82 6.24 26.42
C ARG A 63 20.82 7.39 27.44
N LEU A 64 21.25 8.57 26.98
CA LEU A 64 21.29 9.75 27.83
C LEU A 64 20.60 10.93 27.14
N TYR A 65 19.30 11.05 27.32
CA TYR A 65 18.52 12.10 26.67
C TYR A 65 18.85 13.49 27.21
N SER A 66 18.72 14.50 26.36
CA SER A 66 18.98 15.87 26.76
C SER A 66 17.68 16.58 27.12
N ALA A 67 17.80 17.70 27.83
CA ALA A 67 16.62 18.46 28.26
C ALA A 67 15.88 19.05 27.07
N GLU A 68 16.62 19.36 26.01
CA GLU A 68 16.02 19.89 24.79
C GLU A 68 15.13 18.85 24.12
N ASP A 69 15.51 17.58 24.26
CA ASP A 69 14.73 16.48 23.70
C ASP A 69 13.50 16.19 24.55
N VAL A 70 13.62 16.45 25.85
CA VAL A 70 12.52 16.19 26.79
C VAL A 70 11.32 17.09 26.48
N GLU A 71 11.58 18.39 26.35
CA GLU A 71 10.53 19.35 26.03
C GLU A 71 10.01 19.13 24.60
N ALA A 72 10.87 18.59 23.75
CA ALA A 72 10.51 18.29 22.37
C ALA A 72 9.48 17.18 22.30
N LEU A 73 9.71 16.10 23.04
CA LEU A 73 8.81 14.96 23.05
C LEU A 73 7.47 15.33 23.70
N LYS A 74 7.52 16.25 24.66
CA LYS A 74 6.30 16.71 25.33
C LYS A 74 5.41 17.49 24.38
N THR A 75 6.01 18.06 23.34
CA THR A 75 5.28 18.81 22.33
C THR A 75 4.64 17.87 21.31
N ILE A 76 5.35 16.79 20.99
CA ILE A 76 4.86 15.80 20.03
C ILE A 76 3.66 15.05 20.60
N LYS A 77 3.66 14.86 21.93
CA LYS A 77 2.55 14.17 22.60
C LYS A 77 1.27 14.99 22.49
N ARG A 78 1.41 16.31 22.38
CA ARG A 78 0.27 17.19 22.22
C ARG A 78 -0.37 17.03 20.85
N TRP A 79 0.47 16.95 19.82
CA TRP A 79 -0.01 16.81 18.44
C TRP A 79 -0.64 15.45 18.19
N LEU A 80 -0.08 14.42 18.80
CA LEU A 80 -0.61 13.06 18.67
C LEU A 80 -1.99 12.94 19.32
N GLU A 81 -2.20 13.72 20.38
CA GLU A 81 -3.47 13.72 21.09
C GLU A 81 -4.47 14.68 20.44
N GLU A 82 -3.96 15.55 19.56
CA GLU A 82 -4.80 16.50 18.86
C GLU A 82 -5.23 15.95 17.51
N GLY A 83 -4.63 14.83 17.10
CA GLY A 83 -4.96 14.19 15.84
C GLY A 83 -3.84 14.26 14.84
N ALA A 84 -2.80 13.44 15.06
CA ALA A 84 -1.66 13.38 14.16
C ALA A 84 -0.94 12.05 14.29
N THR A 85 -0.25 11.65 13.22
CA THR A 85 0.52 10.42 13.22
C THR A 85 1.98 10.70 13.59
N PRO A 86 2.61 9.77 14.32
CA PRO A 86 4.00 9.92 14.76
C PRO A 86 5.00 10.14 13.62
N LYS A 87 4.68 9.63 12.43
CA LYS A 87 5.56 9.78 11.28
C LYS A 87 5.62 11.23 10.80
N ALA A 88 4.49 11.92 10.90
CA ALA A 88 4.40 13.31 10.44
C ALA A 88 4.60 14.29 11.60
N ALA A 89 4.28 13.84 12.81
CA ALA A 89 4.43 14.68 13.99
C ALA A 89 5.89 14.98 14.27
N ILE A 90 6.76 14.02 13.94
CA ILE A 90 8.20 14.19 14.13
C ILE A 90 8.80 14.97 12.98
N ARG A 91 8.36 14.66 11.76
CA ARG A 91 8.87 15.30 10.56
C ARG A 91 8.57 16.80 10.54
N ARG A 92 7.41 17.18 11.07
CA ARG A 92 7.00 18.58 11.11
C ARG A 92 7.77 19.35 12.18
N TYR A 93 8.31 18.62 13.15
CA TYR A 93 9.09 19.24 14.22
C TYR A 93 10.56 19.33 13.85
N LEU A 94 11.03 18.33 13.09
CA LEU A 94 12.42 18.28 12.66
C LEU A 94 12.75 19.38 11.65
N ALA A 95 11.87 19.57 10.68
CA ALA A 95 12.11 20.52 9.60
C ALA A 95 11.28 21.79 9.80
N GLN A 96 11.27 22.29 11.03
CA GLN A 96 10.52 23.49 11.37
C GLN A 96 11.40 24.74 11.33
N GLU A 97 11.85 25.10 10.13
CA GLU A 97 12.60 26.34 9.95
C GLU A 97 11.66 27.53 10.07
N VAL A 98 11.52 28.04 11.28
CA VAL A 98 10.56 29.10 11.58
C VAL A 98 10.82 30.38 10.80
N ARG A 99 9.77 30.86 10.13
CA ARG A 99 9.83 32.09 9.34
C ARG A 99 10.08 33.30 10.24
N PRO A 100 10.64 34.38 9.65
CA PRO A 100 10.89 35.62 10.40
C PRO A 100 9.66 36.17 11.12
N GLU A 101 8.48 35.98 10.54
CA GLU A 101 7.25 36.48 11.16
C GLU A 101 6.64 35.46 12.11
N ASP A 102 7.09 34.21 12.01
CA ASP A 102 6.57 33.15 12.87
C ASP A 102 7.23 33.18 14.25
N LEU A 103 8.29 33.97 14.39
CA LEU A 103 8.99 34.07 15.66
C LEU A 103 8.17 34.79 16.70
N GLY A 104 7.41 35.81 16.28
CA GLY A 104 6.57 36.53 17.21
C GLY A 104 5.45 35.64 17.72
N THR A 105 4.80 34.93 16.81
CA THR A 105 3.76 33.97 17.17
C THR A 105 4.31 32.83 18.03
N GLY A 106 5.45 32.30 17.61
CA GLY A 106 6.13 31.22 18.31
C GLY A 106 6.55 31.55 19.72
N LEU A 107 7.16 32.73 19.88
CA LEU A 107 7.63 33.18 21.19
C LEU A 107 6.49 33.29 22.18
N LEU A 108 5.37 33.88 21.75
CA LEU A 108 4.22 34.05 22.62
C LEU A 108 3.63 32.70 23.02
N GLU A 109 3.53 31.81 22.06
CA GLU A 109 3.01 30.46 22.29
C GLU A 109 3.88 29.70 23.29
N ALA A 110 5.19 29.86 23.15
CA ALA A 110 6.14 29.22 24.06
C ALA A 110 6.00 29.74 25.48
N LEU A 111 5.81 31.05 25.62
CA LEU A 111 5.62 31.69 26.92
C LEU A 111 4.31 31.26 27.58
N LEU A 112 3.25 31.20 26.78
CA LEU A 112 1.92 30.83 27.27
C LEU A 112 1.86 29.40 27.78
N ARG A 113 2.76 28.55 27.30
CA ARG A 113 2.81 27.16 27.76
C ARG A 113 3.85 26.97 28.87
N GLY A 114 4.48 28.07 29.29
CA GLY A 114 5.43 28.02 30.39
C GLY A 114 6.81 27.48 30.03
N ASP A 115 7.13 27.47 28.75
CA ASP A 115 8.40 26.95 28.26
C ASP A 115 9.48 28.05 28.19
N LEU A 116 10.06 28.41 29.34
CA LEU A 116 11.04 29.49 29.38
C LEU A 116 12.29 29.14 28.57
N ALA A 117 12.71 27.88 28.64
CA ALA A 117 13.89 27.43 27.91
C ALA A 117 13.70 27.60 26.41
N GLY A 118 12.57 27.14 25.91
CA GLY A 118 12.23 27.30 24.50
C GLY A 118 12.10 28.76 24.10
N ALA A 119 11.54 29.57 24.99
CA ALA A 119 11.34 30.99 24.75
C ALA A 119 12.68 31.72 24.63
N GLU A 120 13.58 31.43 25.56
CA GLU A 120 14.91 32.01 25.56
C GLU A 120 15.67 31.65 24.29
N ALA A 121 15.54 30.41 23.85
CA ALA A 121 16.19 29.94 22.63
C ALA A 121 15.66 30.66 21.40
N LEU A 122 14.35 30.86 21.35
CA LEU A 122 13.72 31.55 20.22
C LEU A 122 14.17 33.00 20.15
N PHE A 123 14.32 33.63 21.32
CA PHE A 123 14.76 35.02 21.40
C PHE A 123 16.21 35.21 20.92
N ARG A 124 17.08 34.29 21.27
CA ARG A 124 18.48 34.38 20.84
C ARG A 124 18.58 34.24 19.33
N ARG A 125 17.71 33.42 18.76
CA ARG A 125 17.61 33.26 17.32
C ARG A 125 17.31 34.62 16.66
N GLY A 126 16.30 35.30 17.18
CA GLY A 126 15.90 36.60 16.66
C GLY A 126 16.95 37.68 16.85
N LEU A 127 17.68 37.61 17.95
CA LEU A 127 18.77 38.53 18.24
C LEU A 127 19.87 38.44 17.18
N ARG A 128 20.18 37.22 16.76
CA ARG A 128 21.20 37.01 15.75
C ARG A 128 20.74 37.45 14.35
N PHE A 129 19.44 37.39 14.06
CA PHE A 129 18.96 37.78 12.73
C PHE A 129 18.80 39.30 12.57
N TRP A 130 17.99 39.94 13.40
CA TRP A 130 17.76 41.37 13.22
C TRP A 130 18.82 42.23 13.90
N GLY A 131 19.61 41.63 14.78
CA GLY A 131 20.55 42.40 15.57
C GLY A 131 19.91 42.97 16.82
N PRO A 132 20.73 43.57 17.70
CA PRO A 132 20.30 44.10 19.00
C PRO A 132 19.11 45.05 18.88
N GLU A 133 19.23 46.09 18.06
CA GLU A 133 18.13 47.04 17.88
C GLU A 133 17.00 46.41 17.10
N GLY A 134 17.34 45.62 16.09
CA GLY A 134 16.35 44.97 15.26
C GLY A 134 15.39 44.04 15.99
N VAL A 135 15.92 43.25 16.92
CA VAL A 135 15.13 42.27 17.65
C VAL A 135 14.14 42.96 18.59
N LEU A 136 14.47 44.16 19.04
CA LEU A 136 13.56 44.90 19.90
C LEU A 136 12.34 45.44 19.13
N GLU A 137 12.58 45.96 17.93
CA GLU A 137 11.51 46.52 17.12
C GLU A 137 10.59 45.45 16.52
N HIS A 138 11.17 44.36 16.04
CA HIS A 138 10.41 43.36 15.28
C HIS A 138 10.01 42.13 16.09
N LEU A 139 10.49 42.01 17.33
CA LEU A 139 10.16 40.84 18.13
C LEU A 139 9.64 41.27 19.51
N LEU A 140 10.47 42.01 20.24
CA LEU A 140 10.15 42.43 21.61
C LEU A 140 8.90 43.30 21.65
N LEU A 141 8.86 44.32 20.82
CA LEU A 141 7.73 45.25 20.80
C LEU A 141 6.40 44.66 20.28
N PRO A 142 6.42 43.94 19.15
CA PRO A 142 5.15 43.39 18.68
C PRO A 142 4.52 42.36 19.61
N VAL A 143 5.34 41.59 20.31
CA VAL A 143 4.83 40.60 21.26
C VAL A 143 4.15 41.29 22.45
N LEU A 144 4.81 42.31 22.99
CA LEU A 144 4.24 43.06 24.11
C LEU A 144 2.91 43.74 23.77
N ARG A 145 2.80 44.27 22.56
CA ARG A 145 1.56 44.89 22.13
C ARG A 145 0.44 43.86 22.01
N GLU A 146 0.76 42.73 21.39
CA GLU A 146 -0.22 41.65 21.20
C GLU A 146 -0.68 41.06 22.53
N VAL A 147 0.26 40.92 23.47
CA VAL A 147 -0.07 40.45 24.83
C VAL A 147 -1.11 41.33 25.51
N GLY A 148 -0.96 42.65 25.36
CA GLY A 148 -1.91 43.59 25.93
C GLY A 148 -3.28 43.49 25.27
N GLU A 149 -3.27 43.32 23.95
CA GLU A 149 -4.50 43.20 23.18
C GLU A 149 -5.19 41.86 23.48
N ALA A 150 -4.41 40.81 23.60
CA ALA A 150 -4.94 39.48 23.87
C ALA A 150 -5.62 39.48 25.25
N TRP A 151 -4.99 40.15 26.20
CA TRP A 151 -5.55 40.28 27.54
C TRP A 151 -6.84 41.09 27.45
N HIS A 152 -6.80 42.16 26.66
CA HIS A 152 -7.94 43.05 26.51
C HIS A 152 -9.13 42.33 25.87
N ARG A 153 -8.85 41.41 24.96
CA ARG A 153 -9.90 40.63 24.32
C ARG A 153 -10.41 39.52 25.24
N GLY A 154 -9.66 39.24 26.29
CA GLY A 154 -10.05 38.20 27.23
C GLY A 154 -9.51 36.83 26.86
N GLU A 155 -8.50 36.79 25.99
CA GLU A 155 -7.95 35.53 25.54
C GLU A 155 -6.95 34.99 26.56
N ILE A 156 -6.28 35.90 27.25
CA ILE A 156 -5.38 35.52 28.33
C ILE A 156 -5.68 36.31 29.60
N GLY A 157 -5.25 35.78 30.73
CA GLY A 157 -5.44 36.41 32.02
C GLY A 157 -4.24 37.25 32.41
N VAL A 158 -4.34 37.96 33.52
CA VAL A 158 -3.27 38.84 33.98
C VAL A 158 -2.00 38.05 34.30
N ALA A 159 -2.18 36.87 34.89
CA ALA A 159 -1.06 36.02 35.28
C ALA A 159 -0.21 35.59 34.08
N GLU A 160 -0.87 35.37 32.95
CA GLU A 160 -0.17 34.97 31.73
C GLU A 160 0.63 36.14 31.15
N GLU A 161 0.06 37.33 31.20
CA GLU A 161 0.76 38.55 30.81
C GLU A 161 1.99 38.79 31.67
N HIS A 162 1.83 38.66 32.98
CA HIS A 162 2.92 38.84 33.94
C HIS A 162 4.14 38.01 33.60
N LEU A 163 3.92 36.73 33.28
CA LEU A 163 4.99 35.80 32.95
C LEU A 163 5.75 36.31 31.72
N ALA A 164 5.00 36.65 30.68
CA ALA A 164 5.59 37.10 29.42
C ALA A 164 6.31 38.43 29.58
N SER A 165 5.72 39.36 30.33
CA SER A 165 6.32 40.68 30.51
C SER A 165 7.60 40.63 31.32
N THR A 166 7.61 39.79 32.36
CA THR A 166 8.78 39.63 33.21
C THR A 166 9.96 39.02 32.43
N PHE A 167 9.64 38.04 31.59
CA PHE A 167 10.63 37.40 30.72
C PHE A 167 11.28 38.38 29.77
N LEU A 168 10.46 39.14 29.04
CA LEU A 168 10.95 40.04 28.02
C LEU A 168 11.74 41.19 28.63
N ARG A 169 11.33 41.60 29.83
CA ARG A 169 12.04 42.64 30.58
C ARG A 169 13.45 42.15 30.93
N ALA A 170 13.56 40.87 31.31
CA ALA A 170 14.84 40.27 31.68
C ALA A 170 15.82 40.21 30.49
N ARG A 171 15.29 39.95 29.30
CA ARG A 171 16.10 39.92 28.09
C ARG A 171 16.64 41.31 27.75
N LEU A 172 15.78 42.31 27.89
CA LEU A 172 16.13 43.69 27.57
C LEU A 172 17.18 44.21 28.55
N GLN A 173 17.02 43.86 29.82
CA GLN A 173 17.99 44.24 30.84
C GLN A 173 19.35 43.63 30.58
N GLU A 174 19.34 42.42 30.02
CA GLU A 174 20.57 41.72 29.66
C GLU A 174 21.32 42.50 28.57
N LEU A 175 20.59 42.98 27.57
CA LEU A 175 21.16 43.77 26.48
C LEU A 175 21.67 45.10 27.03
N LEU A 176 20.91 45.67 27.96
CA LEU A 176 21.27 46.95 28.56
C LEU A 176 22.65 46.82 29.24
N ASP A 177 22.84 45.73 29.98
CA ASP A 177 24.09 45.47 30.68
C ASP A 177 25.22 45.11 29.74
N LEU A 178 24.89 44.69 28.52
CA LEU A 178 25.94 44.31 27.58
C LEU A 178 26.43 45.52 26.81
N ALA A 179 25.63 46.57 26.83
CA ALA A 179 26.06 47.80 26.20
C ALA A 179 27.11 48.45 27.11
N GLY A 180 27.97 49.27 26.53
CA GLY A 180 28.95 50.06 27.23
C GLY A 180 28.37 51.05 28.22
N PHE A 181 29.05 51.31 29.34
CA PHE A 181 28.61 52.41 30.19
C PHE A 181 29.77 53.41 30.37
N PRO A 182 29.88 54.41 29.47
CA PRO A 182 30.96 55.41 29.46
C PRO A 182 30.97 56.32 30.69
N PRO A 183 32.14 56.90 31.01
CA PRO A 183 32.22 57.88 32.09
C PRO A 183 31.53 59.20 31.71
N GLY A 184 31.64 60.23 32.54
CA GLY A 184 31.04 61.51 32.23
C GLY A 184 29.66 61.72 32.85
N PRO A 185 29.14 62.95 32.76
CA PRO A 185 27.82 63.32 33.29
C PRO A 185 26.71 62.39 32.82
N PRO A 186 26.01 61.75 33.76
CA PRO A 186 25.00 60.74 33.42
C PRO A 186 23.71 61.33 32.86
N VAL A 187 22.91 60.50 32.21
CA VAL A 187 21.55 60.89 31.84
C VAL A 187 20.57 60.00 32.59
N LEU A 188 19.70 60.61 33.38
CA LEU A 188 18.77 59.85 34.20
C LEU A 188 17.52 59.50 33.42
N VAL A 189 17.18 58.21 33.41
CA VAL A 189 16.01 57.73 32.68
C VAL A 189 15.02 57.03 33.61
N THR A 190 13.77 57.49 33.58
CA THR A 190 12.73 56.90 34.40
C THR A 190 11.35 57.22 33.81
N THR A 191 10.30 57.02 34.60
CA THR A 191 8.95 57.36 34.18
C THR A 191 8.30 58.32 35.18
N PRO A 192 7.29 59.08 34.74
CA PRO A 192 6.62 60.01 35.67
C PRO A 192 5.93 59.26 36.82
N PRO A 193 5.68 59.93 37.95
CA PRO A 193 4.96 59.30 39.06
C PRO A 193 3.58 58.79 38.65
N GLY A 194 3.24 57.57 39.08
CA GLY A 194 1.97 56.96 38.72
C GLY A 194 2.06 56.09 37.48
N GLU A 195 3.21 56.14 36.81
CA GLU A 195 3.45 55.36 35.60
C GLU A 195 4.30 54.13 35.93
N ARG A 196 3.71 52.95 35.77
CA ARG A 196 4.38 51.72 36.17
C ARG A 196 4.87 50.88 34.99
N HIS A 197 4.57 51.33 33.78
CA HIS A 197 5.15 50.72 32.59
C HIS A 197 6.58 51.20 32.43
N GLU A 198 7.54 50.28 32.56
CA GLU A 198 8.95 50.65 32.67
C GLU A 198 9.74 50.25 31.43
N ILE A 199 9.14 49.44 30.57
CA ILE A 199 9.85 48.85 29.44
C ILE A 199 10.17 49.95 28.42
N GLY A 200 9.28 50.94 28.34
CA GLY A 200 9.49 52.10 27.50
C GLY A 200 10.72 52.90 27.89
N ALA A 201 10.89 53.09 29.19
CA ALA A 201 12.07 53.76 29.73
C ALA A 201 13.36 52.99 29.47
N MET A 202 13.30 51.66 29.62
CA MET A 202 14.45 50.81 29.35
C MET A 202 14.92 50.89 27.91
N LEU A 203 13.96 50.91 26.98
CA LEU A 203 14.27 51.06 25.55
C LEU A 203 15.02 52.36 25.29
N ALA A 204 14.54 53.45 25.88
CA ALA A 204 15.17 54.76 25.72
C ALA A 204 16.60 54.73 26.24
N ALA A 205 16.78 54.19 27.44
CA ALA A 205 18.08 54.05 28.07
C ALA A 205 19.03 53.22 27.20
N TYR A 206 18.51 52.16 26.60
CA TYR A 206 19.31 51.25 25.79
C TYR A 206 19.87 51.92 24.54
N HIS A 207 19.00 52.65 23.85
CA HIS A 207 19.38 53.35 22.62
C HIS A 207 20.42 54.42 22.92
N LEU A 208 20.33 55.01 24.10
CA LEU A 208 21.28 56.04 24.53
C LEU A 208 22.65 55.41 24.78
N ARG A 209 22.66 54.27 25.46
CA ARG A 209 23.90 53.58 25.78
C ARG A 209 24.59 53.11 24.49
N ARG A 210 23.79 52.72 23.51
CA ARG A 210 24.33 52.23 22.24
C ARG A 210 25.00 53.35 21.45
N LYS A 211 24.70 54.59 21.82
CA LYS A 211 25.29 55.76 21.17
C LYS A 211 26.35 56.40 22.05
N GLY A 212 26.71 55.71 23.12
CA GLY A 212 27.80 56.15 23.99
C GLY A 212 27.37 57.18 25.01
N VAL A 213 26.09 57.20 25.34
CA VAL A 213 25.59 58.09 26.38
C VAL A 213 25.42 57.30 27.67
N PRO A 214 25.99 57.81 28.77
CA PRO A 214 25.90 57.15 30.07
C PRO A 214 24.51 57.29 30.69
N ALA A 215 23.55 56.56 30.13
CA ALA A 215 22.18 56.58 30.63
C ALA A 215 22.01 55.75 31.89
N LEU A 216 21.71 56.42 32.99
CA LEU A 216 21.37 55.75 34.25
C LEU A 216 19.89 55.45 34.33
N TYR A 217 19.54 54.18 34.16
CA TYR A 217 18.15 53.76 34.30
C TYR A 217 17.79 53.60 35.78
N LEU A 218 16.79 54.34 36.21
CA LEU A 218 16.43 54.37 37.63
C LEU A 218 15.35 53.34 37.97
N GLY A 219 14.60 52.91 36.97
CA GLY A 219 13.36 52.21 37.25
C GLY A 219 12.18 53.15 37.09
N PRO A 220 10.95 52.62 37.23
CA PRO A 220 9.78 53.46 36.98
C PRO A 220 9.36 54.26 38.22
N ASP A 221 8.43 55.19 38.03
CA ASP A 221 7.67 55.79 39.12
C ASP A 221 8.57 56.56 40.10
N THR A 222 9.12 57.68 39.65
CA THR A 222 10.04 58.46 40.47
C THR A 222 9.45 59.84 40.77
N PRO A 223 9.30 60.17 42.06
CA PRO A 223 8.84 61.50 42.48
C PRO A 223 9.69 62.64 41.92
N LEU A 224 9.06 63.71 41.45
CA LEU A 224 9.76 64.81 40.80
C LEU A 224 10.78 65.56 41.68
N PRO A 225 10.45 65.86 42.95
CA PRO A 225 11.46 66.54 43.79
C PRO A 225 12.72 65.72 44.00
N ASP A 226 12.56 64.41 44.18
CA ASP A 226 13.68 63.51 44.39
C ASP A 226 14.51 63.38 43.12
N LEU A 227 13.83 63.37 41.98
CA LEU A 227 14.47 63.28 40.68
C LEU A 227 15.32 64.52 40.42
N ARG A 228 14.79 65.69 40.77
CA ARG A 228 15.51 66.94 40.60
C ARG A 228 16.74 66.99 41.49
N ALA A 229 16.57 66.52 42.73
CA ALA A 229 17.65 66.51 43.70
C ALA A 229 18.80 65.61 43.26
N LEU A 230 18.46 64.45 42.71
CA LEU A 230 19.46 63.51 42.22
C LEU A 230 20.19 64.03 40.99
N ALA A 231 19.43 64.64 40.08
CA ALA A 231 20.00 65.21 38.86
C ALA A 231 21.00 66.31 39.20
N ARG A 232 20.67 67.10 40.21
CA ARG A 232 21.54 68.18 40.64
C ARG A 232 22.83 67.64 41.25
N ARG A 233 22.69 66.65 42.14
CA ARG A 233 23.85 66.12 42.87
C ARG A 233 24.82 65.36 41.96
N LEU A 234 24.28 64.66 40.96
CA LEU A 234 25.13 63.89 40.06
C LEU A 234 25.58 64.71 38.86
N GLY A 235 25.12 65.95 38.79
CA GLY A 235 25.41 66.81 37.66
C GLY A 235 24.92 66.23 36.35
N ALA A 236 23.74 65.61 36.38
CA ALA A 236 23.17 64.98 35.20
C ALA A 236 22.93 66.00 34.09
N GLY A 237 23.25 65.63 32.86
CA GLY A 237 23.08 66.53 31.73
C GLY A 237 21.64 66.60 31.27
N ALA A 238 20.90 65.51 31.44
CA ALA A 238 19.52 65.46 30.98
C ALA A 238 18.68 64.45 31.77
N VAL A 239 17.37 64.63 31.74
CA VAL A 239 16.43 63.65 32.27
C VAL A 239 15.49 63.17 31.15
N VAL A 240 15.29 61.86 31.06
CA VAL A 240 14.41 61.29 30.04
C VAL A 240 13.24 60.53 30.67
N LEU A 241 12.02 60.92 30.31
CA LEU A 241 10.82 60.31 30.87
C LEU A 241 10.01 59.56 29.81
N SER A 242 9.62 58.32 30.13
CA SER A 242 8.75 57.55 29.25
C SER A 242 7.33 57.49 29.82
N ALA A 243 6.36 58.01 29.07
CA ALA A 243 4.97 57.97 29.48
C ALA A 243 4.13 57.09 28.56
N VAL A 244 3.64 55.97 29.08
CA VAL A 244 2.80 55.07 28.30
C VAL A 244 1.32 55.46 28.45
N LEU A 245 0.92 55.73 29.68
CA LEU A 245 -0.42 56.27 29.97
C LEU A 245 -0.41 57.79 29.93
N SER A 246 -1.56 58.38 29.61
CA SER A 246 -1.69 59.83 29.55
C SER A 246 -2.12 60.45 30.88
N GLU A 247 -2.83 59.67 31.70
CA GLU A 247 -3.37 60.17 32.96
C GLU A 247 -2.30 60.65 33.95
N PRO A 248 -1.18 59.91 34.11
CA PRO A 248 -0.10 60.44 34.96
C PRO A 248 0.40 61.83 34.53
N LEU A 249 0.43 62.10 33.23
CA LEU A 249 0.86 63.40 32.73
C LEU A 249 -0.19 64.47 33.03
N ARG A 250 -1.45 64.13 32.78
CA ARG A 250 -2.54 65.08 32.97
C ARG A 250 -2.66 65.50 34.42
N ALA A 251 -2.21 64.63 35.33
CA ALA A 251 -2.25 64.93 36.76
C ALA A 251 -1.16 65.89 37.20
N LEU A 252 -0.17 66.12 36.35
CA LEU A 252 0.91 67.04 36.68
C LEU A 252 0.57 68.48 36.32
N PRO A 253 0.96 69.44 37.19
CA PRO A 253 0.72 70.86 36.92
C PRO A 253 1.62 71.40 35.79
N ASP A 254 1.30 72.59 35.29
CA ASP A 254 2.09 73.23 34.25
C ASP A 254 3.52 73.50 34.68
N GLY A 255 4.46 73.27 33.77
CA GLY A 255 5.87 73.53 34.04
C GLY A 255 6.53 72.64 35.07
N ALA A 256 5.87 71.52 35.40
CA ALA A 256 6.36 70.63 36.44
C ALA A 256 7.70 70.00 36.10
N LEU A 257 7.99 69.86 34.80
CA LEU A 257 9.21 69.21 34.37
C LEU A 257 10.33 70.18 33.96
N LYS A 258 10.06 71.47 34.08
CA LYS A 258 10.95 72.47 33.51
C LYS A 258 12.35 72.46 34.12
N ASP A 259 12.43 72.41 35.45
CA ASP A 259 13.69 72.59 36.15
C ASP A 259 14.34 71.28 36.63
N LEU A 260 13.94 70.15 36.07
CA LEU A 260 14.47 68.87 36.53
C LEU A 260 15.96 68.73 36.20
N ALA A 261 16.32 69.11 34.98
CA ALA A 261 17.68 69.00 34.49
C ALA A 261 17.90 70.05 33.41
N PRO A 262 19.16 70.29 33.00
CA PRO A 262 19.39 71.25 31.91
C PRO A 262 18.58 70.97 30.62
N ARG A 263 18.30 69.70 30.35
CA ARG A 263 17.41 69.30 29.26
C ARG A 263 16.47 68.19 29.71
N VAL A 264 15.19 68.32 29.35
CA VAL A 264 14.21 67.32 29.73
C VAL A 264 13.43 66.81 28.52
N PHE A 265 13.41 65.49 28.34
CA PHE A 265 12.74 64.88 27.20
C PHE A 265 11.56 64.02 27.65
N LEU A 266 10.53 63.97 26.81
CA LEU A 266 9.31 63.22 27.13
C LEU A 266 8.78 62.52 25.89
N GLY A 267 8.61 61.20 26.00
CA GLY A 267 8.09 60.39 24.92
C GLY A 267 7.23 59.24 25.40
N GLY A 268 6.73 58.45 24.45
CA GLY A 268 5.86 57.33 24.76
C GLY A 268 4.48 57.50 24.19
N GLN A 269 3.68 56.45 24.26
CA GLN A 269 2.31 56.48 23.73
C GLN A 269 1.43 57.49 24.44
N GLY A 270 1.67 57.67 25.73
CA GLY A 270 0.87 58.58 26.54
C GLY A 270 1.26 60.03 26.43
N ALA A 271 2.32 60.31 25.68
CA ALA A 271 2.83 61.67 25.55
C ALA A 271 2.54 62.25 24.17
N GLY A 272 2.40 63.57 24.11
CA GLY A 272 2.17 64.26 22.87
C GLY A 272 2.82 65.63 22.89
N PRO A 273 2.99 66.24 21.71
CA PRO A 273 3.66 67.54 21.57
C PRO A 273 2.98 68.66 22.34
N GLU A 274 1.65 68.67 22.34
CA GLU A 274 0.87 69.68 23.03
C GLU A 274 1.06 69.55 24.54
N GLU A 275 1.02 68.32 25.03
CA GLU A 275 1.16 68.05 26.46
C GLU A 275 2.58 68.29 26.96
N ALA A 276 3.56 68.00 26.11
CA ALA A 276 4.96 68.24 26.44
C ALA A 276 5.27 69.73 26.62
N ARG A 277 4.67 70.56 25.77
CA ARG A 277 4.87 72.00 25.83
C ARG A 277 4.33 72.57 27.14
N ARG A 278 3.18 72.05 27.57
CA ARG A 278 2.55 72.52 28.80
C ARG A 278 3.39 72.18 30.03
N LEU A 279 4.00 70.99 30.03
CA LEU A 279 4.79 70.54 31.17
C LEU A 279 6.20 71.09 31.16
N GLY A 280 6.60 71.72 30.04
CA GLY A 280 7.91 72.32 29.93
C GLY A 280 8.98 71.32 29.53
N ALA A 281 8.60 70.30 28.77
CA ALA A 281 9.54 69.29 28.30
C ALA A 281 9.59 69.26 26.78
N GLU A 282 10.68 68.72 26.22
CA GLU A 282 10.80 68.58 24.78
C GLU A 282 10.19 67.25 24.32
N TYR A 283 9.30 67.31 23.34
CA TYR A 283 8.66 66.11 22.81
C TYR A 283 9.59 65.38 21.83
N MET A 284 9.70 64.06 21.99
CA MET A 284 10.48 63.27 21.06
C MET A 284 9.61 62.16 20.49
N GLU A 285 9.56 62.05 19.16
CA GLU A 285 8.65 61.07 18.55
C GLU A 285 9.26 59.67 18.57
N ASP A 286 10.46 59.53 18.04
CA ASP A 286 11.15 58.23 17.92
C ASP A 286 12.38 58.08 18.83
N LEU A 287 12.67 56.86 19.22
CA LEU A 287 13.83 56.57 20.06
C LEU A 287 15.15 56.78 19.31
N LYS A 288 15.11 56.68 17.99
CA LYS A 288 16.33 56.84 17.19
C LYS A 288 16.88 58.25 17.20
N GLY A 289 16.00 59.25 17.11
CA GLY A 289 16.43 60.63 17.10
C GLY A 289 16.70 61.23 18.47
N LEU A 290 16.54 60.42 19.50
CA LEU A 290 16.74 60.88 20.88
C LEU A 290 18.20 61.06 21.26
N ALA A 291 19.02 60.10 20.88
CA ALA A 291 20.45 60.18 21.14
C ALA A 291 21.08 61.34 20.39
N GLU A 292 20.70 61.51 19.13
CA GLU A 292 21.23 62.58 18.30
C GLU A 292 20.81 63.96 18.82
N ALA A 293 19.61 64.03 19.38
CA ALA A 293 19.05 65.28 19.91
C ALA A 293 19.84 65.81 21.11
N LEU A 294 20.64 64.95 21.72
CA LEU A 294 21.35 65.31 22.94
C LEU A 294 22.65 66.08 22.66
N TRP A 295 22.99 66.23 21.39
CA TRP A 295 24.24 66.89 21.03
C TRP A 295 24.04 68.19 20.24
N LEU A 296 23.17 68.15 19.22
CA LEU A 296 23.06 69.25 18.28
C LEU A 296 22.57 70.58 18.90
N PRO A 297 21.46 70.55 19.67
CA PRO A 297 21.08 71.83 20.28
C PRO A 297 22.05 72.26 21.38
N GLY B 25 33.47 36.02 81.90
CA GLY B 25 33.95 35.35 83.10
C GLY B 25 34.92 34.22 82.78
N VAL B 26 36.05 34.22 83.48
CA VAL B 26 37.05 33.17 83.28
C VAL B 26 36.80 31.99 84.20
N TYR B 27 37.23 30.80 83.76
CA TYR B 27 37.04 29.58 84.54
C TYR B 27 38.34 28.78 84.61
N THR B 28 38.43 27.87 85.58
CA THR B 28 39.61 27.05 85.75
C THR B 28 39.68 25.92 84.73
N ILE B 29 40.70 25.09 84.83
CA ILE B 29 40.86 23.97 83.91
C ILE B 29 39.93 22.82 84.28
N ALA B 30 39.37 22.88 85.49
CA ALA B 30 38.44 21.86 85.97
C ALA B 30 37.01 22.34 85.88
N GLU B 31 36.82 23.66 85.86
CA GLU B 31 35.50 24.26 85.77
C GLU B 31 34.90 24.04 84.37
N VAL B 32 35.73 24.19 83.34
CA VAL B 32 35.30 23.97 81.98
C VAL B 32 35.12 22.48 81.70
N GLU B 33 35.79 21.66 82.51
CA GLU B 33 35.71 20.21 82.37
C GLU B 33 34.33 19.68 82.74
N ALA B 34 33.60 20.44 83.57
CA ALA B 34 32.27 20.04 84.01
C ALA B 34 31.18 20.73 83.21
N MET B 35 31.51 21.88 82.62
CA MET B 35 30.55 22.65 81.85
C MET B 35 30.50 22.21 80.39
N THR B 36 31.41 21.32 80.01
CA THR B 36 31.47 20.81 78.65
C THR B 36 31.40 19.29 78.61
N GLY B 37 32.15 18.64 79.50
CA GLY B 37 32.18 17.19 79.55
C GLY B 37 33.55 16.64 79.21
N LEU B 38 34.28 17.36 78.37
CA LEU B 38 35.62 16.95 77.96
C LEU B 38 36.61 17.12 79.12
N SER B 39 37.47 16.13 79.30
CA SER B 39 38.45 16.16 80.38
C SER B 39 39.52 17.21 80.15
N ALA B 40 40.28 17.52 81.20
CA ALA B 40 41.33 18.53 81.13
C ALA B 40 42.56 17.99 80.40
N GLU B 41 42.63 16.67 80.27
CA GLU B 41 43.75 16.03 79.59
C GLU B 41 43.63 16.17 78.08
N VAL B 42 42.44 16.53 77.61
CA VAL B 42 42.18 16.69 76.18
C VAL B 42 42.27 18.16 75.78
N LEU B 43 41.89 19.04 76.70
CA LEU B 43 41.91 20.48 76.44
C LEU B 43 43.33 21.02 76.27
N ARG B 44 44.28 20.33 76.90
CA ARG B 44 45.68 20.73 76.81
C ARG B 44 46.31 20.28 75.50
N GLN B 45 45.79 19.19 74.94
CA GLN B 45 46.29 18.67 73.68
C GLN B 45 45.72 19.44 72.50
N TRP B 46 44.44 19.81 72.61
CA TRP B 46 43.80 20.62 71.58
C TRP B 46 44.49 21.97 71.44
N GLU B 47 45.11 22.42 72.52
CA GLU B 47 45.87 23.65 72.51
C GLU B 47 47.26 23.44 71.92
N ARG B 48 47.80 22.23 72.10
CA ARG B 48 49.15 21.91 71.65
C ARG B 48 49.15 21.18 70.31
N ARG B 49 48.02 21.19 69.62
CA ARG B 49 47.92 20.54 68.31
C ARG B 49 47.23 21.44 67.28
N TYR B 50 46.08 21.99 67.67
CA TYR B 50 45.28 22.79 66.74
C TYR B 50 45.43 24.28 67.03
N GLY B 51 45.48 24.63 68.31
CA GLY B 51 45.63 26.02 68.72
C GLY B 51 44.40 26.57 69.39
N PHE B 52 43.47 25.69 69.75
CA PHE B 52 42.24 26.10 70.40
C PHE B 52 41.84 25.10 71.50
N PRO B 53 41.49 25.62 72.69
CA PRO B 53 41.48 27.04 73.03
C PRO B 53 42.85 27.55 73.47
N LYS B 54 43.00 28.87 73.56
CA LYS B 54 44.25 29.48 74.01
C LYS B 54 44.00 30.37 75.23
N PRO B 55 43.90 29.77 76.41
CA PRO B 55 43.61 30.49 77.66
C PRO B 55 44.80 31.28 78.18
N ARG B 56 44.53 32.30 78.99
CA ARG B 56 45.58 33.11 79.59
C ARG B 56 46.28 32.33 80.70
N ARG B 57 47.60 32.49 80.79
CA ARG B 57 48.39 31.74 81.76
C ARG B 57 48.87 32.62 82.91
N THR B 58 48.69 32.12 84.13
CA THR B 58 49.20 32.77 85.33
C THR B 58 50.72 32.65 85.38
N PRO B 59 51.39 33.47 86.21
CA PRO B 59 52.84 33.36 86.38
C PRO B 59 53.32 31.93 86.67
N GLY B 60 52.51 31.16 87.39
CA GLY B 60 52.84 29.77 87.65
C GLY B 60 52.68 28.91 86.42
N GLY B 61 51.58 29.10 85.70
CA GLY B 61 51.33 28.36 84.48
C GLY B 61 49.90 27.87 84.37
N HIS B 62 49.08 28.23 85.36
CA HIS B 62 47.68 27.81 85.39
C HIS B 62 46.88 28.43 84.24
N ARG B 63 45.96 27.64 83.68
CA ARG B 63 45.20 28.06 82.52
C ARG B 63 43.82 28.62 82.88
N LEU B 64 43.53 29.82 82.42
CA LEU B 64 42.25 30.45 82.69
C LEU B 64 41.44 30.62 81.40
N TYR B 65 40.48 29.73 81.19
CA TYR B 65 39.66 29.76 79.99
C TYR B 65 38.57 30.83 80.07
N SER B 66 38.44 31.62 79.01
CA SER B 66 37.44 32.68 78.96
C SER B 66 36.03 32.12 78.76
N ALA B 67 35.04 32.99 78.88
CA ALA B 67 33.64 32.57 78.73
C ALA B 67 33.28 32.33 77.28
N GLU B 68 34.04 32.95 76.37
CA GLU B 68 33.81 32.79 74.94
C GLU B 68 34.29 31.42 74.46
N ASP B 69 35.12 30.78 75.27
CA ASP B 69 35.67 29.48 74.94
C ASP B 69 34.80 28.36 75.51
N VAL B 70 34.13 28.62 76.63
CA VAL B 70 33.27 27.65 77.27
C VAL B 70 32.06 27.34 76.40
N GLU B 71 31.45 28.39 75.85
CA GLU B 71 30.31 28.23 74.96
C GLU B 71 30.74 27.67 73.61
N ALA B 72 32.01 27.86 73.29
CA ALA B 72 32.57 27.36 72.04
C ALA B 72 32.86 25.86 72.13
N LEU B 73 33.40 25.43 73.27
CA LEU B 73 33.69 24.02 73.49
C LEU B 73 32.41 23.22 73.63
N LYS B 74 31.34 23.88 74.07
CA LYS B 74 30.04 23.24 74.20
C LYS B 74 29.43 22.99 72.82
N THR B 75 29.85 23.80 71.84
CA THR B 75 29.37 23.66 70.48
C THR B 75 30.07 22.51 69.76
N ILE B 76 31.39 22.42 69.97
CA ILE B 76 32.19 21.36 69.35
C ILE B 76 31.78 20.00 69.92
N LYS B 77 31.48 19.97 71.21
CA LYS B 77 31.04 18.74 71.87
C LYS B 77 29.75 18.20 71.26
N ARG B 78 28.91 19.13 70.78
CA ARG B 78 27.67 18.75 70.11
C ARG B 78 27.94 18.28 68.69
N TRP B 79 28.98 18.83 68.07
CA TRP B 79 29.38 18.45 66.72
C TRP B 79 30.14 17.12 66.73
N LEU B 80 30.99 16.94 67.75
CA LEU B 80 31.79 15.73 67.87
C LEU B 80 30.89 14.52 68.16
N GLU B 81 29.79 14.75 68.85
CA GLU B 81 28.84 13.68 69.15
C GLU B 81 27.96 13.40 67.93
N GLU B 82 27.83 14.40 67.06
CA GLU B 82 27.05 14.25 65.83
C GLU B 82 27.80 13.41 64.80
N GLY B 83 29.11 13.23 65.04
CA GLY B 83 29.93 12.43 64.16
C GLY B 83 30.99 13.25 63.43
N ALA B 84 31.76 14.02 64.18
CA ALA B 84 32.80 14.86 63.61
C ALA B 84 34.16 14.61 64.25
N THR B 85 35.20 15.21 63.67
CA THR B 85 36.55 15.07 64.19
C THR B 85 37.08 16.42 64.68
N PRO B 86 37.85 16.41 65.78
CA PRO B 86 38.41 17.61 66.41
C PRO B 86 39.14 18.54 65.43
N LYS B 87 39.94 17.98 64.53
CA LYS B 87 40.69 18.78 63.57
C LYS B 87 39.74 19.51 62.61
N ALA B 88 38.65 18.84 62.25
CA ALA B 88 37.67 19.44 61.35
C ALA B 88 36.66 20.30 62.10
N ALA B 89 36.29 19.86 63.30
CA ALA B 89 35.31 20.56 64.11
C ALA B 89 35.82 21.94 64.55
N ILE B 90 37.10 22.00 64.90
CA ILE B 90 37.72 23.26 65.30
C ILE B 90 37.91 24.17 64.09
N ARG B 91 38.36 23.59 62.98
CA ARG B 91 38.56 24.35 61.75
C ARG B 91 37.24 24.89 61.22
N ARG B 92 36.18 24.11 61.38
CA ARG B 92 34.84 24.51 60.94
C ARG B 92 34.33 25.67 61.80
N TYR B 93 34.68 25.66 63.08
CA TYR B 93 34.26 26.70 64.01
C TYR B 93 35.05 27.98 63.78
N LEU B 94 36.14 27.89 63.02
CA LEU B 94 36.95 29.05 62.68
C LEU B 94 36.33 29.85 61.53
N ALA B 95 35.08 29.54 61.21
CA ALA B 95 34.34 30.29 60.21
C ALA B 95 33.67 31.51 60.86
N GLN B 96 34.14 31.86 62.05
CA GLN B 96 33.60 32.99 62.78
C GLN B 96 34.08 34.31 62.18
N GLU B 97 35.21 34.25 61.47
CA GLU B 97 35.75 35.42 60.80
C GLU B 97 34.82 35.87 59.68
N VAL B 98 34.26 37.07 59.83
CA VAL B 98 33.28 37.58 58.88
C VAL B 98 33.90 37.89 57.53
N ARG B 99 33.06 37.85 56.49
CA ARG B 99 33.47 38.12 55.12
C ARG B 99 33.91 39.58 54.94
N PRO B 100 34.62 39.89 53.84
CA PRO B 100 34.95 41.27 53.48
C PRO B 100 33.75 42.21 53.61
N GLU B 101 33.68 42.84 54.78
CA GLU B 101 32.54 43.64 55.20
C GLU B 101 32.50 45.03 54.55
N ASP B 102 33.61 45.40 53.91
CA ASP B 102 33.69 46.70 53.26
C ASP B 102 33.01 46.70 51.90
N LEU B 103 32.65 45.50 51.42
CA LEU B 103 32.00 45.37 50.12
C LEU B 103 30.58 45.92 50.16
N GLY B 104 29.88 45.71 51.27
CA GLY B 104 28.53 46.24 51.42
C GLY B 104 28.56 47.75 51.40
N THR B 105 29.44 48.33 52.22
CA THR B 105 29.61 49.77 52.29
C THR B 105 30.04 50.33 50.93
N GLY B 106 31.06 49.71 50.35
CA GLY B 106 31.59 50.11 49.07
C GLY B 106 30.62 50.06 47.90
N LEU B 107 29.83 49.00 47.84
CA LEU B 107 28.83 48.84 46.78
C LEU B 107 27.79 49.95 46.81
N LEU B 108 27.27 50.23 48.00
CA LEU B 108 26.29 51.30 48.20
C LEU B 108 26.87 52.65 47.80
N GLU B 109 28.10 52.93 48.24
CA GLU B 109 28.75 54.21 47.92
C GLU B 109 28.95 54.35 46.42
N ALA B 110 29.29 53.25 45.76
CA ALA B 110 29.50 53.23 44.32
C ALA B 110 28.19 53.55 43.59
N LEU B 111 27.10 52.96 44.06
CA LEU B 111 25.79 53.19 43.47
C LEU B 111 25.32 54.63 43.69
N LEU B 112 25.55 55.15 44.89
CA LEU B 112 25.13 56.50 45.25
C LEU B 112 25.83 57.58 44.44
N ARG B 113 26.98 57.23 43.85
CA ARG B 113 27.69 58.22 43.03
C ARG B 113 27.50 57.92 41.55
N GLY B 114 26.61 56.98 41.25
CA GLY B 114 26.23 56.67 39.89
C GLY B 114 27.28 55.92 39.11
N ASP B 115 28.13 55.17 39.80
CA ASP B 115 29.17 54.40 39.14
C ASP B 115 28.74 52.96 38.94
N LEU B 116 27.96 52.72 37.89
CA LEU B 116 27.44 51.38 37.60
C LEU B 116 28.54 50.39 37.28
N ALA B 117 29.54 50.85 36.53
CA ALA B 117 30.68 50.01 36.16
C ALA B 117 31.41 49.52 37.40
N GLY B 118 31.69 50.45 38.31
CA GLY B 118 32.37 50.13 39.56
C GLY B 118 31.55 49.21 40.44
N ALA B 119 30.24 49.45 40.49
CA ALA B 119 29.33 48.62 41.28
C ALA B 119 29.23 47.20 40.74
N GLU B 120 29.11 47.07 39.42
CA GLU B 120 29.09 45.77 38.76
C GLU B 120 30.35 44.97 39.10
N ALA B 121 31.50 45.64 39.03
CA ALA B 121 32.78 45.01 39.31
C ALA B 121 32.88 44.54 40.77
N LEU B 122 32.34 45.34 41.68
CA LEU B 122 32.36 45.03 43.10
C LEU B 122 31.47 43.82 43.39
N PHE B 123 30.36 43.73 42.68
CA PHE B 123 29.42 42.62 42.85
C PHE B 123 30.03 41.33 42.34
N ARG B 124 30.81 41.40 41.25
CA ARG B 124 31.44 40.21 40.70
C ARG B 124 32.49 39.64 41.64
N ARG B 125 33.17 40.51 42.39
CA ARG B 125 34.12 40.04 43.37
C ARG B 125 33.44 39.33 44.54
N GLY B 126 32.29 39.86 44.95
CA GLY B 126 31.50 39.23 45.99
C GLY B 126 30.95 37.87 45.60
N LEU B 127 30.55 37.77 44.34
CA LEU B 127 30.04 36.51 43.81
C LEU B 127 31.06 35.38 43.70
N ARG B 128 32.29 35.68 43.28
CA ARG B 128 33.32 34.62 43.15
C ARG B 128 33.82 34.08 44.48
N PHE B 129 33.83 34.92 45.50
CA PHE B 129 34.39 34.57 46.79
C PHE B 129 33.39 33.78 47.63
N TRP B 130 32.17 34.27 47.77
CA TRP B 130 31.21 33.61 48.65
C TRP B 130 30.31 32.69 47.85
N GLY B 131 30.37 32.80 46.53
CA GLY B 131 29.50 32.06 45.64
C GLY B 131 28.10 32.65 45.48
N PRO B 132 27.27 31.98 44.67
CA PRO B 132 25.92 32.43 44.29
C PRO B 132 24.98 32.69 45.45
N GLU B 133 24.69 31.66 46.24
CA GLU B 133 23.82 31.81 47.39
C GLU B 133 24.42 32.79 48.42
N GLY B 134 25.73 32.67 48.63
CA GLY B 134 26.43 33.46 49.63
C GLY B 134 26.39 34.97 49.39
N VAL B 135 26.52 35.37 48.14
CA VAL B 135 26.53 36.78 47.77
C VAL B 135 25.18 37.44 47.95
N LEU B 136 24.12 36.63 47.88
CA LEU B 136 22.77 37.12 48.11
C LEU B 136 22.57 37.48 49.58
N GLU B 137 22.96 36.57 50.48
CA GLU B 137 22.76 36.77 51.92
C GLU B 137 23.64 37.86 52.54
N HIS B 138 24.91 37.91 52.14
CA HIS B 138 25.91 38.78 52.74
C HIS B 138 26.09 40.13 52.06
N LEU B 139 25.64 40.23 50.82
CA LEU B 139 25.83 41.43 50.00
C LEU B 139 24.52 42.00 49.51
N LEU B 140 23.77 41.22 48.75
CA LEU B 140 22.55 41.70 48.13
C LEU B 140 21.52 42.12 49.19
N LEU B 141 21.27 41.24 50.15
CA LEU B 141 20.29 41.51 51.21
C LEU B 141 20.65 42.65 52.19
N PRO B 142 21.90 42.66 52.73
CA PRO B 142 22.24 43.74 53.66
C PRO B 142 22.16 45.13 53.02
N VAL B 143 22.59 45.25 51.76
CA VAL B 143 22.56 46.53 51.08
C VAL B 143 21.13 47.03 50.90
N LEU B 144 20.24 46.14 50.47
CA LEU B 144 18.83 46.48 50.28
C LEU B 144 18.16 46.95 51.57
N ARG B 145 18.51 46.33 52.69
CA ARG B 145 17.93 46.71 53.97
C ARG B 145 18.45 48.07 54.41
N GLU B 146 19.74 48.31 54.21
CA GLU B 146 20.35 49.58 54.59
C GLU B 146 19.82 50.71 53.74
N VAL B 147 19.61 50.44 52.44
CA VAL B 147 19.03 51.43 51.54
C VAL B 147 17.67 51.91 52.02
N GLY B 148 16.83 50.98 52.46
CA GLY B 148 15.52 51.34 53.00
C GLY B 148 15.62 52.14 54.28
N GLU B 149 16.54 51.74 55.16
CA GLU B 149 16.78 52.46 56.41
C GLU B 149 17.34 53.86 56.15
N ALA B 150 18.27 53.96 55.21
CA ALA B 150 18.91 55.22 54.87
C ALA B 150 17.87 56.19 54.35
N TRP B 151 16.95 55.67 53.53
CA TRP B 151 15.85 56.46 53.00
C TRP B 151 14.95 56.90 54.14
N HIS B 152 14.68 55.96 55.04
CA HIS B 152 13.81 56.21 56.19
C HIS B 152 14.38 57.29 57.11
N ARG B 153 15.70 57.34 57.22
CA ARG B 153 16.35 58.34 58.06
C ARG B 153 16.48 59.66 57.33
N GLY B 154 16.20 59.66 56.04
CA GLY B 154 16.28 60.86 55.24
C GLY B 154 17.65 61.14 54.66
N GLU B 155 18.54 60.16 54.73
CA GLU B 155 19.90 60.33 54.23
C GLU B 155 19.94 60.28 52.70
N ILE B 156 19.04 59.50 52.11
CA ILE B 156 18.91 59.44 50.65
C ILE B 156 17.47 59.64 50.22
N GLY B 157 17.27 60.05 48.97
CA GLY B 157 15.92 60.24 48.46
C GLY B 157 15.42 58.99 47.76
N VAL B 158 14.22 59.07 47.20
CA VAL B 158 13.61 57.93 46.53
C VAL B 158 14.35 57.59 45.25
N ALA B 159 14.81 58.61 44.54
CA ALA B 159 15.49 58.43 43.26
C ALA B 159 16.79 57.64 43.43
N GLU B 160 17.52 57.92 44.52
CA GLU B 160 18.72 57.17 44.87
C GLU B 160 18.42 55.69 45.10
N GLU B 161 17.38 55.42 45.89
CA GLU B 161 16.95 54.07 46.17
C GLU B 161 16.60 53.31 44.89
N HIS B 162 15.81 53.96 44.03
CA HIS B 162 15.41 53.40 42.74
C HIS B 162 16.61 52.88 41.94
N LEU B 163 17.64 53.70 41.83
CA LEU B 163 18.84 53.34 41.07
C LEU B 163 19.48 52.06 41.64
N ALA B 164 19.68 52.05 42.95
CA ALA B 164 20.27 50.90 43.65
C ALA B 164 19.40 49.64 43.52
N SER B 165 18.10 49.79 43.71
CA SER B 165 17.19 48.65 43.68
C SER B 165 17.11 48.03 42.28
N THR B 166 17.07 48.87 41.25
CA THR B 166 17.01 48.41 39.88
C THR B 166 18.28 47.66 39.48
N PHE B 167 19.42 48.15 39.95
CA PHE B 167 20.71 47.51 39.71
C PHE B 167 20.77 46.12 40.32
N LEU B 168 20.43 46.02 41.61
CA LEU B 168 20.55 44.76 42.33
C LEU B 168 19.55 43.73 41.81
N ARG B 169 18.41 44.22 41.32
CA ARG B 169 17.42 43.36 40.70
C ARG B 169 17.91 42.74 39.42
N ALA B 170 18.64 43.55 38.65
CA ALA B 170 19.26 43.10 37.41
C ALA B 170 20.27 41.99 37.65
N ARG B 171 21.07 42.13 38.69
CA ARG B 171 22.08 41.14 39.01
C ARG B 171 21.41 39.81 39.38
N LEU B 172 20.38 39.89 40.21
CA LEU B 172 19.67 38.70 40.67
C LEU B 172 18.98 37.98 39.52
N GLN B 173 18.44 38.75 38.58
CA GLN B 173 17.77 38.19 37.41
C GLN B 173 18.79 37.45 36.55
N GLU B 174 20.02 37.95 36.54
CA GLU B 174 21.11 37.33 35.81
C GLU B 174 21.43 35.95 36.38
N LEU B 175 21.53 35.86 37.71
CA LEU B 175 21.74 34.58 38.38
C LEU B 175 20.59 33.62 38.15
N LEU B 176 19.38 34.16 38.14
CA LEU B 176 18.17 33.39 37.88
C LEU B 176 18.22 32.69 36.53
N ASP B 177 18.63 33.45 35.52
CA ASP B 177 18.75 32.92 34.16
C ASP B 177 19.93 31.96 34.06
N LEU B 178 20.96 32.18 34.88
CA LEU B 178 22.12 31.30 34.89
C LEU B 178 21.79 29.91 35.45
N ALA B 179 20.81 29.84 36.35
CA ALA B 179 20.42 28.57 36.94
C ALA B 179 19.70 27.75 35.88
N GLY B 180 19.65 26.43 36.04
CA GLY B 180 18.97 25.67 35.01
C GLY B 180 17.46 25.75 35.17
N PHE B 181 16.75 25.37 34.11
CA PHE B 181 15.30 25.34 34.14
C PHE B 181 14.87 23.97 33.63
N PRO B 182 14.68 23.02 34.54
CA PRO B 182 14.23 21.64 34.29
C PRO B 182 12.81 21.49 33.77
N PRO B 183 12.56 20.47 32.96
CA PRO B 183 11.20 20.23 32.47
C PRO B 183 10.34 19.66 33.61
N GLY B 184 9.04 19.56 33.39
CA GLY B 184 8.14 19.06 34.40
C GLY B 184 7.12 20.09 34.80
N PRO B 185 6.23 19.73 35.74
CA PRO B 185 5.22 20.64 36.29
C PRO B 185 5.83 21.83 37.03
N PRO B 186 5.58 23.05 36.54
CA PRO B 186 6.20 24.29 37.02
C PRO B 186 5.71 24.69 38.41
N VAL B 187 6.53 25.45 39.13
CA VAL B 187 6.09 26.10 40.36
C VAL B 187 5.97 27.61 40.15
N LEU B 188 4.76 28.15 40.29
CA LEU B 188 4.54 29.57 40.02
C LEU B 188 4.94 30.42 41.23
N VAL B 189 5.76 31.44 41.00
CA VAL B 189 6.22 32.30 42.07
C VAL B 189 5.88 33.76 41.81
N THR B 190 5.21 34.40 42.76
CA THR B 190 4.83 35.80 42.63
C THR B 190 4.58 36.41 44.00
N THR B 191 3.88 37.54 44.03
CA THR B 191 3.52 38.19 45.28
C THR B 191 2.01 38.45 45.31
N PRO B 192 1.42 38.57 46.52
CA PRO B 192 -0.01 38.87 46.62
C PRO B 192 -0.36 40.21 45.98
N PRO B 193 -1.63 40.40 45.58
CA PRO B 193 -2.10 41.67 45.02
C PRO B 193 -1.84 42.84 45.97
N GLY B 194 -1.32 43.94 45.45
CA GLY B 194 -1.01 45.10 46.26
C GLY B 194 0.43 45.12 46.74
N GLU B 195 1.09 43.99 46.61
CA GLU B 195 2.48 43.87 47.04
C GLU B 195 3.43 44.14 45.86
N ARG B 196 4.20 45.23 45.93
CA ARG B 196 5.07 45.60 44.81
C ARG B 196 6.53 45.22 45.00
N HIS B 197 6.88 44.78 46.20
CA HIS B 197 8.24 44.31 46.43
C HIS B 197 8.41 42.92 45.83
N GLU B 198 9.26 42.82 44.82
CA GLU B 198 9.35 41.61 44.01
C GLU B 198 10.65 40.85 44.23
N ILE B 199 11.58 41.45 44.96
CA ILE B 199 12.92 40.88 45.10
C ILE B 199 12.85 39.65 46.00
N GLY B 200 11.92 39.68 46.96
CA GLY B 200 11.65 38.55 47.81
C GLY B 200 11.19 37.32 47.04
N ALA B 201 10.30 37.54 46.08
CA ALA B 201 9.81 36.49 45.20
C ALA B 201 10.91 35.91 44.33
N MET B 202 11.77 36.78 43.79
CA MET B 202 12.89 36.35 42.97
C MET B 202 13.84 35.44 43.74
N LEU B 203 14.13 35.81 44.99
CA LEU B 203 15.00 35.01 45.83
C LEU B 203 14.46 33.60 46.05
N ALA B 204 13.14 33.51 46.27
CA ALA B 204 12.50 32.22 46.45
C ALA B 204 12.59 31.38 45.20
N ALA B 205 12.32 32.01 44.05
CA ALA B 205 12.39 31.32 42.78
C ALA B 205 13.81 30.86 42.44
N TYR B 206 14.80 31.64 42.86
CA TYR B 206 16.20 31.32 42.58
C TYR B 206 16.63 30.06 43.36
N HIS B 207 16.28 30.00 44.63
CA HIS B 207 16.66 28.88 45.49
C HIS B 207 15.96 27.61 45.04
N LEU B 208 14.76 27.74 44.50
CA LEU B 208 14.04 26.61 43.95
C LEU B 208 14.75 26.05 42.71
N ARG B 209 15.19 26.94 41.83
CA ARG B 209 15.84 26.54 40.60
C ARG B 209 17.18 25.87 40.89
N ARG B 210 17.88 26.37 41.91
CA ARG B 210 19.15 25.82 42.35
C ARG B 210 19.01 24.39 42.87
N LYS B 211 17.79 24.02 43.24
CA LYS B 211 17.50 22.67 43.72
C LYS B 211 16.79 21.83 42.66
N GLY B 212 16.78 22.32 41.43
CA GLY B 212 16.20 21.57 40.33
C GLY B 212 14.70 21.70 40.17
N VAL B 213 14.10 22.67 40.84
CA VAL B 213 12.67 22.91 40.70
C VAL B 213 12.37 23.96 39.62
N PRO B 214 11.48 23.63 38.67
CA PRO B 214 11.14 24.52 37.57
C PRO B 214 10.28 25.70 38.04
N ALA B 215 10.88 26.62 38.78
CA ALA B 215 10.14 27.77 39.32
C ALA B 215 9.91 28.83 38.26
N LEU B 216 8.65 29.02 37.90
CA LEU B 216 8.28 30.07 36.96
C LEU B 216 8.04 31.38 37.72
N TYR B 217 8.92 32.35 37.56
CA TYR B 217 8.75 33.65 38.21
C TYR B 217 7.86 34.55 37.37
N LEU B 218 6.73 34.96 37.93
CA LEU B 218 5.73 35.71 37.18
C LEU B 218 5.96 37.23 37.25
N GLY B 219 6.68 37.68 38.26
CA GLY B 219 6.67 39.09 38.61
C GLY B 219 5.74 39.34 39.77
N PRO B 220 5.67 40.59 40.25
CA PRO B 220 4.87 40.89 41.43
C PRO B 220 3.41 41.15 41.10
N ASP B 221 2.57 41.19 42.15
CA ASP B 221 1.23 41.77 42.08
C ASP B 221 0.32 41.02 41.10
N THR B 222 0.02 39.77 41.42
CA THR B 222 -0.84 38.94 40.59
C THR B 222 -2.22 38.70 41.23
N PRO B 223 -3.30 39.04 40.51
CA PRO B 223 -4.67 38.75 40.97
C PRO B 223 -4.90 37.26 41.22
N LEU B 224 -5.58 36.93 42.32
CA LEU B 224 -5.78 35.55 42.73
C LEU B 224 -6.57 34.67 41.75
N PRO B 225 -7.67 35.19 41.16
CA PRO B 225 -8.38 34.34 40.19
C PRO B 225 -7.55 33.97 38.97
N ASP B 226 -6.78 34.93 38.47
CA ASP B 226 -5.90 34.71 37.32
C ASP B 226 -4.79 33.73 37.67
N LEU B 227 -4.26 33.86 38.88
CA LEU B 227 -3.21 32.96 39.36
C LEU B 227 -3.72 31.52 39.44
N ARG B 228 -4.93 31.35 39.95
CA ARG B 228 -5.54 30.03 40.06
C ARG B 228 -5.77 29.42 38.69
N ALA B 229 -6.24 30.24 37.76
CA ALA B 229 -6.51 29.80 36.39
C ALA B 229 -5.24 29.36 35.68
N LEU B 230 -4.15 30.08 35.89
CA LEU B 230 -2.88 29.74 35.27
C LEU B 230 -2.31 28.46 35.86
N ALA B 231 -2.35 28.36 37.19
CA ALA B 231 -1.88 27.16 37.88
C ALA B 231 -2.60 25.91 37.41
N ARG B 232 -3.91 26.04 37.20
CA ARG B 232 -4.71 24.92 36.70
C ARG B 232 -4.32 24.52 35.29
N ARG B 233 -4.17 25.51 34.41
CA ARG B 233 -3.90 25.22 33.00
C ARG B 233 -2.51 24.66 32.76
N LEU B 234 -1.52 25.12 33.53
CA LEU B 234 -0.16 24.64 33.40
C LEU B 234 0.10 23.40 34.24
N GLY B 235 -0.89 23.00 35.03
CA GLY B 235 -0.75 21.88 35.94
C GLY B 235 0.38 22.11 36.94
N ALA B 236 0.44 23.33 37.45
CA ALA B 236 1.48 23.72 38.41
C ALA B 236 1.34 22.92 39.70
N GLY B 237 2.46 22.41 40.20
CA GLY B 237 2.46 21.64 41.43
C GLY B 237 2.29 22.49 42.69
N ALA B 238 2.73 23.74 42.63
CA ALA B 238 2.67 24.62 43.78
C ALA B 238 2.69 26.09 43.40
N VAL B 239 2.21 26.92 44.31
CA VAL B 239 2.32 28.38 44.18
C VAL B 239 3.07 28.94 45.37
N VAL B 240 4.02 29.83 45.11
CA VAL B 240 4.78 30.45 46.19
C VAL B 240 4.60 31.97 46.19
N LEU B 241 4.24 32.51 47.36
CA LEU B 241 4.00 33.95 47.48
C LEU B 241 4.96 34.59 48.46
N SER B 242 5.55 35.72 48.04
CA SER B 242 6.39 36.50 48.94
C SER B 242 5.64 37.75 49.40
N ALA B 243 5.49 37.90 50.71
CA ALA B 243 4.86 39.08 51.27
C ALA B 243 5.82 39.88 52.15
N VAL B 244 6.15 41.08 51.69
CA VAL B 244 7.04 41.96 52.44
C VAL B 244 6.24 42.86 53.37
N LEU B 245 5.15 43.41 52.85
CA LEU B 245 4.23 44.18 53.68
C LEU B 245 3.12 43.28 54.22
N SER B 246 2.55 43.65 55.36
CA SER B 246 1.50 42.85 55.97
C SER B 246 0.11 43.28 55.55
N GLU B 247 -0.02 44.55 55.16
CA GLU B 247 -1.33 45.11 54.78
C GLU B 247 -2.00 44.40 53.58
N PRO B 248 -1.22 44.01 52.54
CA PRO B 248 -1.85 43.24 51.46
C PRO B 248 -2.43 41.90 51.90
N LEU B 249 -1.83 41.28 52.91
CA LEU B 249 -2.34 40.02 53.44
C LEU B 249 -3.59 40.25 54.27
N ARG B 250 -3.56 41.27 55.12
CA ARG B 250 -4.71 41.58 55.97
C ARG B 250 -5.95 41.95 55.16
N ALA B 251 -5.74 42.39 53.93
CA ALA B 251 -6.83 42.80 53.05
C ALA B 251 -7.53 41.59 52.44
N LEU B 252 -6.87 40.44 52.49
CA LEU B 252 -7.42 39.22 51.89
C LEU B 252 -8.36 38.52 52.88
N PRO B 253 -9.47 37.96 52.36
CA PRO B 253 -10.39 37.19 53.19
C PRO B 253 -9.84 35.82 53.58
N ASP B 254 -10.45 35.21 54.60
CA ASP B 254 -10.07 33.88 55.05
C ASP B 254 -10.12 32.82 53.95
N GLY B 255 -9.13 31.94 53.91
CA GLY B 255 -9.11 30.87 52.94
C GLY B 255 -8.86 31.27 51.50
N ALA B 256 -8.50 32.54 51.29
CA ALA B 256 -8.30 33.06 49.95
C ALA B 256 -7.24 32.32 49.13
N LEU B 257 -6.25 31.77 49.81
CA LEU B 257 -5.14 31.10 49.13
C LEU B 257 -5.30 29.58 49.04
N LYS B 258 -6.38 29.05 49.61
CA LYS B 258 -6.51 27.60 49.80
C LYS B 258 -6.47 26.81 48.48
N ASP B 259 -7.19 27.28 47.47
CA ASP B 259 -7.38 26.47 46.28
C ASP B 259 -6.57 26.93 45.08
N LEU B 260 -5.52 27.70 45.32
CA LEU B 260 -4.69 28.23 44.24
C LEU B 260 -3.96 27.12 43.49
N ALA B 261 -3.42 26.18 44.25
CA ALA B 261 -2.65 25.07 43.70
C ALA B 261 -2.64 23.93 44.71
N PRO B 262 -2.22 22.72 44.29
CA PRO B 262 -2.13 21.61 45.25
C PRO B 262 -1.40 21.95 46.54
N ARG B 263 -0.34 22.75 46.45
CA ARG B 263 0.31 23.27 47.64
C ARG B 263 0.56 24.78 47.54
N VAL B 264 0.38 25.50 48.64
CA VAL B 264 0.54 26.95 48.64
C VAL B 264 1.44 27.40 49.79
N PHE B 265 2.53 28.09 49.44
CA PHE B 265 3.49 28.54 50.45
C PHE B 265 3.51 30.06 50.57
N LEU B 266 3.67 30.56 51.80
CA LEU B 266 3.72 31.98 52.06
C LEU B 266 4.88 32.34 52.98
N GLY B 267 5.63 33.37 52.62
CA GLY B 267 6.75 33.81 53.43
C GLY B 267 7.09 35.27 53.19
N GLY B 268 8.13 35.75 53.87
CA GLY B 268 8.51 37.15 53.79
C GLY B 268 8.34 37.84 55.12
N GLN B 269 8.78 39.10 55.20
CA GLN B 269 8.72 39.88 56.42
C GLN B 269 7.27 40.18 56.83
N GLY B 270 6.41 40.35 55.83
CA GLY B 270 5.03 40.69 56.07
C GLY B 270 4.15 39.50 56.45
N ALA B 271 4.73 38.30 56.40
CA ALA B 271 3.95 37.09 56.66
C ALA B 271 4.30 36.45 57.99
N GLY B 272 3.31 35.85 58.62
CA GLY B 272 3.50 35.11 59.87
C GLY B 272 2.72 33.82 59.90
N PRO B 273 3.05 32.93 60.84
CA PRO B 273 2.39 31.62 60.97
C PRO B 273 0.90 31.74 61.23
N GLU B 274 0.51 32.67 62.11
CA GLU B 274 -0.90 32.88 62.41
C GLU B 274 -1.68 33.36 61.20
N GLU B 275 -1.11 34.33 60.48
CA GLU B 275 -1.72 34.90 59.29
C GLU B 275 -1.83 33.88 58.15
N ALA B 276 -0.80 33.04 58.02
CA ALA B 276 -0.78 31.98 57.01
C ALA B 276 -1.88 30.96 57.22
N ARG B 277 -2.11 30.57 58.47
CA ARG B 277 -3.14 29.60 58.78
C ARG B 277 -4.52 30.13 58.39
N ARG B 278 -4.77 31.41 58.68
CA ARG B 278 -6.04 32.04 58.35
C ARG B 278 -6.31 32.06 56.84
N LEU B 279 -5.27 32.29 56.04
CA LEU B 279 -5.45 32.40 54.60
C LEU B 279 -5.43 31.03 53.91
N GLY B 280 -5.08 30.00 54.66
CA GLY B 280 -5.05 28.65 54.11
C GLY B 280 -3.76 28.32 53.39
N ALA B 281 -2.66 28.93 53.82
CA ALA B 281 -1.36 28.68 53.23
C ALA B 281 -0.39 28.11 54.27
N GLU B 282 0.66 27.45 53.78
CA GLU B 282 1.72 26.96 54.65
C GLU B 282 2.81 28.00 54.86
N TYR B 283 3.11 28.27 56.13
CA TYR B 283 4.14 29.25 56.48
C TYR B 283 5.53 28.63 56.36
N MET B 284 6.42 29.37 55.72
CA MET B 284 7.83 29.02 55.60
C MET B 284 8.73 30.11 56.15
N GLU B 285 9.56 29.75 57.13
CA GLU B 285 10.43 30.72 57.76
C GLU B 285 11.59 31.12 56.85
N ASP B 286 12.43 30.17 56.47
CA ASP B 286 13.60 30.41 55.63
C ASP B 286 13.53 29.90 54.18
N LEU B 287 14.26 30.56 53.28
CA LEU B 287 14.28 30.13 51.88
C LEU B 287 14.95 28.78 51.68
N LYS B 288 15.84 28.42 52.60
CA LYS B 288 16.61 27.18 52.50
C LYS B 288 15.66 25.97 52.55
N GLY B 289 14.84 25.88 53.59
CA GLY B 289 13.99 24.71 53.68
C GLY B 289 12.72 24.75 52.86
N LEU B 290 12.63 25.68 51.92
CA LEU B 290 11.47 25.82 51.05
C LEU B 290 11.51 24.74 49.97
N ALA B 291 12.69 24.57 49.36
CA ALA B 291 12.82 23.58 48.29
C ALA B 291 12.73 22.15 48.81
N GLU B 292 13.18 21.93 50.03
CA GLU B 292 13.12 20.62 50.65
C GLU B 292 11.68 20.28 51.03
N ALA B 293 10.93 21.31 51.39
CA ALA B 293 9.53 21.16 51.78
C ALA B 293 8.59 20.79 50.64
N LEU B 294 8.92 21.22 49.42
CA LEU B 294 8.04 21.00 48.28
C LEU B 294 8.09 19.55 47.82
N TRP B 295 9.22 18.90 48.09
CA TRP B 295 9.41 17.50 47.70
C TRP B 295 8.52 16.57 48.52
N LEU B 296 8.74 16.55 49.83
CA LEU B 296 7.95 15.70 50.73
C LEU B 296 6.75 16.47 51.26
N PRO B 297 5.56 15.84 51.24
CA PRO B 297 4.32 16.48 51.72
C PRO B 297 4.37 16.78 53.21
N ARG B 298 3.93 17.98 53.58
CA ARG B 298 3.94 18.40 54.99
C ARG B 298 2.58 18.16 55.64
N GLY B 299 2.59 17.98 56.96
CA GLY B 299 1.38 17.72 57.70
C GLY B 299 0.54 18.97 57.93
N PRO B 300 -0.51 18.84 58.76
CA PRO B 300 -1.41 19.96 59.06
C PRO B 300 -0.76 21.02 59.95
N HIS C 20 25.88 30.27 54.57
CA HIS C 20 26.30 31.60 55.00
C HIS C 20 27.36 32.18 54.07
N MET C 21 28.45 32.69 54.66
CA MET C 21 29.46 33.40 53.90
C MET C 21 30.35 32.46 53.09
N THR C 22 30.67 31.31 53.67
CA THR C 22 31.58 30.38 53.02
C THR C 22 30.88 29.09 52.60
N SER C 23 30.61 28.97 51.31
CA SER C 23 30.04 27.75 50.76
C SER C 23 31.11 26.66 50.69
N SER C 24 32.28 27.04 50.20
CA SER C 24 33.41 26.12 50.13
C SER C 24 34.11 26.02 51.48
N GLY C 25 33.71 25.02 52.28
CA GLY C 25 34.26 24.86 53.62
C GLY C 25 34.88 23.50 53.85
N VAL C 26 34.67 22.94 55.04
CA VAL C 26 35.25 21.66 55.40
C VAL C 26 34.31 20.83 56.27
N TYR C 27 34.09 19.58 55.87
CA TYR C 27 33.27 18.65 56.63
C TYR C 27 33.92 17.28 56.70
N THR C 28 33.25 16.33 57.36
CA THR C 28 33.75 14.96 57.42
C THR C 28 32.83 14.03 56.62
N ILE C 29 33.32 12.85 56.29
CA ILE C 29 32.54 11.87 55.55
C ILE C 29 31.49 11.25 56.47
N ALA C 30 31.70 11.39 57.78
CA ALA C 30 30.75 10.89 58.76
C ALA C 30 29.56 11.84 58.91
N GLU C 31 29.85 13.14 58.84
CA GLU C 31 28.81 14.16 58.93
C GLU C 31 27.87 14.11 57.73
N VAL C 32 28.43 13.82 56.55
CA VAL C 32 27.65 13.71 55.33
C VAL C 32 26.72 12.51 55.39
N GLU C 33 27.21 11.43 56.00
CA GLU C 33 26.43 10.20 56.13
C GLU C 33 25.25 10.38 57.07
N ALA C 34 25.31 11.40 57.92
CA ALA C 34 24.25 11.68 58.88
C ALA C 34 23.41 12.88 58.47
N MET C 35 23.77 13.50 57.35
CA MET C 35 23.05 14.66 56.85
C MET C 35 22.33 14.35 55.55
N THR C 36 22.92 13.50 54.73
CA THR C 36 22.35 13.15 53.44
C THR C 36 21.60 11.83 53.49
N GLY C 37 22.07 10.92 54.36
CA GLY C 37 21.47 9.61 54.48
C GLY C 37 22.26 8.56 53.73
N LEU C 38 23.04 9.00 52.74
CA LEU C 38 23.88 8.11 51.96
C LEU C 38 25.07 7.64 52.79
N SER C 39 25.37 6.34 52.73
CA SER C 39 26.47 5.77 53.51
C SER C 39 27.82 6.27 53.00
N ALA C 40 28.83 6.15 53.86
CA ALA C 40 30.18 6.63 53.53
C ALA C 40 30.80 5.80 52.40
N GLU C 41 30.38 4.55 52.29
CA GLU C 41 30.90 3.66 51.26
C GLU C 41 30.48 4.11 49.87
N VAL C 42 29.29 4.69 49.77
CA VAL C 42 28.76 5.17 48.50
C VAL C 42 29.47 6.45 48.05
N LEU C 43 29.71 7.35 48.99
CA LEU C 43 30.32 8.65 48.71
C LEU C 43 31.70 8.50 48.09
N ARG C 44 32.43 7.46 48.47
CA ARG C 44 33.77 7.22 47.94
C ARG C 44 33.71 6.55 46.57
N GLN C 45 32.61 5.86 46.29
CA GLN C 45 32.45 5.17 45.01
C GLN C 45 32.06 6.14 43.90
N TRP C 46 31.19 7.10 44.21
CA TRP C 46 30.77 8.09 43.23
C TRP C 46 31.91 9.03 42.87
N GLU C 47 32.88 9.16 43.78
CA GLU C 47 34.06 9.97 43.54
C GLU C 47 35.04 9.21 42.65
N ARG C 48 34.88 7.89 42.60
CA ARG C 48 35.77 7.02 41.84
C ARG C 48 35.26 6.80 40.42
N ARG C 49 33.94 6.71 40.28
CA ARG C 49 33.31 6.40 39.00
C ARG C 49 32.95 7.66 38.21
N TYR C 50 32.67 8.75 38.92
CA TYR C 50 32.20 9.97 38.28
C TYR C 50 33.16 11.15 38.50
N GLY C 51 33.79 11.16 39.66
CA GLY C 51 34.68 12.25 40.02
C GLY C 51 33.98 13.27 40.92
N PHE C 52 32.66 13.15 41.00
CA PHE C 52 31.86 14.03 41.85
C PHE C 52 31.24 13.24 42.99
N PRO C 53 31.32 13.77 44.22
CA PRO C 53 31.99 15.03 44.56
C PRO C 53 33.50 14.88 44.72
N LYS C 54 34.23 15.97 44.46
CA LYS C 54 35.67 15.97 44.63
C LYS C 54 36.09 17.01 45.68
N PRO C 55 36.01 16.63 46.96
CA PRO C 55 36.32 17.55 48.06
C PRO C 55 37.82 17.76 48.24
N ARG C 56 38.18 18.84 48.92
CA ARG C 56 39.58 19.11 49.24
C ARG C 56 40.11 18.03 50.18
N ARG C 57 41.37 17.66 50.00
CA ARG C 57 41.98 16.60 50.78
C ARG C 57 42.94 17.15 51.83
N THR C 58 42.92 16.55 53.02
CA THR C 58 43.87 16.91 54.08
C THR C 58 45.28 16.46 53.69
N PRO C 59 46.31 17.10 54.26
CA PRO C 59 47.70 16.67 54.03
C PRO C 59 47.92 15.19 54.32
N GLY C 60 47.18 14.66 55.29
CA GLY C 60 47.25 13.24 55.60
C GLY C 60 46.68 12.39 54.48
N GLY C 61 45.52 12.79 53.97
CA GLY C 61 44.87 12.09 52.88
C GLY C 61 43.38 11.90 53.08
N HIS C 62 42.85 12.54 54.12
CA HIS C 62 41.42 12.43 54.43
C HIS C 62 40.62 13.52 53.70
N ARG C 63 39.34 13.25 53.48
CA ARG C 63 38.49 14.16 52.72
C ARG C 63 37.96 15.30 53.58
N LEU C 64 37.55 16.38 52.92
CA LEU C 64 36.94 17.52 53.58
C LEU C 64 35.89 18.16 52.67
N TYR C 65 34.65 17.68 52.77
CA TYR C 65 33.57 18.15 51.92
C TYR C 65 33.17 19.58 52.26
N SER C 66 32.69 20.31 51.25
CA SER C 66 32.25 21.69 51.45
C SER C 66 30.73 21.74 51.63
N ALA C 67 30.24 22.85 52.15
CA ALA C 67 28.82 23.03 52.41
C ALA C 67 28.03 23.06 51.10
N GLU C 68 28.66 23.55 50.04
CA GLU C 68 28.03 23.59 48.72
C GLU C 68 27.79 22.18 48.19
N ASP C 69 28.70 21.26 48.53
CA ASP C 69 28.58 19.88 48.11
C ASP C 69 27.53 19.15 48.94
N VAL C 70 27.35 19.57 50.19
CA VAL C 70 26.39 18.95 51.10
C VAL C 70 24.96 19.14 50.60
N GLU C 71 24.61 20.38 50.28
CA GLU C 71 23.28 20.70 49.76
C GLU C 71 23.10 20.10 48.37
N ALA C 72 24.21 19.93 47.66
CA ALA C 72 24.18 19.34 46.33
C ALA C 72 23.78 17.87 46.37
N LEU C 73 24.40 17.12 47.27
CA LEU C 73 24.11 15.70 47.44
C LEU C 73 22.70 15.47 47.94
N LYS C 74 22.20 16.41 48.74
CA LYS C 74 20.84 16.32 49.27
C LYS C 74 19.81 16.47 48.17
N THR C 75 20.21 17.14 47.09
CA THR C 75 19.33 17.34 45.94
C THR C 75 19.31 16.10 45.05
N ILE C 76 20.47 15.45 44.93
CA ILE C 76 20.61 14.24 44.12
C ILE C 76 19.81 13.10 44.74
N LYS C 77 19.75 13.07 46.07
CA LYS C 77 19.01 12.04 46.79
C LYS C 77 17.51 12.13 46.49
N ARG C 78 17.03 13.32 46.18
CA ARG C 78 15.63 13.51 45.83
C ARG C 78 15.33 12.91 44.45
N TRP C 79 16.22 13.16 43.50
CA TRP C 79 16.04 12.67 42.14
C TRP C 79 16.13 11.15 42.08
N LEU C 80 17.02 10.57 42.88
CA LEU C 80 17.19 9.12 42.93
C LEU C 80 15.95 8.45 43.53
N GLU C 81 15.28 9.15 44.43
CA GLU C 81 14.08 8.64 45.07
C GLU C 81 12.84 8.94 44.23
N GLU C 82 12.99 9.84 43.26
CA GLU C 82 11.90 10.20 42.36
C GLU C 82 11.93 9.36 41.09
N GLY C 83 13.01 8.61 40.91
CA GLY C 83 13.16 7.76 39.75
C GLY C 83 14.24 8.22 38.80
N ALA C 84 15.50 8.02 39.20
CA ALA C 84 16.64 8.39 38.38
C ALA C 84 17.88 7.58 38.74
N THR C 85 18.78 7.43 37.79
CA THR C 85 20.03 6.70 38.03
C THR C 85 21.14 7.68 38.42
N PRO C 86 22.04 7.24 39.31
CA PRO C 86 23.15 8.07 39.80
C PRO C 86 24.06 8.61 38.68
N LYS C 87 24.14 7.88 37.57
CA LYS C 87 24.99 8.29 36.46
C LYS C 87 24.43 9.53 35.76
N ALA C 88 23.11 9.62 35.69
CA ALA C 88 22.47 10.74 35.03
C ALA C 88 22.05 11.81 36.02
N ALA C 89 21.82 11.42 37.27
CA ALA C 89 21.43 12.36 38.31
C ALA C 89 22.56 13.34 38.62
N ILE C 90 23.80 12.88 38.49
CA ILE C 90 24.97 13.71 38.72
C ILE C 90 25.29 14.54 37.48
N ARG C 91 25.18 13.92 36.31
CA ARG C 91 25.48 14.59 35.05
C ARG C 91 24.53 15.76 34.79
N ARG C 92 23.27 15.60 35.19
CA ARG C 92 22.28 16.65 34.98
C ARG C 92 22.48 17.80 35.96
N TYR C 93 23.16 17.53 37.06
CA TYR C 93 23.45 18.56 38.06
C TYR C 93 24.76 19.28 37.75
N LEU C 94 25.71 18.54 37.19
CA LEU C 94 27.01 19.11 36.84
C LEU C 94 26.86 20.14 35.73
N ALA C 95 25.88 19.93 34.86
CA ALA C 95 25.60 20.86 33.78
C ALA C 95 24.92 22.13 34.29
N GLN C 96 24.02 21.96 35.26
CA GLN C 96 23.26 23.08 35.80
C GLN C 96 24.10 23.96 36.72
N GLU C 97 24.57 23.39 37.82
CA GLU C 97 25.40 24.13 38.77
C GLU C 97 26.86 23.69 38.67
N VAL C 98 27.50 24.04 37.56
CA VAL C 98 28.88 23.67 37.31
C VAL C 98 29.86 24.49 38.15
N ARG C 99 30.97 23.87 38.53
CA ARG C 99 32.01 24.56 39.27
C ARG C 99 32.67 25.62 38.40
N PRO C 100 32.99 26.79 39.00
CA PRO C 100 33.59 27.91 38.29
C PRO C 100 34.87 27.57 37.54
N GLU C 101 35.68 26.66 38.07
CA GLU C 101 36.94 26.32 37.45
C GLU C 101 36.80 25.16 36.46
N ASP C 102 35.69 24.44 36.56
CA ASP C 102 35.45 23.30 35.68
C ASP C 102 34.94 23.74 34.31
N LEU C 103 34.58 25.02 34.20
CA LEU C 103 34.07 25.56 32.94
C LEU C 103 35.16 25.65 31.89
N GLY C 104 36.37 26.01 32.31
CA GLY C 104 37.50 26.07 31.41
C GLY C 104 37.84 24.70 30.85
N THR C 105 37.92 23.71 31.73
CA THR C 105 38.17 22.34 31.32
C THR C 105 37.03 21.80 30.46
N GLY C 106 35.80 22.05 30.91
CA GLY C 106 34.60 21.62 30.22
C GLY C 106 34.45 22.16 28.81
N LEU C 107 34.69 23.46 28.67
CA LEU C 107 34.59 24.13 27.38
C LEU C 107 35.56 23.55 26.36
N LEU C 108 36.80 23.33 26.78
CA LEU C 108 37.81 22.79 25.90
C LEU C 108 37.48 21.37 25.48
N GLU C 109 37.01 20.57 26.42
CA GLU C 109 36.61 19.20 26.16
C GLU C 109 35.45 19.14 25.17
N ALA C 110 34.50 20.07 25.33
CA ALA C 110 33.36 20.15 24.43
C ALA C 110 33.78 20.51 23.01
N LEU C 111 34.72 21.44 22.90
CA LEU C 111 35.25 21.85 21.59
C LEU C 111 36.02 20.73 20.92
N LEU C 112 36.84 20.02 21.69
CA LEU C 112 37.68 18.95 21.17
C LEU C 112 36.85 17.78 20.64
N ARG C 113 35.62 17.64 21.12
CA ARG C 113 34.73 16.58 20.64
C ARG C 113 33.79 17.08 19.55
N GLY C 114 33.94 18.34 19.15
CA GLY C 114 33.15 18.90 18.07
C GLY C 114 31.73 19.30 18.44
N ASP C 115 31.48 19.45 19.73
CA ASP C 115 30.15 19.80 20.23
C ASP C 115 29.97 21.33 20.34
N LEU C 116 29.72 21.99 19.21
CA LEU C 116 29.60 23.45 19.21
C LEU C 116 28.40 23.91 20.02
N ALA C 117 27.29 23.17 19.93
CA ALA C 117 26.09 23.52 20.67
C ALA C 117 26.36 23.51 22.19
N GLY C 118 26.97 22.43 22.66
CA GLY C 118 27.35 22.33 24.06
C GLY C 118 28.34 23.39 24.49
N ALA C 119 29.26 23.73 23.59
CA ALA C 119 30.27 24.74 23.87
C ALA C 119 29.66 26.12 24.00
N GLU C 120 28.77 26.46 23.07
CA GLU C 120 28.06 27.73 23.11
C GLU C 120 27.25 27.89 24.39
N ALA C 121 26.65 26.79 24.84
CA ALA C 121 25.81 26.78 26.04
C ALA C 121 26.67 27.01 27.27
N LEU C 122 27.84 26.38 27.31
CA LEU C 122 28.75 26.52 28.43
C LEU C 122 29.30 27.95 28.51
N PHE C 123 29.56 28.56 27.37
CA PHE C 123 30.05 29.93 27.32
C PHE C 123 29.02 30.90 27.85
N ARG C 124 27.76 30.70 27.48
CA ARG C 124 26.68 31.56 27.95
C ARG C 124 26.54 31.51 29.47
N ARG C 125 26.76 30.33 30.05
CA ARG C 125 26.75 30.18 31.51
C ARG C 125 27.83 31.00 32.19
N GLY C 126 29.00 31.03 31.55
CA GLY C 126 30.14 31.79 32.04
C GLY C 126 29.94 33.29 31.94
N LEU C 127 29.33 33.70 30.84
CA LEU C 127 29.01 35.11 30.57
C LEU C 127 28.08 35.66 31.66
N ARG C 128 27.12 34.85 32.07
CA ARG C 128 26.13 35.29 33.04
C ARG C 128 26.75 35.31 34.44
N PHE C 129 27.74 34.46 34.70
CA PHE C 129 28.39 34.40 36.01
C PHE C 129 29.47 35.46 36.21
N TRP C 130 30.39 35.57 35.26
CA TRP C 130 31.52 36.48 35.43
C TRP C 130 31.24 37.85 34.85
N GLY C 131 30.20 37.95 34.02
CA GLY C 131 29.93 39.20 33.32
C GLY C 131 30.75 39.27 32.06
N PRO C 132 30.50 40.29 31.23
CA PRO C 132 31.16 40.45 29.93
C PRO C 132 32.68 40.50 30.04
N GLU C 133 33.22 41.40 30.85
CA GLU C 133 34.67 41.47 31.05
C GLU C 133 35.20 40.25 31.80
N GLY C 134 34.45 39.80 32.79
CA GLY C 134 34.83 38.66 33.61
C GLY C 134 35.04 37.37 32.85
N VAL C 135 34.13 37.09 31.92
CA VAL C 135 34.16 35.83 31.16
C VAL C 135 35.36 35.81 30.21
N LEU C 136 35.84 36.98 29.79
CA LEU C 136 37.00 37.04 28.93
C LEU C 136 38.29 36.70 29.68
N GLU C 137 38.44 37.23 30.89
CA GLU C 137 39.64 36.99 31.68
C GLU C 137 39.70 35.58 32.26
N HIS C 138 38.56 35.08 32.74
CA HIS C 138 38.57 33.81 33.47
C HIS C 138 38.14 32.61 32.64
N LEU C 139 37.68 32.82 31.42
CA LEU C 139 37.24 31.71 30.58
C LEU C 139 37.89 31.76 29.20
N LEU C 140 37.70 32.87 28.50
CA LEU C 140 38.20 33.03 27.13
C LEU C 140 39.72 32.95 27.07
N LEU C 141 40.38 33.73 27.92
CA LEU C 141 41.84 33.79 27.93
C LEU C 141 42.54 32.50 28.42
N PRO C 142 42.09 31.92 29.55
CA PRO C 142 42.78 30.69 29.99
C PRO C 142 42.65 29.51 29.02
N VAL C 143 41.52 29.42 28.33
CA VAL C 143 41.33 28.35 27.36
C VAL C 143 42.27 28.51 26.18
N LEU C 144 42.37 29.73 25.66
CA LEU C 144 43.26 30.00 24.53
C LEU C 144 44.72 29.71 24.85
N ARG C 145 45.14 30.05 26.07
CA ARG C 145 46.51 29.79 26.49
C ARG C 145 46.79 28.29 26.59
N GLU C 146 45.85 27.56 27.19
CA GLU C 146 45.98 26.12 27.35
C GLU C 146 45.98 25.41 25.99
N VAL C 147 45.14 25.87 25.07
CA VAL C 147 45.10 25.33 23.71
C VAL C 147 46.46 25.41 23.02
N GLY C 148 47.15 26.55 23.19
CA GLY C 148 48.47 26.72 22.61
C GLY C 148 49.49 25.81 23.26
N GLU C 149 49.39 25.65 24.57
CA GLU C 149 50.30 24.78 25.32
C GLU C 149 50.04 23.31 24.99
N ALA C 150 48.77 22.96 24.86
CA ALA C 150 48.38 21.58 24.56
C ALA C 150 48.91 21.19 23.18
N TRP C 151 48.82 22.13 22.24
CA TRP C 151 49.34 21.92 20.90
C TRP C 151 50.85 21.78 20.98
N HIS C 152 51.48 22.64 21.78
CA HIS C 152 52.92 22.65 21.94
C HIS C 152 53.45 21.36 22.54
N ARG C 153 52.67 20.77 23.44
CA ARG C 153 53.02 19.49 24.04
C ARG C 153 52.74 18.31 23.12
N GLY C 154 51.97 18.57 22.06
CA GLY C 154 51.64 17.55 21.09
C GLY C 154 50.38 16.77 21.45
N GLU C 155 49.58 17.32 22.36
CA GLU C 155 48.37 16.64 22.80
C GLU C 155 47.25 16.84 21.80
N ILE C 156 47.26 17.98 21.11
CA ILE C 156 46.31 18.24 20.05
C ILE C 156 47.02 18.73 18.78
N GLY C 157 46.36 18.57 17.64
CA GLY C 157 46.89 19.02 16.38
C GLY C 157 46.44 20.42 16.02
N VAL C 158 46.95 20.94 14.91
CA VAL C 158 46.62 22.30 14.49
C VAL C 158 45.14 22.45 14.18
N ALA C 159 44.55 21.42 13.57
CA ALA C 159 43.14 21.44 13.20
C ALA C 159 42.23 21.57 14.40
N GLU C 160 42.62 20.96 15.51
CA GLU C 160 41.83 21.05 16.73
C GLU C 160 41.89 22.45 17.33
N GLU C 161 43.07 23.05 17.28
CA GLU C 161 43.27 24.44 17.71
C GLU C 161 42.43 25.40 16.88
N HIS C 162 42.46 25.22 15.55
CA HIS C 162 41.69 26.05 14.63
C HIS C 162 40.21 26.12 14.99
N LEU C 163 39.63 24.95 15.26
CA LEU C 163 38.21 24.86 15.61
C LEU C 163 37.92 25.70 16.86
N ALA C 164 38.72 25.50 17.89
CA ALA C 164 38.55 26.19 19.17
C ALA C 164 38.77 27.69 19.03
N SER C 165 39.79 28.08 18.29
CA SER C 165 40.14 29.50 18.14
C SER C 165 39.08 30.26 17.35
N THR C 166 38.56 29.62 16.30
CA THR C 166 37.52 30.23 15.47
C THR C 166 36.22 30.42 16.26
N PHE C 167 35.89 29.44 17.08
CA PHE C 167 34.71 29.51 17.95
C PHE C 167 34.80 30.67 18.93
N LEU C 168 35.91 30.75 19.65
CA LEU C 168 36.08 31.75 20.69
C LEU C 168 36.15 33.15 20.11
N ARG C 169 36.72 33.26 18.92
CA ARG C 169 36.77 34.53 18.19
C ARG C 169 35.35 35.01 17.86
N ALA C 170 34.49 34.07 17.48
CA ALA C 170 33.10 34.38 17.11
C ALA C 170 32.30 34.90 18.31
N ARG C 171 32.58 34.35 19.48
CA ARG C 171 31.92 34.78 20.71
C ARG C 171 32.33 36.20 21.08
N LEU C 172 33.63 36.48 20.96
CA LEU C 172 34.18 37.78 21.29
C LEU C 172 33.65 38.85 20.33
N GLN C 173 33.55 38.50 19.05
CA GLN C 173 33.01 39.41 18.05
C GLN C 173 31.55 39.75 18.32
N GLU C 174 30.83 38.78 18.88
CA GLU C 174 29.44 38.96 19.24
C GLU C 174 29.33 40.02 20.36
N LEU C 175 30.20 39.92 21.36
CA LEU C 175 30.23 40.88 22.46
C LEU C 175 30.63 42.25 21.95
N LEU C 176 31.57 42.27 21.00
CA LEU C 176 32.06 43.52 20.41
C LEU C 176 30.88 44.26 19.77
N ASP C 177 30.07 43.53 19.01
CA ASP C 177 28.92 44.10 18.32
C ASP C 177 27.82 44.50 19.29
N LEU C 178 27.78 43.86 20.46
CA LEU C 178 26.75 44.19 21.44
C LEU C 178 27.11 45.47 22.19
N ALA C 179 28.40 45.80 22.25
CA ALA C 179 28.78 47.04 22.89
C ALA C 179 28.31 48.20 22.01
N GLY C 180 28.20 49.38 22.60
CA GLY C 180 27.87 50.60 21.91
C GLY C 180 28.93 50.98 20.89
N PHE C 181 28.54 51.79 19.90
CA PHE C 181 29.52 52.41 19.02
C PHE C 181 29.17 53.86 18.85
N PRO C 182 29.73 54.70 19.73
CA PRO C 182 29.48 56.15 19.78
C PRO C 182 30.05 56.89 18.59
N PRO C 183 29.46 58.05 18.26
CA PRO C 183 29.98 58.94 17.22
C PRO C 183 31.29 59.58 17.64
N GLY C 184 31.88 60.42 16.78
CA GLY C 184 33.13 61.06 17.13
C GLY C 184 34.34 60.42 16.48
N PRO C 185 35.52 61.07 16.61
CA PRO C 185 36.76 60.59 16.02
C PRO C 185 37.11 59.18 16.48
N PRO C 186 37.24 58.25 15.51
CA PRO C 186 37.44 56.82 15.82
C PRO C 186 38.83 56.52 16.38
N VAL C 187 38.98 55.36 17.00
CA VAL C 187 40.28 54.83 17.36
C VAL C 187 40.52 53.55 16.56
N LEU C 188 41.59 53.53 15.76
CA LEU C 188 41.86 52.38 14.91
C LEU C 188 42.64 51.31 15.68
N VAL C 189 42.12 50.09 15.66
CA VAL C 189 42.76 48.98 16.36
C VAL C 189 43.12 47.85 15.40
N THR C 190 44.39 47.44 15.42
CA THR C 190 44.87 46.36 14.58
C THR C 190 46.15 45.77 15.15
N THR C 191 46.87 45.01 14.33
CA THR C 191 48.15 44.44 14.74
C THR C 191 49.23 44.83 13.74
N PRO C 192 50.50 44.80 14.17
CA PRO C 192 51.60 45.15 13.24
C PRO C 192 51.67 44.16 12.08
N PRO C 193 52.29 44.57 10.96
CA PRO C 193 52.48 43.66 9.83
C PRO C 193 53.27 42.40 10.19
N GLY C 194 52.79 41.24 9.73
CA GLY C 194 53.42 39.98 10.08
C GLY C 194 52.82 39.31 11.30
N GLU C 195 51.94 40.03 11.98
CA GLU C 195 51.29 39.53 13.19
C GLU C 195 49.88 39.06 12.89
N ARG C 196 49.65 37.75 12.97
CA ARG C 196 48.37 37.16 12.58
C ARG C 196 47.47 36.81 13.76
N HIS C 197 47.98 37.00 14.98
CA HIS C 197 47.14 36.81 16.17
C HIS C 197 46.30 38.07 16.37
N GLU C 198 44.99 37.92 16.23
CA GLU C 198 44.09 39.06 16.17
C GLU C 198 43.20 39.19 17.40
N ILE C 199 43.21 38.17 18.24
CA ILE C 199 42.30 38.12 19.38
C ILE C 199 42.72 39.16 20.42
N GLY C 200 44.02 39.40 20.50
CA GLY C 200 44.55 40.43 21.36
C GLY C 200 44.06 41.82 20.99
N ALA C 201 44.03 42.10 19.69
CA ALA C 201 43.50 43.36 19.19
C ALA C 201 42.01 43.54 19.46
N MET C 202 41.26 42.45 19.29
CA MET C 202 39.82 42.46 19.56
C MET C 202 39.51 42.78 21.02
N LEU C 203 40.30 42.20 21.93
CA LEU C 203 40.14 42.48 23.36
C LEU C 203 40.34 43.95 23.67
N ALA C 204 41.38 44.54 23.09
CA ALA C 204 41.67 45.96 23.28
C ALA C 204 40.51 46.82 22.77
N ALA C 205 40.04 46.51 21.57
CA ALA C 205 38.90 47.20 20.95
C ALA C 205 37.66 47.11 21.82
N TYR C 206 37.42 45.94 22.40
CA TYR C 206 36.24 45.70 23.21
C TYR C 206 36.22 46.52 24.49
N HIS C 207 37.36 46.56 25.18
CA HIS C 207 37.48 47.31 26.41
C HIS C 207 37.31 48.82 26.15
N LEU C 208 37.71 49.26 24.97
CA LEU C 208 37.57 50.66 24.56
C LEU C 208 36.10 51.00 24.34
N ARG C 209 35.39 50.14 23.60
CA ARG C 209 33.96 50.32 23.33
C ARG C 209 33.15 50.33 24.62
N ARG C 210 33.55 49.50 25.58
CA ARG C 210 32.88 49.42 26.87
C ARG C 210 33.03 50.71 27.69
N LYS C 211 34.02 51.51 27.35
CA LYS C 211 34.23 52.80 28.00
C LYS C 211 33.82 53.97 27.13
N GLY C 212 33.07 53.67 26.07
CA GLY C 212 32.47 54.68 25.22
C GLY C 212 33.44 55.26 24.21
N VAL C 213 34.47 54.51 23.86
CA VAL C 213 35.40 54.94 22.84
C VAL C 213 35.07 54.24 21.53
N PRO C 214 34.91 55.02 20.44
CA PRO C 214 34.57 54.47 19.12
C PRO C 214 35.75 53.74 18.51
N ALA C 215 36.07 52.56 19.03
CA ALA C 215 37.17 51.78 18.50
C ALA C 215 36.81 51.01 17.23
N LEU C 216 37.44 51.40 16.13
CA LEU C 216 37.31 50.68 14.86
C LEU C 216 38.30 49.55 14.76
N TYR C 217 37.80 48.33 14.90
CA TYR C 217 38.64 47.16 14.73
C TYR C 217 38.83 46.84 13.24
N LEU C 218 40.07 46.82 12.80
CA LEU C 218 40.37 46.66 11.38
C LEU C 218 40.60 45.21 11.00
N GLY C 219 40.96 44.38 11.98
CA GLY C 219 41.50 43.07 11.68
C GLY C 219 43.01 43.11 11.83
N PRO C 220 43.66 41.94 11.67
CA PRO C 220 45.10 41.90 11.89
C PRO C 220 45.92 42.29 10.66
N ASP C 221 47.22 42.47 10.85
CA ASP C 221 48.19 42.51 9.76
C ASP C 221 47.92 43.68 8.81
N THR C 222 48.17 44.90 9.28
CA THR C 222 47.92 46.11 8.49
C THR C 222 49.22 46.84 8.19
N PRO C 223 49.53 47.04 6.91
CA PRO C 223 50.70 47.82 6.51
C PRO C 223 50.71 49.24 7.09
N LEU C 224 51.87 49.68 7.56
CA LEU C 224 51.98 50.99 8.23
C LEU C 224 51.62 52.21 7.38
N PRO C 225 52.07 52.28 6.11
CA PRO C 225 51.67 53.45 5.30
C PRO C 225 50.16 53.57 5.10
N ASP C 226 49.50 52.44 4.90
CA ASP C 226 48.07 52.40 4.70
C ASP C 226 47.33 52.77 5.97
N LEU C 227 47.88 52.32 7.11
CA LEU C 227 47.31 52.63 8.41
C LEU C 227 47.40 54.12 8.70
N ARG C 228 48.52 54.72 8.35
CA ARG C 228 48.72 56.15 8.57
C ARG C 228 47.77 56.96 7.69
N ALA C 229 47.60 56.52 6.45
CA ALA C 229 46.73 57.19 5.50
C ALA C 229 45.27 57.16 5.94
N LEU C 230 44.85 56.01 6.49
CA LEU C 230 43.48 55.85 6.97
C LEU C 230 43.23 56.69 8.21
N ALA C 231 44.20 56.71 9.12
CA ALA C 231 44.10 57.48 10.35
C ALA C 231 43.97 58.96 10.05
N ARG C 232 44.72 59.41 9.03
CA ARG C 232 44.67 60.81 8.65
C ARG C 232 43.31 61.17 8.05
N ARG C 233 42.82 60.32 7.15
CA ARG C 233 41.58 60.61 6.43
C ARG C 233 40.35 60.57 7.33
N LEU C 234 40.35 59.67 8.31
CA LEU C 234 39.21 59.56 9.22
C LEU C 234 39.37 60.45 10.44
N GLY C 235 40.50 61.15 10.52
CA GLY C 235 40.80 61.99 11.67
C GLY C 235 40.83 61.21 12.96
N ALA C 236 41.39 60.00 12.90
CA ALA C 236 41.45 59.13 14.07
C ALA C 236 42.28 59.77 15.18
N GLY C 237 41.80 59.65 16.41
CA GLY C 237 42.50 60.24 17.55
C GLY C 237 43.68 59.41 18.00
N ALA C 238 43.60 58.10 17.79
CA ALA C 238 44.68 57.21 18.22
C ALA C 238 44.72 55.92 17.41
N VAL C 239 45.88 55.26 17.43
CA VAL C 239 46.02 53.92 16.86
C VAL C 239 46.49 52.96 17.95
N VAL C 240 45.86 51.79 18.03
CA VAL C 240 46.22 50.78 19.02
C VAL C 240 46.68 49.49 18.35
N LEU C 241 47.89 49.04 18.71
CA LEU C 241 48.47 47.84 18.13
C LEU C 241 48.67 46.73 19.16
N SER C 242 48.21 45.52 18.82
CA SER C 242 48.45 44.36 19.67
C SER C 242 49.54 43.45 19.08
N ALA C 243 50.62 43.27 19.82
CA ALA C 243 51.70 42.40 19.37
C ALA C 243 51.84 41.18 20.27
N VAL C 244 51.55 40.00 19.74
CA VAL C 244 51.67 38.76 20.48
C VAL C 244 53.08 38.17 20.32
N LEU C 245 53.57 38.16 19.09
CA LEU C 245 54.95 37.79 18.78
C LEU C 245 55.87 39.00 18.81
N SER C 246 57.13 38.77 19.15
CA SER C 246 58.12 39.85 19.23
C SER C 246 58.84 40.09 17.90
N GLU C 247 58.90 39.06 17.06
CA GLU C 247 59.64 39.16 15.80
C GLU C 247 59.09 40.22 14.83
N PRO C 248 57.74 40.31 14.68
CA PRO C 248 57.22 41.40 13.85
C PRO C 248 57.66 42.80 14.29
N LEU C 249 57.79 43.00 15.60
CA LEU C 249 58.26 44.28 16.13
C LEU C 249 59.73 44.51 15.84
N ARG C 250 60.54 43.48 16.08
CA ARG C 250 61.98 43.57 15.86
C ARG C 250 62.30 43.89 14.39
N ALA C 251 61.43 43.44 13.49
CA ALA C 251 61.63 43.69 12.06
C ALA C 251 61.34 45.14 11.66
N LEU C 252 60.71 45.90 12.53
CA LEU C 252 60.40 47.30 12.24
C LEU C 252 61.55 48.24 12.62
N PRO C 253 61.81 49.24 11.76
CA PRO C 253 62.86 50.22 12.05
C PRO C 253 62.49 51.18 13.18
N ASP C 254 63.46 51.91 13.70
CA ASP C 254 63.24 52.88 14.77
C ASP C 254 62.25 53.97 14.37
N GLY C 255 61.37 54.34 15.29
CA GLY C 255 60.40 55.41 15.06
C GLY C 255 59.35 55.11 14.02
N ALA C 256 59.18 53.84 13.66
CA ALA C 256 58.26 53.45 12.62
C ALA C 256 56.79 53.75 12.97
N LEU C 257 56.49 53.80 14.26
CA LEU C 257 55.12 54.01 14.72
C LEU C 257 54.84 55.44 15.16
N LYS C 258 55.83 56.31 15.06
CA LYS C 258 55.72 57.64 15.65
C LYS C 258 54.61 58.50 15.05
N ASP C 259 54.51 58.52 13.73
CA ASP C 259 53.61 59.45 13.04
C ASP C 259 52.31 58.81 12.56
N LEU C 260 51.93 57.67 13.11
CA LEU C 260 50.73 56.98 12.64
C LEU C 260 49.47 57.77 12.99
N ALA C 261 49.42 58.26 14.22
CA ALA C 261 48.27 58.98 14.73
C ALA C 261 48.74 59.94 15.84
N PRO C 262 47.88 60.88 16.27
CA PRO C 262 48.29 61.75 17.38
C PRO C 262 48.77 61.00 18.64
N ARG C 263 48.21 59.83 18.89
CA ARG C 263 48.69 58.95 19.96
C ARG C 263 48.76 57.50 19.50
N VAL C 264 49.86 56.83 19.82
CA VAL C 264 50.03 55.44 19.41
C VAL C 264 50.34 54.55 20.62
N PHE C 265 49.57 53.47 20.76
CA PHE C 265 49.74 52.56 21.88
C PHE C 265 50.14 51.16 21.41
N LEU C 266 50.95 50.49 22.21
CA LEU C 266 51.46 49.17 21.87
C LEU C 266 51.45 48.24 23.09
N GLY C 267 50.79 47.10 22.95
CA GLY C 267 50.73 46.13 24.02
C GLY C 267 50.70 44.69 23.53
N GLY C 268 50.63 43.75 24.45
CA GLY C 268 50.64 42.34 24.07
C GLY C 268 51.85 41.62 24.64
N GLN C 269 51.84 40.29 24.53
CA GLN C 269 52.94 39.49 25.08
C GLN C 269 54.24 39.77 24.34
N GLY C 270 54.16 40.07 23.06
CA GLY C 270 55.36 40.32 22.26
C GLY C 270 55.92 41.72 22.39
N ALA C 271 55.25 42.57 23.17
CA ALA C 271 55.67 43.96 23.33
C ALA C 271 56.26 44.21 24.71
N GLY C 272 57.17 45.18 24.77
CA GLY C 272 57.80 45.56 26.02
C GLY C 272 58.11 47.05 26.04
N PRO C 273 58.33 47.61 27.24
CA PRO C 273 58.59 49.05 27.39
C PRO C 273 59.82 49.53 26.61
N GLU C 274 60.87 48.72 26.59
CA GLU C 274 62.11 49.07 25.92
C GLU C 274 61.86 49.14 24.41
N GLU C 275 61.16 48.14 23.90
CA GLU C 275 60.87 48.04 22.48
C GLU C 275 59.89 49.10 22.01
N ALA C 276 58.94 49.45 22.87
CA ALA C 276 57.97 50.50 22.57
C ALA C 276 58.63 51.86 22.40
N ARG C 277 59.57 52.16 23.29
CA ARG C 277 60.31 53.43 23.21
C ARG C 277 61.10 53.56 21.92
N ARG C 278 61.64 52.46 21.44
CA ARG C 278 62.45 52.47 20.21
C ARG C 278 61.58 52.73 18.98
N LEU C 279 60.38 52.18 18.98
CA LEU C 279 59.47 52.32 17.85
C LEU C 279 58.68 53.62 17.89
N GLY C 280 58.76 54.33 19.02
CA GLY C 280 58.07 55.59 19.17
C GLY C 280 56.61 55.45 19.58
N ALA C 281 56.31 54.38 20.32
CA ALA C 281 54.95 54.15 20.79
C ALA C 281 54.90 54.12 22.32
N GLU C 282 53.71 54.34 22.87
CA GLU C 282 53.53 54.27 24.32
C GLU C 282 53.20 52.84 24.76
N TYR C 283 53.97 52.32 25.71
CA TYR C 283 53.74 50.97 26.22
C TYR C 283 52.57 50.93 27.20
N MET C 284 51.69 49.94 27.03
CA MET C 284 50.59 49.77 27.95
C MET C 284 50.57 48.35 28.53
N GLU C 285 50.65 48.21 29.84
CA GLU C 285 50.73 46.90 30.48
C GLU C 285 49.42 46.14 30.43
N ASP C 286 48.32 46.78 30.80
CA ASP C 286 47.04 46.07 30.90
C ASP C 286 45.93 46.77 30.15
N LEU C 287 44.95 45.98 29.73
CA LEU C 287 43.81 46.46 28.94
C LEU C 287 42.93 47.45 29.71
N LYS C 288 42.90 47.30 31.03
CA LYS C 288 42.03 48.14 31.86
C LYS C 288 42.46 49.60 31.81
N GLY C 289 43.74 49.85 32.01
CA GLY C 289 44.31 51.19 32.01
C GLY C 289 44.39 51.88 30.65
N LEU C 290 44.15 51.12 29.59
CA LEU C 290 44.22 51.66 28.23
C LEU C 290 43.14 52.69 27.90
N ALA C 291 41.89 52.42 28.26
CA ALA C 291 40.83 53.38 27.99
C ALA C 291 40.98 54.66 28.79
N GLU C 292 41.46 54.53 30.03
CA GLU C 292 41.66 55.69 30.89
C GLU C 292 42.85 56.53 30.45
N ALA C 293 43.75 55.91 29.71
CA ALA C 293 44.97 56.58 29.26
C ALA C 293 44.70 57.47 28.06
N LEU C 294 43.54 57.26 27.43
CA LEU C 294 43.12 58.09 26.31
C LEU C 294 42.61 59.45 26.76
N TRP C 295 41.94 59.48 27.92
CA TRP C 295 41.41 60.72 28.47
C TRP C 295 42.51 61.66 28.94
N LEU C 296 43.57 61.09 29.51
CA LEU C 296 44.68 61.87 30.02
C LEU C 296 45.77 62.07 28.96
N PRO C 297 46.37 63.27 28.93
CA PRO C 297 47.43 63.59 27.95
C PRO C 297 48.72 62.83 28.21
N ARG C 298 49.53 62.66 27.17
CA ARG C 298 50.78 61.93 27.28
C ARG C 298 51.85 62.75 28.00
N GLN D 96 14.65 57.03 5.16
CA GLN D 96 15.50 57.18 3.98
C GLN D 96 15.89 55.83 3.40
N GLU D 97 14.89 55.08 2.94
CA GLU D 97 15.11 53.77 2.35
C GLU D 97 15.78 53.88 0.98
N VAL D 98 16.91 53.20 0.82
CA VAL D 98 17.66 53.22 -0.42
C VAL D 98 17.28 52.07 -1.34
N ARG D 99 17.42 52.28 -2.65
CA ARG D 99 17.05 51.29 -3.66
C ARG D 99 17.95 50.04 -3.60
N PRO D 100 17.44 48.90 -4.12
CA PRO D 100 18.15 47.61 -4.15
C PRO D 100 19.62 47.67 -4.58
N GLU D 101 19.89 48.02 -5.83
CA GLU D 101 21.27 48.02 -6.32
C GLU D 101 22.11 49.11 -5.64
N ASP D 102 21.45 50.05 -4.98
CA ASP D 102 22.14 51.12 -4.29
C ASP D 102 22.67 50.68 -2.93
N LEU D 103 22.24 49.50 -2.49
CA LEU D 103 22.67 48.97 -1.20
C LEU D 103 24.14 48.55 -1.22
N GLY D 104 24.58 47.98 -2.34
CA GLY D 104 25.97 47.62 -2.53
C GLY D 104 26.86 48.84 -2.45
N THR D 105 26.52 49.85 -3.24
CA THR D 105 27.25 51.11 -3.26
C THR D 105 27.21 51.77 -1.88
N GLY D 106 26.01 51.88 -1.32
CA GLY D 106 25.81 52.50 -0.02
C GLY D 106 26.54 51.84 1.13
N LEU D 107 26.55 50.51 1.17
CA LEU D 107 27.24 49.77 2.22
C LEU D 107 28.74 50.03 2.20
N LEU D 108 29.34 49.97 1.02
CA LEU D 108 30.77 50.24 0.84
C LEU D 108 31.11 51.67 1.29
N GLU D 109 30.30 52.64 0.85
CA GLU D 109 30.53 54.04 1.21
C GLU D 109 30.44 54.24 2.72
N ALA D 110 29.51 53.54 3.35
CA ALA D 110 29.32 53.62 4.80
C ALA D 110 30.55 53.08 5.51
N LEU D 111 31.07 51.96 5.03
CA LEU D 111 32.24 51.34 5.61
C LEU D 111 33.48 52.21 5.43
N LEU D 112 33.63 52.79 4.24
CA LEU D 112 34.79 53.62 3.94
C LEU D 112 34.87 54.89 4.80
N ARG D 113 33.73 55.31 5.34
CA ARG D 113 33.70 56.50 6.18
C ARG D 113 33.71 56.11 7.67
N GLY D 114 33.85 54.82 7.92
CA GLY D 114 33.94 54.30 9.28
C GLY D 114 32.64 54.31 10.06
N ASP D 115 31.52 54.24 9.35
CA ASP D 115 30.22 54.23 10.01
C ASP D 115 29.71 52.81 10.15
N LEU D 116 30.16 52.12 11.19
CA LEU D 116 29.78 50.73 11.44
C LEU D 116 28.30 50.59 11.74
N ALA D 117 27.77 51.54 12.51
CA ALA D 117 26.35 51.55 12.87
C ALA D 117 25.49 51.62 11.62
N GLY D 118 25.81 52.56 10.74
CA GLY D 118 25.09 52.73 9.49
C GLY D 118 25.22 51.53 8.59
N ALA D 119 26.42 50.95 8.56
CA ALA D 119 26.70 49.76 7.76
C ALA D 119 25.90 48.55 8.23
N GLU D 120 25.90 48.32 9.54
CA GLU D 120 25.11 47.25 10.15
C GLU D 120 23.64 47.38 9.78
N ALA D 121 23.11 48.60 9.91
CA ALA D 121 21.71 48.88 9.60
C ALA D 121 21.37 48.60 8.14
N LEU D 122 22.29 48.94 7.24
CA LEU D 122 22.08 48.73 5.81
C LEU D 122 22.09 47.25 5.48
N PHE D 123 22.92 46.49 6.18
CA PHE D 123 23.00 45.05 5.99
C PHE D 123 21.74 44.34 6.46
N ARG D 124 21.18 44.79 7.59
CA ARG D 124 19.94 44.21 8.09
C ARG D 124 18.80 44.41 7.10
N ARG D 125 18.77 45.57 6.45
CA ARG D 125 17.77 45.83 5.41
C ARG D 125 17.86 44.88 4.23
N GLY D 126 19.09 44.57 3.85
CA GLY D 126 19.36 43.63 2.77
C GLY D 126 18.97 42.22 3.11
N LEU D 127 19.30 41.80 4.33
CA LEU D 127 18.90 40.51 4.87
C LEU D 127 17.40 40.29 4.88
N ARG D 128 16.67 41.33 5.24
CA ARG D 128 15.21 41.34 5.29
C ARG D 128 14.56 41.24 3.90
N PHE D 129 15.15 41.94 2.94
CA PHE D 129 14.65 42.03 1.57
C PHE D 129 14.84 40.73 0.77
N TRP D 130 16.02 40.14 0.86
CA TRP D 130 16.43 39.06 -0.02
C TRP D 130 16.54 37.74 0.71
N GLY D 131 16.46 37.80 2.04
CA GLY D 131 16.66 36.65 2.89
C GLY D 131 18.12 36.31 3.08
N PRO D 132 18.39 35.25 3.87
CA PRO D 132 19.73 34.84 4.26
C PRO D 132 20.65 34.49 3.09
N GLU D 133 20.24 33.56 2.25
CA GLU D 133 21.04 33.15 1.10
C GLU D 133 21.19 34.31 0.11
N GLY D 134 20.07 35.01 -0.12
CA GLY D 134 20.03 36.08 -1.09
C GLY D 134 20.95 37.25 -0.78
N VAL D 135 21.05 37.62 0.50
CA VAL D 135 21.87 38.76 0.89
C VAL D 135 23.35 38.47 0.72
N LEU D 136 23.72 37.20 0.77
CA LEU D 136 25.10 36.80 0.54
C LEU D 136 25.48 37.00 -0.93
N GLU D 137 24.63 36.51 -1.82
CA GLU D 137 24.87 36.54 -3.25
C GLU D 137 24.81 37.95 -3.85
N HIS D 138 23.84 38.75 -3.40
CA HIS D 138 23.55 40.06 -3.99
C HIS D 138 24.23 41.24 -3.29
N LEU D 139 24.67 41.03 -2.06
CA LEU D 139 25.23 42.10 -1.24
C LEU D 139 26.62 41.78 -0.74
N LEU D 140 26.75 40.68 0.00
CA LEU D 140 28.02 40.33 0.63
C LEU D 140 29.10 40.07 -0.41
N LEU D 141 28.80 39.24 -1.41
CA LEU D 141 29.75 38.89 -2.47
C LEU D 141 30.15 40.04 -3.41
N PRO D 142 29.16 40.80 -3.94
CA PRO D 142 29.55 41.90 -4.84
C PRO D 142 30.42 42.96 -4.17
N VAL D 143 30.15 43.28 -2.91
CA VAL D 143 30.93 44.27 -2.18
C VAL D 143 32.37 43.81 -1.98
N LEU D 144 32.55 42.55 -1.61
CA LEU D 144 33.87 41.98 -1.42
C LEU D 144 34.71 41.98 -2.70
N ARG D 145 34.07 41.71 -3.83
CA ARG D 145 34.77 41.70 -5.11
C ARG D 145 35.18 43.11 -5.50
N GLU D 146 34.29 44.07 -5.28
CA GLU D 146 34.56 45.46 -5.62
C GLU D 146 35.67 46.04 -4.74
N VAL D 147 35.66 45.67 -3.47
CA VAL D 147 36.70 46.09 -2.54
C VAL D 147 38.09 45.66 -3.00
N GLY D 148 38.21 44.43 -3.49
CA GLY D 148 39.47 43.95 -4.03
C GLY D 148 39.90 44.69 -5.29
N GLU D 149 38.93 44.94 -6.16
CA GLU D 149 39.17 45.68 -7.40
C GLU D 149 39.55 47.12 -7.11
N ALA D 150 38.85 47.74 -6.16
CA ALA D 150 39.10 49.13 -5.78
C ALA D 150 40.52 49.27 -5.22
N TRP D 151 40.92 48.29 -4.43
CA TRP D 151 42.27 48.26 -3.89
C TRP D 151 43.27 48.10 -5.02
N HIS D 152 42.94 47.19 -5.94
CA HIS D 152 43.79 46.90 -7.08
C HIS D 152 43.99 48.12 -7.98
N ARG D 153 42.97 48.96 -8.08
CA ARG D 153 43.06 50.17 -8.90
C ARG D 153 43.73 51.29 -8.13
N GLY D 154 43.94 51.08 -6.84
CA GLY D 154 44.59 52.08 -6.00
C GLY D 154 43.65 53.12 -5.42
N GLU D 155 42.35 52.85 -5.50
CA GLU D 155 41.35 53.79 -4.98
C GLU D 155 41.27 53.73 -3.46
N ILE D 156 41.53 52.57 -2.89
CA ILE D 156 41.58 52.41 -1.43
C ILE D 156 42.85 51.70 -1.00
N GLY D 157 43.24 51.87 0.25
CA GLY D 157 44.42 51.20 0.76
C GLY D 157 44.08 49.88 1.42
N VAL D 158 45.08 49.22 1.97
CA VAL D 158 44.88 47.92 2.61
C VAL D 158 44.07 48.05 3.89
N ALA D 159 44.30 49.13 4.63
CA ALA D 159 43.62 49.36 5.90
C ALA D 159 42.11 49.52 5.72
N GLU D 160 41.72 50.20 4.64
CA GLU D 160 40.31 50.33 4.28
C GLU D 160 39.67 48.97 4.00
N GLU D 161 40.36 48.16 3.21
CA GLU D 161 39.89 46.81 2.89
C GLU D 161 39.70 45.98 4.15
N HIS D 162 40.71 46.00 5.02
CA HIS D 162 40.67 45.28 6.30
C HIS D 162 39.40 45.56 7.08
N LEU D 163 39.06 46.84 7.23
CA LEU D 163 37.87 47.24 7.98
C LEU D 163 36.60 46.61 7.38
N ALA D 164 36.45 46.76 6.07
CA ALA D 164 35.31 46.21 5.34
C ALA D 164 35.24 44.68 5.44
N SER D 165 36.37 44.02 5.24
CA SER D 165 36.41 42.56 5.24
C SER D 165 36.10 41.98 6.62
N THR D 166 36.62 42.61 7.66
CA THR D 166 36.38 42.17 9.03
C THR D 166 34.91 42.31 9.41
N PHE D 167 34.29 43.40 8.96
CA PHE D 167 32.88 43.66 9.19
C PHE D 167 32.00 42.59 8.55
N LEU D 168 32.23 42.34 7.26
CA LEU D 168 31.39 41.43 6.49
C LEU D 168 31.56 40.00 6.98
N ARG D 169 32.76 39.69 7.46
CA ARG D 169 33.04 38.39 8.07
C ARG D 169 32.25 38.16 9.35
N ALA D 170 32.15 39.22 10.15
CA ALA D 170 31.36 39.19 11.37
C ALA D 170 29.87 38.95 11.12
N ARG D 171 29.34 39.52 10.05
CA ARG D 171 27.94 39.35 9.70
C ARG D 171 27.67 37.93 9.26
N LEU D 172 28.58 37.37 8.49
CA LEU D 172 28.44 36.00 8.00
C LEU D 172 28.55 34.99 9.13
N GLN D 173 29.44 35.26 10.08
CA GLN D 173 29.63 34.40 11.24
C GLN D 173 28.36 34.40 12.10
N GLU D 174 27.66 35.54 12.13
CA GLU D 174 26.36 35.64 12.79
C GLU D 174 25.34 34.70 12.20
N LEU D 175 25.24 34.72 10.88
CA LEU D 175 24.28 33.88 10.18
C LEU D 175 24.64 32.41 10.38
N LEU D 176 25.94 32.13 10.39
CA LEU D 176 26.44 30.77 10.64
C LEU D 176 25.97 30.22 11.97
N ASP D 177 26.08 31.05 13.00
CA ASP D 177 25.65 30.68 14.35
C ASP D 177 24.14 30.63 14.44
N LEU D 178 23.48 31.42 13.61
CA LEU D 178 22.02 31.44 13.54
C LEU D 178 21.47 30.12 13.01
N ALA D 179 22.18 29.52 12.06
CA ALA D 179 21.74 28.25 11.45
C ALA D 179 21.80 27.16 12.51
N GLY D 180 21.04 26.09 12.33
CA GLY D 180 21.16 25.02 13.29
C GLY D 180 22.38 24.16 13.12
N PHE D 181 22.71 23.43 14.17
CA PHE D 181 23.86 22.53 14.14
C PHE D 181 23.39 21.17 14.61
N PRO D 182 23.06 20.30 13.64
CA PRO D 182 22.53 18.98 13.95
C PRO D 182 23.59 18.02 14.47
N PRO D 183 23.17 16.94 15.17
CA PRO D 183 24.03 15.87 15.65
C PRO D 183 24.47 15.00 14.49
N GLY D 184 25.43 14.10 14.72
CA GLY D 184 25.85 13.20 13.67
C GLY D 184 27.26 13.51 13.21
N PRO D 185 27.81 12.61 12.36
CA PRO D 185 29.17 12.78 11.82
C PRO D 185 29.36 14.13 11.14
N PRO D 186 30.32 14.92 11.64
CA PRO D 186 30.54 16.29 11.16
C PRO D 186 31.16 16.36 9.77
N VAL D 187 31.05 17.51 9.12
CA VAL D 187 31.80 17.78 7.90
C VAL D 187 32.78 18.91 8.15
N LEU D 188 34.06 18.63 8.00
CA LEU D 188 35.09 19.63 8.29
C LEU D 188 35.31 20.57 7.12
N VAL D 189 35.25 21.87 7.39
CA VAL D 189 35.40 22.87 6.33
C VAL D 189 36.55 23.82 6.64
N THR D 190 37.48 23.95 5.70
CA THR D 190 38.60 24.85 5.86
C THR D 190 39.20 25.22 4.50
N THR D 191 40.43 25.71 4.50
CA THR D 191 41.14 26.05 3.27
C THR D 191 42.49 25.35 3.23
N PRO D 192 43.04 25.12 2.03
CA PRO D 192 44.37 24.50 1.94
C PRO D 192 45.46 25.34 2.59
N PRO D 193 46.57 24.72 3.01
CA PRO D 193 47.70 25.46 3.59
C PRO D 193 48.20 26.58 2.67
N GLY D 194 48.45 27.76 3.22
CA GLY D 194 48.90 28.88 2.43
C GLY D 194 47.78 29.78 1.97
N GLU D 195 46.55 29.27 2.09
CA GLU D 195 45.36 30.01 1.67
C GLU D 195 44.73 30.77 2.84
N ARG D 196 44.86 32.09 2.85
CA ARG D 196 44.38 32.90 3.96
C ARG D 196 43.00 33.54 3.74
N HIS D 197 42.41 33.35 2.56
CA HIS D 197 41.04 33.79 2.33
C HIS D 197 40.05 32.77 2.88
N GLU D 198 39.29 33.19 3.90
CA GLU D 198 38.49 32.25 4.67
C GLU D 198 37.00 32.40 4.42
N ILE D 199 36.62 33.48 3.73
CA ILE D 199 35.21 33.81 3.59
C ILE D 199 34.53 32.83 2.64
N GLY D 200 35.31 32.30 1.69
CA GLY D 200 34.84 31.25 0.80
C GLY D 200 34.48 29.98 1.54
N ALA D 201 35.32 29.61 2.50
CA ALA D 201 35.08 28.45 3.34
C ALA D 201 33.83 28.62 4.21
N MET D 202 33.67 29.81 4.78
CA MET D 202 32.49 30.11 5.59
C MET D 202 31.19 29.99 4.80
N LEU D 203 31.20 30.49 3.57
CA LEU D 203 30.02 30.39 2.71
C LEU D 203 29.62 28.94 2.46
N ALA D 204 30.62 28.09 2.23
CA ALA D 204 30.38 26.67 1.99
C ALA D 204 29.79 26.03 3.24
N ALA D 205 30.37 26.33 4.39
CA ALA D 205 29.88 25.80 5.65
C ALA D 205 28.47 26.26 5.98
N TYR D 206 28.15 27.50 5.58
CA TYR D 206 26.83 28.07 5.85
C TYR D 206 25.74 27.34 5.06
N HIS D 207 26.00 27.12 3.78
CA HIS D 207 25.03 26.46 2.90
C HIS D 207 24.83 25.02 3.31
N LEU D 208 25.87 24.39 3.85
CA LEU D 208 25.74 23.04 4.36
C LEU D 208 24.83 22.99 5.58
N ARG D 209 25.05 23.91 6.52
CA ARG D 209 24.22 23.97 7.71
C ARG D 209 22.75 24.24 7.41
N ARG D 210 22.52 25.10 6.43
CA ARG D 210 21.17 25.43 5.98
C ARG D 210 20.43 24.20 5.43
N LYS D 211 21.19 23.19 5.02
CA LYS D 211 20.62 21.96 4.51
C LYS D 211 20.69 20.83 5.53
N GLY D 212 20.95 21.19 6.79
CA GLY D 212 20.97 20.22 7.86
C GLY D 212 22.23 19.40 8.02
N VAL D 213 23.31 19.84 7.36
CA VAL D 213 24.61 19.18 7.50
C VAL D 213 25.46 19.81 8.60
N PRO D 214 25.94 18.98 9.54
CA PRO D 214 26.75 19.48 10.66
C PRO D 214 28.15 19.91 10.22
N ALA D 215 28.23 21.02 9.50
CA ALA D 215 29.51 21.52 8.99
C ALA D 215 30.33 22.21 10.08
N LEU D 216 31.45 21.59 10.43
CA LEU D 216 32.36 22.17 11.40
C LEU D 216 33.35 23.11 10.68
N TYR D 217 33.22 24.41 10.87
CA TYR D 217 34.14 25.37 10.27
C TYR D 217 35.38 25.53 11.12
N LEU D 218 36.54 25.19 10.57
CA LEU D 218 37.78 25.18 11.32
C LEU D 218 38.50 26.53 11.29
N GLY D 219 38.21 27.35 10.28
CA GLY D 219 39.06 28.49 9.99
C GLY D 219 39.97 28.16 8.82
N PRO D 220 40.79 29.13 8.38
CA PRO D 220 41.61 28.90 7.19
C PRO D 220 42.95 28.24 7.52
N ASP D 221 43.65 27.79 6.48
CA ASP D 221 45.07 27.46 6.56
C ASP D 221 45.34 26.29 7.51
N THR D 222 44.85 25.11 7.15
CA THR D 222 45.03 23.91 7.96
C THR D 222 45.98 22.92 7.31
N PRO D 223 47.05 22.52 8.02
CA PRO D 223 47.97 21.49 7.54
C PRO D 223 47.26 20.15 7.24
N LEU D 224 47.63 19.53 6.13
CA LEU D 224 46.96 18.30 5.68
C LEU D 224 47.06 17.09 6.64
N PRO D 225 48.24 16.85 7.24
CA PRO D 225 48.29 15.70 8.18
C PRO D 225 47.39 15.89 9.39
N ASP D 226 47.35 17.10 9.93
CA ASP D 226 46.50 17.41 11.08
C ASP D 226 45.02 17.33 10.72
N LEU D 227 44.69 17.76 9.51
CA LEU D 227 43.33 17.68 9.00
C LEU D 227 42.87 16.23 8.89
N ARG D 228 43.75 15.38 8.36
CA ARG D 228 43.42 13.97 8.21
C ARG D 228 43.24 13.30 9.57
N ALA D 229 44.10 13.66 10.52
CA ALA D 229 44.05 13.10 11.87
C ALA D 229 42.75 13.47 12.59
N LEU D 230 42.31 14.72 12.40
CA LEU D 230 41.07 15.20 13.01
C LEU D 230 39.86 14.53 12.39
N ALA D 231 39.86 14.45 11.07
CA ALA D 231 38.77 13.80 10.33
C ALA D 231 38.59 12.35 10.78
N ARG D 232 39.70 11.66 10.98
CA ARG D 232 39.68 10.27 11.44
C ARG D 232 39.10 10.15 12.85
N ARG D 233 39.56 11.02 13.75
CA ARG D 233 39.17 10.92 15.16
C ARG D 233 37.71 11.30 15.39
N LEU D 234 37.22 12.26 14.63
CA LEU D 234 35.82 12.70 14.77
C LEU D 234 34.88 11.88 13.91
N GLY D 235 35.45 10.99 13.09
CA GLY D 235 34.68 10.20 12.14
C GLY D 235 33.93 11.08 11.17
N ALA D 236 34.62 12.11 10.67
CA ALA D 236 34.01 13.06 9.74
C ALA D 236 33.66 12.37 8.43
N GLY D 237 32.46 12.66 7.92
CA GLY D 237 32.01 12.08 6.67
C GLY D 237 32.67 12.68 5.44
N ALA D 238 33.08 13.93 5.54
CA ALA D 238 33.68 14.62 4.39
C ALA D 238 34.53 15.80 4.82
N VAL D 239 35.44 16.21 3.93
CA VAL D 239 36.21 17.43 4.11
C VAL D 239 35.94 18.38 2.93
N VAL D 240 35.70 19.65 3.22
CA VAL D 240 35.49 20.64 2.17
C VAL D 240 36.55 21.73 2.21
N LEU D 241 37.16 21.98 1.06
CA LEU D 241 38.22 22.97 0.96
C LEU D 241 37.86 24.10 0.00
N SER D 242 38.04 25.34 0.46
CA SER D 242 37.85 26.49 -0.41
C SER D 242 39.20 27.07 -0.84
N ALA D 243 39.42 27.13 -2.15
CA ALA D 243 40.65 27.70 -2.67
C ALA D 243 40.37 28.94 -3.52
N VAL D 244 40.81 30.09 -3.03
CA VAL D 244 40.64 31.35 -3.76
C VAL D 244 41.83 31.61 -4.67
N LEU D 245 43.03 31.39 -4.15
CA LEU D 245 44.24 31.47 -4.96
C LEU D 245 44.57 30.10 -5.54
N SER D 246 45.28 30.09 -6.67
CA SER D 246 45.66 28.84 -7.31
C SER D 246 47.03 28.35 -6.88
N GLU D 247 47.90 29.27 -6.47
CA GLU D 247 49.25 28.90 -6.06
C GLU D 247 49.34 27.90 -4.90
N PRO D 248 48.48 28.04 -3.87
CA PRO D 248 48.52 27.02 -2.80
C PRO D 248 48.18 25.61 -3.29
N LEU D 249 47.34 25.50 -4.30
CA LEU D 249 47.00 24.20 -4.88
C LEU D 249 48.15 23.65 -5.71
N ARG D 250 48.75 24.52 -6.52
CA ARG D 250 49.86 24.12 -7.37
C ARG D 250 51.04 23.61 -6.55
N ALA D 251 51.17 24.12 -5.32
CA ALA D 251 52.27 23.74 -4.45
C ALA D 251 52.08 22.34 -3.87
N LEU D 252 50.87 21.80 -3.95
CA LEU D 252 50.57 20.49 -3.39
C LEU D 252 50.93 19.38 -4.38
N PRO D 253 51.46 18.26 -3.88
CA PRO D 253 51.76 17.10 -4.73
C PRO D 253 50.50 16.35 -5.17
N ASP D 254 50.64 15.52 -6.20
CA ASP D 254 49.54 14.69 -6.70
C ASP D 254 48.94 13.80 -5.62
N GLY D 255 47.61 13.69 -5.60
CA GLY D 255 46.94 12.82 -4.66
C GLY D 255 46.95 13.25 -3.21
N ALA D 256 47.41 14.47 -2.96
CA ALA D 256 47.57 15.00 -1.62
C ALA D 256 46.28 15.00 -0.80
N LEU D 257 45.15 15.17 -1.48
CA LEU D 257 43.86 15.27 -0.81
C LEU D 257 43.07 13.96 -0.77
N LYS D 258 43.62 12.91 -1.37
CA LYS D 258 42.86 11.68 -1.59
C LYS D 258 42.35 11.01 -0.31
N ASP D 259 43.19 10.95 0.72
CA ASP D 259 42.85 10.15 1.90
C ASP D 259 42.47 10.98 3.12
N LEU D 260 42.08 12.24 2.90
CA LEU D 260 41.72 13.13 4.00
C LEU D 260 40.47 12.65 4.72
N ALA D 261 39.48 12.24 3.94
CA ALA D 261 38.19 11.81 4.47
C ALA D 261 37.51 10.93 3.43
N PRO D 262 36.45 10.20 3.81
CA PRO D 262 35.72 9.39 2.84
C PRO D 262 35.35 10.12 1.55
N ARG D 263 34.98 11.40 1.67
CA ARG D 263 34.78 12.24 0.48
C ARG D 263 35.47 13.60 0.63
N VAL D 264 36.07 14.09 -0.44
CA VAL D 264 36.82 15.34 -0.41
C VAL D 264 36.39 16.28 -1.54
N PHE D 265 35.91 17.46 -1.17
CA PHE D 265 35.42 18.44 -2.15
C PHE D 265 36.32 19.67 -2.23
N LEU D 266 36.50 20.18 -3.44
CA LEU D 266 37.33 21.35 -3.67
C LEU D 266 36.63 22.37 -4.57
N GLY D 267 36.64 23.64 -4.17
CA GLY D 267 36.02 24.67 -4.99
C GLY D 267 36.61 26.04 -4.69
N GLY D 268 36.08 27.06 -5.36
CA GLY D 268 36.58 28.41 -5.22
C GLY D 268 37.15 28.90 -6.54
N GLN D 269 37.54 30.17 -6.58
CA GLN D 269 38.09 30.78 -7.79
C GLN D 269 39.43 30.18 -8.19
N GLY D 270 40.21 29.76 -7.20
CA GLY D 270 41.54 29.21 -7.44
C GLY D 270 41.52 27.74 -7.85
N ALA D 271 40.35 27.13 -7.85
CA ALA D 271 40.24 25.70 -8.12
C ALA D 271 39.60 25.44 -9.48
N GLY D 272 40.03 24.36 -10.12
CA GLY D 272 39.47 23.93 -11.40
C GLY D 272 39.30 22.43 -11.46
N PRO D 273 38.51 21.94 -12.43
CA PRO D 273 38.26 20.50 -12.59
C PRO D 273 39.56 19.72 -12.84
N GLU D 274 40.41 20.23 -13.74
CA GLU D 274 41.68 19.60 -14.05
C GLU D 274 42.59 19.47 -12.83
N GLU D 275 42.64 20.54 -12.03
CA GLU D 275 43.49 20.59 -10.85
C GLU D 275 42.95 19.69 -9.74
N ALA D 276 41.62 19.64 -9.63
CA ALA D 276 40.97 18.79 -8.64
C ALA D 276 41.22 17.31 -8.87
N ARG D 277 41.19 16.89 -10.14
CA ARG D 277 41.48 15.51 -10.50
C ARG D 277 42.90 15.09 -10.12
N ARG D 278 43.85 16.00 -10.31
CA ARG D 278 45.24 15.73 -9.99
C ARG D 278 45.46 15.54 -8.49
N LEU D 279 44.75 16.32 -7.69
CA LEU D 279 44.94 16.28 -6.24
C LEU D 279 44.11 15.18 -5.60
N GLY D 280 43.21 14.58 -6.38
CA GLY D 280 42.37 13.50 -5.88
C GLY D 280 41.13 13.99 -5.15
N ALA D 281 40.62 15.16 -5.55
CA ALA D 281 39.41 15.69 -4.95
C ALA D 281 38.31 15.85 -5.99
N GLU D 282 37.07 15.95 -5.52
CA GLU D 282 35.93 16.21 -6.39
C GLU D 282 35.70 17.69 -6.60
N TYR D 283 35.65 18.12 -7.86
CA TYR D 283 35.41 19.52 -8.16
C TYR D 283 33.92 19.87 -8.05
N MET D 284 33.63 20.99 -7.38
CA MET D 284 32.28 21.56 -7.27
C MET D 284 32.19 23.00 -7.75
N GLU D 285 31.38 23.19 -8.80
CA GLU D 285 31.17 24.49 -9.44
C GLU D 285 30.50 25.51 -8.53
N ASP D 286 29.40 25.12 -7.87
CA ASP D 286 28.72 26.14 -7.10
C ASP D 286 28.33 25.59 -5.74
N LEU D 287 28.03 26.53 -4.84
CA LEU D 287 27.69 26.22 -3.46
C LEU D 287 26.35 25.54 -3.25
N LYS D 288 25.43 25.78 -4.18
CA LYS D 288 24.09 25.21 -4.14
C LYS D 288 24.07 23.69 -4.25
N GLY D 289 24.81 23.19 -5.21
CA GLY D 289 24.97 21.79 -5.56
C GLY D 289 25.77 20.98 -4.57
N LEU D 290 26.58 21.65 -3.77
CA LEU D 290 27.46 20.99 -2.81
C LEU D 290 26.72 20.18 -1.73
N ALA D 291 25.68 20.76 -1.13
CA ALA D 291 24.92 20.09 -0.07
C ALA D 291 24.20 18.85 -0.63
N GLU D 292 23.76 18.92 -1.88
CA GLU D 292 22.98 17.82 -2.43
C GLU D 292 23.94 16.73 -2.90
N ALA D 293 25.18 17.13 -3.18
CA ALA D 293 26.21 16.21 -3.67
C ALA D 293 26.57 15.20 -2.57
N LEU D 294 26.22 15.54 -1.33
CA LEU D 294 26.55 14.70 -0.19
C LEU D 294 25.61 13.50 -0.08
N TRP D 295 24.54 13.53 -0.86
CA TRP D 295 23.57 12.45 -0.86
C TRP D 295 23.81 11.51 -2.04
N LEU D 296 24.20 12.07 -3.18
CA LEU D 296 24.52 11.29 -4.37
C LEU D 296 25.96 10.81 -4.33
N PRO D 297 26.17 9.52 -4.61
CA PRO D 297 27.50 8.89 -4.53
C PRO D 297 28.39 9.12 -5.74
N ARG D 298 29.58 9.69 -5.49
CA ARG D 298 30.62 9.84 -6.51
C ARG D 298 30.16 10.60 -7.76
N GLY D 299 30.25 9.92 -8.90
CA GLY D 299 29.94 10.53 -10.18
C GLY D 299 28.48 10.95 -10.34
N PRO D 300 27.60 9.98 -10.62
CA PRO D 300 26.18 10.26 -10.83
C PRO D 300 25.49 10.75 -9.54
N VAL E 26 -24.60 -15.34 -34.72
CA VAL E 26 -24.52 -13.89 -34.92
C VAL E 26 -23.18 -13.47 -35.51
N TYR E 27 -23.24 -12.70 -36.60
CA TYR E 27 -22.03 -12.18 -37.24
C TYR E 27 -22.21 -10.71 -37.61
N THR E 28 -21.19 -10.12 -38.22
CA THR E 28 -21.28 -8.74 -38.69
C THR E 28 -21.27 -8.71 -40.22
N ILE E 29 -21.69 -7.58 -40.77
CA ILE E 29 -21.70 -7.41 -42.22
C ILE E 29 -20.28 -7.21 -42.74
N ALA E 30 -19.37 -6.86 -41.84
CA ALA E 30 -17.97 -6.68 -42.18
C ALA E 30 -17.27 -8.03 -42.28
N GLU E 31 -17.63 -8.94 -41.37
CA GLU E 31 -17.06 -10.28 -41.36
C GLU E 31 -17.46 -11.06 -42.61
N VAL E 32 -18.69 -10.87 -43.06
CA VAL E 32 -19.20 -11.54 -44.25
C VAL E 32 -18.45 -11.03 -45.50
N GLU E 33 -18.14 -9.75 -45.50
CA GLU E 33 -17.44 -9.13 -46.62
C GLU E 33 -16.00 -9.64 -46.73
N ALA E 34 -15.48 -10.19 -45.64
CA ALA E 34 -14.12 -10.69 -45.61
C ALA E 34 -14.08 -12.22 -45.64
N MET E 35 -15.26 -12.84 -45.66
CA MET E 35 -15.36 -14.29 -45.68
C MET E 35 -15.93 -14.80 -47.00
N THR E 36 -16.85 -14.02 -47.57
CA THR E 36 -17.50 -14.40 -48.82
C THR E 36 -16.86 -13.72 -50.03
N GLY E 37 -16.35 -12.51 -49.81
CA GLY E 37 -15.75 -11.73 -50.87
C GLY E 37 -16.70 -10.68 -51.41
N LEU E 38 -18.00 -10.91 -51.21
CA LEU E 38 -19.02 -9.96 -51.63
C LEU E 38 -19.02 -8.73 -50.73
N SER E 39 -19.09 -7.55 -51.35
CA SER E 39 -19.06 -6.30 -50.60
C SER E 39 -20.31 -6.12 -49.75
N ALA E 40 -20.23 -5.26 -48.74
CA ALA E 40 -21.34 -5.02 -47.83
C ALA E 40 -22.51 -4.35 -48.53
N GLU E 41 -22.22 -3.59 -49.58
CA GLU E 41 -23.25 -2.88 -50.34
C GLU E 41 -24.16 -3.86 -51.07
N VAL E 42 -23.59 -4.99 -51.50
CA VAL E 42 -24.35 -6.01 -52.22
C VAL E 42 -25.27 -6.78 -51.29
N LEU E 43 -24.76 -7.12 -50.11
CA LEU E 43 -25.49 -7.91 -49.13
C LEU E 43 -26.80 -7.24 -48.70
N ARG E 44 -26.80 -5.92 -48.67
CA ARG E 44 -27.99 -5.17 -48.28
C ARG E 44 -28.98 -5.04 -49.44
N GLN E 45 -28.47 -5.14 -50.66
CA GLN E 45 -29.32 -5.03 -51.84
C GLN E 45 -30.09 -6.32 -52.11
N TRP E 46 -29.42 -7.46 -51.90
CA TRP E 46 -30.07 -8.75 -52.11
C TRP E 46 -31.13 -9.01 -51.05
N GLU E 47 -31.00 -8.35 -49.90
CA GLU E 47 -31.97 -8.44 -48.84
C GLU E 47 -33.19 -7.56 -49.16
N ARG E 48 -32.98 -6.60 -50.05
CA ARG E 48 -34.03 -5.66 -50.42
C ARG E 48 -34.84 -6.14 -51.63
N ARG E 49 -34.17 -6.82 -52.56
CA ARG E 49 -34.80 -7.24 -53.81
C ARG E 49 -35.30 -8.69 -53.76
N TYR E 50 -34.73 -9.49 -52.87
CA TYR E 50 -35.09 -10.90 -52.78
C TYR E 50 -35.60 -11.28 -51.39
N GLY E 51 -35.05 -10.63 -50.38
CA GLY E 51 -35.40 -10.93 -49.00
C GLY E 51 -34.39 -11.86 -48.36
N PHE E 52 -33.52 -12.45 -49.18
CA PHE E 52 -32.47 -13.34 -48.70
C PHE E 52 -31.10 -12.72 -48.94
N PRO E 53 -30.23 -12.75 -47.91
CA PRO E 53 -30.51 -13.32 -46.60
C PRO E 53 -31.25 -12.36 -45.67
N LYS E 54 -32.02 -12.92 -44.73
CA LYS E 54 -32.74 -12.10 -43.75
C LYS E 54 -32.26 -12.43 -42.33
N PRO E 55 -31.15 -11.82 -41.91
CA PRO E 55 -30.55 -12.08 -40.61
C PRO E 55 -31.32 -11.41 -39.47
N ARG E 56 -31.12 -11.90 -38.25
CA ARG E 56 -31.72 -11.28 -37.08
C ARG E 56 -31.15 -9.89 -36.88
N ARG E 57 -31.97 -8.94 -36.44
CA ARG E 57 -31.52 -7.57 -36.31
C ARG E 57 -31.45 -7.09 -34.86
N THR E 58 -30.46 -6.25 -34.59
CA THR E 58 -30.30 -5.60 -33.29
C THR E 58 -31.46 -4.64 -33.04
N PRO E 59 -31.77 -4.34 -31.77
CA PRO E 59 -32.82 -3.39 -31.42
C PRO E 59 -32.67 -2.03 -32.11
N GLY E 60 -31.45 -1.68 -32.48
CA GLY E 60 -31.20 -0.43 -33.19
C GLY E 60 -31.53 -0.53 -34.66
N GLY E 61 -31.05 -1.60 -35.31
CA GLY E 61 -31.30 -1.81 -36.72
C GLY E 61 -30.16 -2.53 -37.41
N HIS E 62 -29.10 -2.81 -36.66
CA HIS E 62 -27.93 -3.49 -37.21
C HIS E 62 -28.24 -4.95 -37.54
N ARG E 63 -27.44 -5.55 -38.40
CA ARG E 63 -27.68 -6.92 -38.85
C ARG E 63 -26.76 -7.92 -38.15
N LEU E 64 -27.28 -9.13 -37.95
CA LEU E 64 -26.52 -10.19 -37.29
C LEU E 64 -26.69 -11.51 -38.04
N TYR E 65 -25.83 -11.74 -39.03
CA TYR E 65 -25.91 -12.94 -39.86
C TYR E 65 -25.56 -14.20 -39.09
N SER E 66 -26.17 -15.32 -39.50
CA SER E 66 -25.90 -16.61 -38.85
C SER E 66 -24.86 -17.39 -39.66
N ALA E 67 -24.27 -18.39 -39.01
CA ALA E 67 -23.25 -19.22 -39.65
C ALA E 67 -23.83 -20.03 -40.82
N GLU E 68 -25.10 -20.38 -40.70
CA GLU E 68 -25.78 -21.12 -41.76
C GLU E 68 -25.91 -20.26 -43.01
N ASP E 69 -26.07 -18.95 -42.82
CA ASP E 69 -26.18 -18.01 -43.93
C ASP E 69 -24.82 -17.75 -44.57
N VAL E 70 -23.77 -17.84 -43.75
CA VAL E 70 -22.40 -17.58 -44.22
C VAL E 70 -21.97 -18.62 -45.23
N GLU E 71 -22.16 -19.90 -44.90
CA GLU E 71 -21.82 -20.99 -45.81
C GLU E 71 -22.76 -21.01 -47.01
N ALA E 72 -23.96 -20.48 -46.82
CA ALA E 72 -24.95 -20.40 -47.89
C ALA E 72 -24.51 -19.41 -48.96
N LEU E 73 -24.06 -18.23 -48.53
CA LEU E 73 -23.62 -17.20 -49.46
C LEU E 73 -22.35 -17.62 -50.19
N LYS E 74 -21.51 -18.41 -49.51
CA LYS E 74 -20.28 -18.91 -50.10
C LYS E 74 -20.56 -19.88 -51.24
N THR E 75 -21.75 -20.51 -51.19
CA THR E 75 -22.16 -21.45 -52.21
C THR E 75 -22.72 -20.70 -53.43
N ILE E 76 -23.43 -19.61 -53.16
CA ILE E 76 -24.01 -18.80 -54.23
C ILE E 76 -22.93 -18.11 -55.05
N LYS E 77 -21.83 -17.76 -54.39
CA LYS E 77 -20.70 -17.12 -55.06
C LYS E 77 -20.07 -18.07 -56.08
N ARG E 78 -20.17 -19.36 -55.82
CA ARG E 78 -19.66 -20.39 -56.72
C ARG E 78 -20.48 -20.45 -58.01
N TRP E 79 -21.79 -20.41 -57.85
CA TRP E 79 -22.71 -20.49 -58.98
C TRP E 79 -22.65 -19.24 -59.85
N LEU E 80 -22.47 -18.09 -59.22
CA LEU E 80 -22.37 -16.82 -59.95
C LEU E 80 -21.09 -16.77 -60.77
N GLU E 81 -20.04 -17.43 -60.28
CA GLU E 81 -18.77 -17.48 -60.98
C GLU E 81 -18.74 -18.61 -62.00
N GLU E 82 -19.70 -19.51 -61.90
CA GLU E 82 -19.81 -20.63 -62.84
C GLU E 82 -20.75 -20.29 -63.99
N GLY E 83 -21.46 -19.18 -63.86
CA GLY E 83 -22.37 -18.73 -64.90
C GLY E 83 -23.82 -18.80 -64.47
N ALA E 84 -24.22 -17.87 -63.61
CA ALA E 84 -25.60 -17.79 -63.13
C ALA E 84 -25.94 -16.39 -62.66
N THR E 85 -27.22 -16.06 -62.70
CA THR E 85 -27.69 -14.76 -62.24
C THR E 85 -28.16 -14.84 -60.79
N PRO E 86 -27.93 -13.76 -60.02
CA PRO E 86 -28.29 -13.71 -58.60
C PRO E 86 -29.77 -13.97 -58.33
N LYS E 87 -30.62 -13.65 -59.30
CA LYS E 87 -32.06 -13.84 -59.13
C LYS E 87 -32.43 -15.33 -59.12
N ALA E 88 -31.71 -16.12 -59.91
CA ALA E 88 -31.98 -17.55 -60.01
C ALA E 88 -31.07 -18.35 -59.09
N ALA E 89 -29.90 -17.80 -58.79
CA ALA E 89 -28.94 -18.47 -57.92
C ALA E 89 -29.46 -18.58 -56.50
N ILE E 90 -30.26 -17.60 -56.09
CA ILE E 90 -30.86 -17.59 -54.77
C ILE E 90 -32.12 -18.43 -54.74
N ARG E 91 -32.93 -18.32 -55.79
CA ARG E 91 -34.18 -19.05 -55.90
C ARG E 91 -33.96 -20.56 -55.93
N ARG E 92 -32.87 -20.97 -56.57
CA ARG E 92 -32.56 -22.40 -56.68
C ARG E 92 -32.04 -22.95 -55.36
N TYR E 93 -31.53 -22.06 -54.51
CA TYR E 93 -31.02 -22.47 -53.21
C TYR E 93 -32.12 -22.44 -52.16
N LEU E 94 -33.05 -21.50 -52.30
CA LEU E 94 -34.16 -21.36 -51.37
C LEU E 94 -35.11 -22.56 -51.45
N ALA E 95 -35.33 -23.06 -52.66
CA ALA E 95 -36.19 -24.20 -52.87
C ALA E 95 -35.40 -25.43 -53.31
N GLN E 96 -34.26 -25.65 -52.65
CA GLN E 96 -33.39 -26.77 -52.99
C GLN E 96 -33.74 -28.04 -52.20
N GLU E 97 -34.93 -28.57 -52.46
CA GLU E 97 -35.36 -29.81 -51.82
C GLU E 97 -34.53 -30.98 -52.34
N VAL E 98 -33.70 -31.55 -51.46
CA VAL E 98 -32.78 -32.60 -51.86
C VAL E 98 -33.47 -33.96 -52.01
N ARG E 99 -33.32 -34.56 -53.18
CA ARG E 99 -33.91 -35.87 -53.47
C ARG E 99 -33.25 -36.97 -52.65
N PRO E 100 -33.97 -38.08 -52.43
CA PRO E 100 -33.43 -39.23 -51.69
C PRO E 100 -32.11 -39.76 -52.27
N GLU E 101 -32.09 -40.08 -53.56
CA GLU E 101 -30.87 -40.59 -54.19
C GLU E 101 -29.82 -39.50 -54.35
N ASP E 102 -30.23 -38.25 -54.21
CA ASP E 102 -29.32 -37.12 -54.33
C ASP E 102 -28.52 -36.89 -53.05
N LEU E 103 -28.91 -37.57 -51.98
CA LEU E 103 -28.22 -37.44 -50.70
C LEU E 103 -26.84 -38.07 -50.74
N GLY E 104 -26.71 -39.20 -51.45
CA GLY E 104 -25.42 -39.84 -51.57
C GLY E 104 -24.46 -38.99 -52.36
N THR E 105 -24.92 -38.45 -53.48
CA THR E 105 -24.13 -37.54 -54.30
C THR E 105 -23.80 -36.26 -53.56
N GLY E 106 -24.81 -35.69 -52.89
CA GLY E 106 -24.67 -34.47 -52.12
C GLY E 106 -23.70 -34.58 -50.97
N LEU E 107 -23.79 -35.67 -50.21
CA LEU E 107 -22.91 -35.89 -49.06
C LEU E 107 -21.45 -35.95 -49.48
N LEU E 108 -21.17 -36.68 -50.56
CA LEU E 108 -19.81 -36.82 -51.04
C LEU E 108 -19.25 -35.48 -51.53
N GLU E 109 -20.08 -34.73 -52.24
CA GLU E 109 -19.70 -33.41 -52.75
C GLU E 109 -19.39 -32.46 -51.60
N ALA E 110 -20.21 -32.53 -50.55
CA ALA E 110 -20.01 -31.70 -49.36
C ALA E 110 -18.70 -32.02 -48.65
N LEU E 111 -18.38 -33.31 -48.56
CA LEU E 111 -17.13 -33.77 -47.95
C LEU E 111 -15.91 -33.36 -48.76
N LEU E 112 -16.02 -33.50 -50.08
CA LEU E 112 -14.92 -33.17 -50.98
C LEU E 112 -14.56 -31.69 -50.97
N ARG E 113 -15.52 -30.84 -50.59
CA ARG E 113 -15.26 -29.40 -50.50
C ARG E 113 -14.90 -28.98 -49.07
N GLY E 114 -14.81 -29.95 -48.17
CA GLY E 114 -14.41 -29.68 -46.81
C GLY E 114 -15.49 -29.08 -45.91
N ASP E 115 -16.75 -29.24 -46.32
CA ASP E 115 -17.87 -28.69 -45.57
C ASP E 115 -18.43 -29.70 -44.56
N LEU E 116 -17.76 -29.84 -43.41
CA LEU E 116 -18.18 -30.83 -42.41
C LEU E 116 -19.56 -30.50 -41.85
N ALA E 117 -19.82 -29.22 -41.64
CA ALA E 117 -21.09 -28.77 -41.09
C ALA E 117 -22.23 -29.17 -42.01
N GLY E 118 -22.08 -28.87 -43.31
CA GLY E 118 -23.06 -29.27 -44.30
C GLY E 118 -23.22 -30.77 -44.42
N ALA E 119 -22.11 -31.48 -44.29
CA ALA E 119 -22.10 -32.93 -44.39
C ALA E 119 -22.86 -33.57 -43.23
N GLU E 120 -22.59 -33.07 -42.03
CA GLU E 120 -23.27 -33.54 -40.82
C GLU E 120 -24.77 -33.31 -40.90
N ALA E 121 -25.17 -32.16 -41.42
CA ALA E 121 -26.57 -31.81 -41.59
C ALA E 121 -27.26 -32.74 -42.57
N LEU E 122 -26.58 -33.06 -43.67
CA LEU E 122 -27.13 -33.94 -44.69
C LEU E 122 -27.32 -35.36 -44.15
N PHE E 123 -26.38 -35.79 -43.32
CA PHE E 123 -26.44 -37.12 -42.71
C PHE E 123 -27.60 -37.26 -41.74
N ARG E 124 -27.86 -36.23 -40.94
CA ARG E 124 -28.96 -36.28 -39.97
C ARG E 124 -30.30 -36.34 -40.70
N ARG E 125 -30.36 -35.68 -41.85
CA ARG E 125 -31.53 -35.74 -42.71
C ARG E 125 -31.81 -37.18 -43.12
N GLY E 126 -30.78 -37.87 -43.61
CA GLY E 126 -30.91 -39.26 -44.02
C GLY E 126 -31.23 -40.22 -42.89
N LEU E 127 -30.71 -39.93 -41.71
CA LEU E 127 -30.98 -40.72 -40.50
C LEU E 127 -32.47 -40.68 -40.17
N ARG E 128 -33.08 -39.51 -40.30
CA ARG E 128 -34.50 -39.37 -40.00
C ARG E 128 -35.39 -40.04 -41.06
N PHE E 129 -34.94 -40.12 -42.30
CA PHE E 129 -35.77 -40.74 -43.34
C PHE E 129 -35.70 -42.27 -43.34
N TRP E 130 -34.52 -42.85 -43.50
CA TRP E 130 -34.43 -44.31 -43.58
C TRP E 130 -34.37 -44.97 -42.22
N GLY E 131 -34.09 -44.19 -41.17
CA GLY E 131 -33.89 -44.77 -39.86
C GLY E 131 -32.44 -45.20 -39.66
N PRO E 132 -32.09 -45.61 -38.43
CA PRO E 132 -30.73 -45.98 -38.03
C PRO E 132 -30.13 -47.03 -38.97
N GLU E 133 -30.79 -48.16 -39.14
CA GLU E 133 -30.28 -49.21 -40.02
C GLU E 133 -30.37 -48.79 -41.48
N GLY E 134 -31.46 -48.13 -41.84
CA GLY E 134 -31.67 -47.68 -43.20
C GLY E 134 -30.61 -46.74 -43.75
N VAL E 135 -30.19 -45.78 -42.92
CA VAL E 135 -29.23 -44.77 -43.34
C VAL E 135 -27.84 -45.40 -43.59
N LEU E 136 -27.55 -46.50 -42.90
CA LEU E 136 -26.29 -47.19 -43.11
C LEU E 136 -26.24 -47.91 -44.45
N GLU E 137 -27.34 -48.56 -44.81
CA GLU E 137 -27.42 -49.30 -46.07
C GLU E 137 -27.50 -48.41 -47.29
N HIS E 138 -28.30 -47.36 -47.21
CA HIS E 138 -28.60 -46.54 -48.38
C HIS E 138 -27.78 -45.24 -48.48
N LEU E 139 -27.01 -44.93 -47.44
CA LEU E 139 -26.25 -43.69 -47.47
C LEU E 139 -24.79 -43.95 -47.11
N LEU E 140 -24.55 -44.52 -45.92
CA LEU E 140 -23.21 -44.76 -45.42
C LEU E 140 -22.42 -45.71 -46.31
N LEU E 141 -23.02 -46.85 -46.65
CA LEU E 141 -22.36 -47.86 -47.46
C LEU E 141 -22.12 -47.45 -48.93
N PRO E 142 -23.15 -46.90 -49.62
CA PRO E 142 -22.90 -46.52 -51.02
C PRO E 142 -21.85 -45.42 -51.20
N VAL E 143 -21.76 -44.49 -50.26
CA VAL E 143 -20.76 -43.43 -50.32
C VAL E 143 -19.36 -43.98 -50.16
N LEU E 144 -19.18 -44.87 -49.19
CA LEU E 144 -17.87 -45.50 -48.96
C LEU E 144 -17.38 -46.31 -50.16
N ARG E 145 -18.30 -47.02 -50.81
CA ARG E 145 -17.94 -47.79 -52.00
C ARG E 145 -17.52 -46.88 -53.14
N GLU E 146 -18.30 -45.82 -53.36
CA GLU E 146 -18.01 -44.87 -54.43
C GLU E 146 -16.70 -44.13 -54.20
N VAL E 147 -16.42 -43.78 -52.94
CA VAL E 147 -15.15 -43.16 -52.58
C VAL E 147 -13.95 -44.02 -52.97
N GLY E 148 -14.05 -45.32 -52.72
CA GLY E 148 -12.99 -46.25 -53.09
C GLY E 148 -12.81 -46.34 -54.60
N GLU E 149 -13.94 -46.36 -55.31
CA GLU E 149 -13.93 -46.44 -56.77
C GLU E 149 -13.41 -45.15 -57.38
N ALA E 150 -13.82 -44.02 -56.80
CA ALA E 150 -13.40 -42.72 -57.29
C ALA E 150 -11.89 -42.58 -57.14
N TRP E 151 -11.36 -43.05 -56.02
CA TRP E 151 -9.93 -43.03 -55.76
C TRP E 151 -9.25 -43.95 -56.78
N HIS E 152 -9.85 -45.11 -57.01
CA HIS E 152 -9.29 -46.11 -57.92
C HIS E 152 -9.24 -45.58 -59.35
N ARG E 153 -10.23 -44.77 -59.73
CA ARG E 153 -10.26 -44.18 -61.06
C ARG E 153 -9.30 -42.99 -61.16
N GLY E 154 -8.84 -42.51 -60.02
CA GLY E 154 -7.93 -41.38 -59.99
C GLY E 154 -8.63 -40.03 -59.93
N GLU E 155 -9.91 -40.05 -59.56
CA GLU E 155 -10.69 -38.81 -59.51
C GLU E 155 -10.41 -38.07 -58.21
N ILE E 156 -10.11 -38.81 -57.15
CA ILE E 156 -9.73 -38.21 -55.89
C ILE E 156 -8.44 -38.85 -55.36
N GLY E 157 -7.76 -38.12 -54.48
CA GLY E 157 -6.53 -38.57 -53.86
C GLY E 157 -6.79 -39.26 -52.53
N VAL E 158 -5.75 -39.81 -51.93
CA VAL E 158 -5.87 -40.54 -50.68
C VAL E 158 -6.35 -39.61 -49.55
N ALA E 159 -5.85 -38.37 -49.56
CA ALA E 159 -6.20 -37.39 -48.53
C ALA E 159 -7.69 -37.07 -48.51
N GLU E 160 -8.30 -37.05 -49.69
CA GLU E 160 -9.72 -36.79 -49.81
C GLU E 160 -10.55 -37.95 -49.27
N GLU E 161 -10.11 -39.17 -49.55
CA GLU E 161 -10.72 -40.38 -49.00
C GLU E 161 -10.66 -40.39 -47.48
N HIS E 162 -9.47 -40.08 -46.95
CA HIS E 162 -9.25 -40.05 -45.51
C HIS E 162 -10.26 -39.17 -44.78
N LEU E 163 -10.49 -37.97 -45.31
CA LEU E 163 -11.42 -37.02 -44.72
C LEU E 163 -12.82 -37.64 -44.66
N ALA E 164 -13.27 -38.17 -45.78
CA ALA E 164 -14.60 -38.76 -45.89
C ALA E 164 -14.76 -39.99 -45.00
N SER E 165 -13.75 -40.85 -44.98
CA SER E 165 -13.82 -42.08 -44.20
C SER E 165 -13.82 -41.81 -42.70
N THR E 166 -13.03 -40.84 -42.26
CA THR E 166 -12.96 -40.47 -40.86
C THR E 166 -14.28 -39.88 -40.37
N PHE E 167 -14.90 -39.06 -41.22
CA PHE E 167 -16.20 -38.48 -40.93
C PHE E 167 -17.28 -39.53 -40.75
N LEU E 168 -17.39 -40.44 -41.72
CA LEU E 168 -18.44 -41.43 -41.71
C LEU E 168 -18.26 -42.42 -40.56
N ARG E 169 -17.01 -42.70 -40.22
CA ARG E 169 -16.69 -43.55 -39.09
C ARG E 169 -17.18 -42.91 -37.78
N ALA E 170 -17.03 -41.59 -37.68
CA ALA E 170 -17.46 -40.85 -36.49
C ALA E 170 -18.99 -40.88 -36.31
N ARG E 171 -19.72 -40.83 -37.41
CA ARG E 171 -21.18 -40.90 -37.37
C ARG E 171 -21.64 -42.28 -36.91
N LEU E 172 -20.98 -43.31 -37.41
CA LEU E 172 -21.34 -44.69 -37.09
C LEU E 172 -21.03 -44.98 -35.61
N GLN E 173 -19.91 -44.47 -35.13
CA GLN E 173 -19.54 -44.64 -33.73
C GLN E 173 -20.55 -43.95 -32.81
N GLU E 174 -21.11 -42.84 -33.28
CA GLU E 174 -22.13 -42.11 -32.54
C GLU E 174 -23.39 -42.97 -32.38
N LEU E 175 -23.80 -43.65 -33.45
CA LEU E 175 -24.96 -44.53 -33.42
C LEU E 175 -24.67 -45.73 -32.52
N LEU E 176 -23.43 -46.22 -32.59
CA LEU E 176 -23.02 -47.37 -31.78
C LEU E 176 -23.21 -47.04 -30.30
N ASP E 177 -22.77 -45.84 -29.91
CA ASP E 177 -22.88 -45.39 -28.52
C ASP E 177 -24.31 -45.08 -28.12
N LEU E 178 -25.19 -44.86 -29.10
CA LEU E 178 -26.57 -44.53 -28.77
C LEU E 178 -27.38 -45.80 -28.59
N ALA E 179 -26.85 -46.91 -29.09
CA ALA E 179 -27.53 -48.17 -28.90
C ALA E 179 -27.27 -48.59 -27.44
N GLY E 180 -28.16 -49.42 -26.92
CA GLY E 180 -28.04 -50.02 -25.60
C GLY E 180 -26.82 -50.91 -25.44
N PHE E 181 -26.23 -50.95 -24.25
CA PHE E 181 -25.20 -51.95 -23.99
C PHE E 181 -25.59 -52.82 -22.79
N PRO E 182 -26.32 -53.92 -23.04
CA PRO E 182 -26.84 -54.83 -22.00
C PRO E 182 -25.74 -55.55 -21.21
N PRO E 183 -26.06 -55.99 -19.97
CA PRO E 183 -25.12 -56.79 -19.19
C PRO E 183 -24.97 -58.19 -19.79
N GLY E 184 -24.25 -59.09 -19.12
CA GLY E 184 -24.09 -60.45 -19.60
C GLY E 184 -22.82 -60.68 -20.41
N PRO E 185 -22.51 -61.95 -20.71
CA PRO E 185 -21.33 -62.34 -21.49
C PRO E 185 -21.20 -61.56 -22.80
N PRO E 186 -20.08 -60.86 -22.99
CA PRO E 186 -19.91 -59.99 -24.16
C PRO E 186 -19.63 -60.77 -25.43
N VAL E 187 -19.79 -60.10 -26.58
CA VAL E 187 -19.36 -60.64 -27.86
C VAL E 187 -18.25 -59.74 -28.40
N LEU E 188 -17.08 -60.29 -28.63
CA LEU E 188 -15.94 -59.50 -29.09
C LEU E 188 -15.95 -59.36 -30.59
N VAL E 189 -15.88 -58.12 -31.07
CA VAL E 189 -15.90 -57.84 -32.50
C VAL E 189 -14.65 -57.10 -32.94
N THR E 190 -13.96 -57.65 -33.93
CA THR E 190 -12.75 -57.03 -34.48
C THR E 190 -12.48 -57.55 -35.89
N THR E 191 -11.27 -57.32 -36.37
CA THR E 191 -10.86 -57.81 -37.68
C THR E 191 -9.60 -58.67 -37.57
N PRO E 192 -9.36 -59.57 -38.54
CA PRO E 192 -8.15 -60.40 -38.48
C PRO E 192 -6.88 -59.55 -38.56
N PRO E 193 -5.75 -60.08 -38.08
CA PRO E 193 -4.47 -59.36 -38.20
C PRO E 193 -4.11 -59.01 -39.64
N GLY E 194 -3.65 -57.77 -39.86
CA GLY E 194 -3.33 -57.33 -41.20
C GLY E 194 -4.48 -56.63 -41.90
N GLU E 195 -5.66 -56.69 -41.29
CA GLU E 195 -6.85 -56.06 -41.84
C GLU E 195 -7.14 -54.74 -41.13
N ARG E 196 -7.05 -53.64 -41.86
CA ARG E 196 -7.17 -52.31 -41.24
C ARG E 196 -8.50 -51.64 -41.59
N HIS E 197 -9.31 -52.27 -42.43
CA HIS E 197 -10.66 -51.78 -42.65
C HIS E 197 -11.53 -52.18 -41.47
N GLU E 198 -12.01 -51.17 -40.72
CA GLU E 198 -12.65 -51.42 -39.44
C GLU E 198 -14.15 -51.12 -39.48
N ILE E 199 -14.60 -50.49 -40.56
CA ILE E 199 -15.98 -50.03 -40.63
C ILE E 199 -16.92 -51.22 -40.75
N GLY E 200 -16.44 -52.28 -41.39
CA GLY E 200 -17.16 -53.53 -41.49
C GLY E 200 -17.44 -54.15 -40.14
N ALA E 201 -16.42 -54.16 -39.30
CA ALA E 201 -16.56 -54.64 -37.92
C ALA E 201 -17.53 -53.82 -37.09
N MET E 202 -17.47 -52.50 -37.25
CA MET E 202 -18.38 -51.60 -36.55
C MET E 202 -19.84 -51.85 -36.91
N LEU E 203 -20.11 -52.08 -38.20
CA LEU E 203 -21.44 -52.40 -38.66
C LEU E 203 -21.99 -53.66 -37.99
N ALA E 204 -21.14 -54.69 -37.92
CA ALA E 204 -21.52 -55.95 -37.30
C ALA E 204 -21.86 -55.75 -35.82
N ALA E 205 -20.98 -55.02 -35.12
CA ALA E 205 -21.16 -54.69 -33.71
C ALA E 205 -22.47 -53.92 -33.49
N TYR E 206 -22.77 -53.00 -34.40
CA TYR E 206 -23.96 -52.16 -34.27
C TYR E 206 -25.25 -52.95 -34.38
N HIS E 207 -25.31 -53.84 -35.36
CA HIS E 207 -26.49 -54.67 -35.59
C HIS E 207 -26.72 -55.61 -34.40
N LEU E 208 -25.63 -56.03 -33.77
CA LEU E 208 -25.71 -56.91 -32.61
C LEU E 208 -26.29 -56.15 -31.42
N ARG E 209 -25.80 -54.93 -31.21
CA ARG E 209 -26.27 -54.10 -30.11
C ARG E 209 -27.75 -53.76 -30.27
N ARG E 210 -28.17 -53.57 -31.51
CA ARG E 210 -29.57 -53.24 -31.79
C ARG E 210 -30.51 -54.40 -31.49
N LYS E 211 -29.94 -55.59 -31.38
CA LYS E 211 -30.70 -56.79 -31.06
C LYS E 211 -30.49 -57.21 -29.62
N GLY E 212 -29.84 -56.35 -28.84
CA GLY E 212 -29.67 -56.58 -27.41
C GLY E 212 -28.50 -57.49 -27.09
N VAL E 213 -27.52 -57.55 -27.99
CA VAL E 213 -26.33 -58.33 -27.73
C VAL E 213 -25.20 -57.39 -27.31
N PRO E 214 -24.55 -57.69 -26.18
CA PRO E 214 -23.46 -56.86 -25.67
C PRO E 214 -22.19 -57.01 -26.49
N ALA E 215 -22.20 -56.45 -27.69
CA ALA E 215 -21.04 -56.51 -28.57
C ALA E 215 -19.95 -55.52 -28.18
N LEU E 216 -18.81 -56.05 -27.75
CA LEU E 216 -17.63 -55.25 -27.47
C LEU E 216 -16.78 -55.05 -28.72
N TYR E 217 -16.84 -53.85 -29.27
CA TYR E 217 -16.00 -53.52 -30.42
C TYR E 217 -14.58 -53.18 -29.97
N LEU E 218 -13.62 -53.94 -30.47
CA LEU E 218 -12.24 -53.78 -30.03
C LEU E 218 -11.44 -52.82 -30.90
N GLY E 219 -11.90 -52.59 -32.12
CA GLY E 219 -11.06 -51.94 -33.11
C GLY E 219 -10.49 -52.98 -34.05
N PRO E 220 -9.76 -52.55 -35.08
CA PRO E 220 -9.27 -53.51 -36.07
C PRO E 220 -7.94 -54.15 -35.65
N ASP E 221 -7.53 -55.17 -36.40
CA ASP E 221 -6.16 -55.68 -36.38
C ASP E 221 -5.76 -56.22 -35.01
N THR E 222 -6.34 -57.35 -34.63
CA THR E 222 -6.09 -57.93 -33.31
C THR E 222 -5.42 -59.29 -33.45
N PRO E 223 -4.23 -59.45 -32.85
CA PRO E 223 -3.52 -60.74 -32.83
C PRO E 223 -4.36 -61.87 -32.24
N LEU E 224 -4.33 -63.04 -32.87
CA LEU E 224 -5.18 -64.17 -32.46
C LEU E 224 -4.93 -64.70 -31.03
N PRO E 225 -3.66 -64.85 -30.61
CA PRO E 225 -3.45 -65.32 -29.23
C PRO E 225 -4.02 -64.38 -28.17
N ASP E 226 -3.89 -63.07 -28.41
CA ASP E 226 -4.37 -62.07 -27.48
C ASP E 226 -5.90 -62.06 -27.47
N LEU E 227 -6.48 -62.26 -28.64
CA LEU E 227 -7.93 -62.31 -28.79
C LEU E 227 -8.51 -63.50 -28.04
N ARG E 228 -7.84 -64.64 -28.14
CA ARG E 228 -8.29 -65.85 -27.46
C ARG E 228 -8.19 -65.67 -25.95
N ALA E 229 -7.11 -65.04 -25.51
CA ALA E 229 -6.87 -64.82 -24.09
C ALA E 229 -7.92 -63.90 -23.47
N LEU E 230 -8.30 -62.86 -24.22
CA LEU E 230 -9.32 -61.92 -23.77
C LEU E 230 -10.70 -62.57 -23.74
N ALA E 231 -11.01 -63.35 -24.76
CA ALA E 231 -12.29 -64.03 -24.85
C ALA E 231 -12.46 -64.99 -23.67
N ARG E 232 -11.37 -65.66 -23.31
CA ARG E 232 -11.40 -66.59 -22.19
C ARG E 232 -11.62 -65.87 -20.87
N ARG E 233 -10.88 -64.78 -20.66
CA ARG E 233 -10.94 -64.06 -19.38
C ARG E 233 -12.28 -63.37 -19.15
N LEU E 234 -12.88 -62.85 -20.22
CA LEU E 234 -14.16 -62.16 -20.10
C LEU E 234 -15.34 -63.10 -20.24
N GLY E 235 -15.05 -64.37 -20.49
CA GLY E 235 -16.10 -65.36 -20.71
C GLY E 235 -16.97 -65.01 -21.90
N ALA E 236 -16.36 -64.48 -22.96
CA ALA E 236 -17.10 -64.07 -24.14
C ALA E 236 -17.81 -65.26 -24.78
N GLY E 237 -19.05 -65.04 -25.22
CA GLY E 237 -19.82 -66.10 -25.83
C GLY E 237 -19.44 -66.35 -27.28
N ALA E 238 -18.97 -65.30 -27.95
CA ALA E 238 -18.61 -65.43 -29.36
C ALA E 238 -17.58 -64.38 -29.78
N VAL E 239 -16.89 -64.67 -30.88
CA VAL E 239 -16.02 -63.70 -31.53
C VAL E 239 -16.49 -63.47 -32.96
N VAL E 240 -16.55 -62.20 -33.38
CA VAL E 240 -16.98 -61.85 -34.73
C VAL E 240 -15.88 -61.10 -35.48
N LEU E 241 -15.49 -61.63 -36.64
CA LEU E 241 -14.43 -61.04 -37.44
C LEU E 241 -14.93 -60.51 -38.78
N SER E 242 -14.56 -59.29 -39.12
CA SER E 242 -14.87 -58.71 -40.42
C SER E 242 -13.64 -58.68 -41.32
N ALA E 243 -13.71 -59.38 -42.46
CA ALA E 243 -12.61 -59.39 -43.41
C ALA E 243 -13.00 -58.73 -44.73
N VAL E 244 -12.39 -57.58 -45.02
CA VAL E 244 -12.65 -56.86 -46.26
C VAL E 244 -11.71 -57.36 -47.36
N LEU E 245 -10.43 -57.47 -47.03
CA LEU E 245 -9.44 -58.06 -47.92
C LEU E 245 -9.35 -59.58 -47.71
N SER E 246 -8.96 -60.29 -48.76
CA SER E 246 -8.82 -61.75 -48.70
C SER E 246 -7.42 -62.19 -48.26
N GLU E 247 -6.42 -61.38 -48.55
CA GLU E 247 -5.02 -61.72 -48.26
C GLU E 247 -4.74 -61.98 -46.77
N PRO E 248 -5.26 -61.14 -45.86
CA PRO E 248 -5.10 -61.46 -44.44
C PRO E 248 -5.61 -62.85 -44.03
N LEU E 249 -6.70 -63.29 -44.66
CA LEU E 249 -7.25 -64.61 -44.38
C LEU E 249 -6.36 -65.72 -44.95
N ARG E 250 -5.90 -65.52 -46.18
CA ARG E 250 -5.08 -66.51 -46.87
C ARG E 250 -3.77 -66.72 -46.14
N ALA E 251 -3.32 -65.70 -45.41
CA ALA E 251 -2.08 -65.80 -44.65
C ALA E 251 -2.22 -66.60 -43.36
N LEU E 252 -3.46 -66.87 -42.95
CA LEU E 252 -3.69 -67.65 -41.74
C LEU E 252 -3.69 -69.15 -42.01
N PRO E 253 -3.10 -69.94 -41.08
CA PRO E 253 -3.10 -71.40 -41.23
C PRO E 253 -4.47 -72.02 -41.00
N ASP E 254 -4.63 -73.29 -41.35
CA ASP E 254 -5.88 -74.00 -41.16
C ASP E 254 -6.27 -74.10 -39.68
N GLY E 255 -7.56 -73.93 -39.40
CA GLY E 255 -8.07 -74.04 -38.05
C GLY E 255 -7.63 -72.96 -37.09
N ALA E 256 -7.10 -71.87 -37.62
CA ALA E 256 -6.55 -70.79 -36.79
C ALA E 256 -7.61 -70.11 -35.93
N LEU E 257 -8.86 -70.15 -36.39
CA LEU E 257 -9.93 -69.46 -35.68
C LEU E 257 -10.80 -70.39 -34.83
N LYS E 258 -10.46 -71.67 -34.80
CA LYS E 258 -11.34 -72.68 -34.21
C LYS E 258 -11.57 -72.46 -32.72
N ASP E 259 -10.51 -72.21 -31.96
CA ASP E 259 -10.59 -72.20 -30.51
C ASP E 259 -10.64 -70.79 -29.90
N LEU E 260 -10.98 -69.78 -30.70
CA LEU E 260 -10.99 -68.41 -30.19
C LEU E 260 -12.06 -68.20 -29.13
N ALA E 261 -13.26 -68.71 -29.42
CA ALA E 261 -14.42 -68.57 -28.55
C ALA E 261 -15.37 -69.75 -28.79
N PRO E 262 -16.37 -69.95 -27.91
CA PRO E 262 -17.34 -71.02 -28.16
C PRO E 262 -17.98 -70.98 -29.55
N ARG E 263 -18.17 -69.79 -30.10
CA ARG E 263 -18.63 -69.63 -31.48
C ARG E 263 -17.83 -68.55 -32.20
N VAL E 264 -17.44 -68.82 -33.43
CA VAL E 264 -16.66 -67.86 -34.21
C VAL E 264 -17.30 -67.59 -35.56
N PHE E 265 -17.53 -66.32 -35.87
CA PHE E 265 -18.18 -65.93 -37.12
C PHE E 265 -17.24 -65.10 -37.98
N LEU E 266 -17.39 -65.25 -39.29
CA LEU E 266 -16.52 -64.56 -40.26
C LEU E 266 -17.33 -64.08 -41.46
N GLY E 267 -17.24 -62.79 -41.73
CA GLY E 267 -17.93 -62.18 -42.86
C GLY E 267 -17.17 -61.04 -43.48
N GLY E 268 -17.75 -60.44 -44.51
CA GLY E 268 -17.10 -59.35 -45.23
C GLY E 268 -16.82 -59.72 -46.67
N GLN E 269 -16.41 -58.74 -47.46
CA GLN E 269 -16.13 -58.93 -48.87
C GLN E 269 -14.95 -59.90 -49.10
N GLY E 270 -13.99 -59.89 -48.19
CA GLY E 270 -12.82 -60.73 -48.31
C GLY E 270 -13.01 -62.15 -47.84
N ALA E 271 -14.19 -62.45 -47.31
CA ALA E 271 -14.46 -63.76 -46.75
C ALA E 271 -15.42 -64.56 -47.63
N GLY E 272 -15.30 -65.88 -47.59
CA GLY E 272 -16.16 -66.76 -48.34
C GLY E 272 -16.39 -68.06 -47.59
N PRO E 273 -17.43 -68.81 -47.98
CA PRO E 273 -17.81 -70.07 -47.31
C PRO E 273 -16.70 -71.11 -47.32
N GLU E 274 -15.99 -71.22 -48.43
CA GLU E 274 -14.90 -72.19 -48.58
C GLU E 274 -13.76 -71.83 -47.64
N GLU E 275 -13.42 -70.55 -47.59
CA GLU E 275 -12.32 -70.06 -46.77
C GLU E 275 -12.64 -70.12 -45.28
N ALA E 276 -13.92 -69.88 -44.94
CA ALA E 276 -14.37 -69.96 -43.56
C ALA E 276 -14.26 -71.38 -42.99
N ARG E 277 -14.59 -72.37 -43.82
CA ARG E 277 -14.54 -73.77 -43.42
C ARG E 277 -13.10 -74.18 -43.10
N ARG E 278 -12.17 -73.70 -43.91
CA ARG E 278 -10.76 -74.03 -43.73
C ARG E 278 -10.20 -73.45 -42.43
N LEU E 279 -10.62 -72.25 -42.09
CA LEU E 279 -10.13 -71.57 -40.89
C LEU E 279 -10.86 -72.01 -39.62
N GLY E 280 -11.95 -72.75 -39.80
CA GLY E 280 -12.71 -73.26 -38.67
C GLY E 280 -13.70 -72.25 -38.11
N ALA E 281 -14.21 -71.38 -38.99
CA ALA E 281 -15.20 -70.38 -38.59
C ALA E 281 -16.50 -70.55 -39.36
N GLU E 282 -17.59 -70.01 -38.81
CA GLU E 282 -18.88 -70.07 -39.49
C GLU E 282 -19.05 -68.86 -40.42
N TYR E 283 -19.37 -69.14 -41.69
CA TYR E 283 -19.58 -68.07 -42.66
C TYR E 283 -20.95 -67.43 -42.51
N MET E 284 -20.98 -66.10 -42.53
CA MET E 284 -22.23 -65.38 -42.47
C MET E 284 -22.33 -64.44 -43.66
N GLU E 285 -23.42 -64.51 -44.42
CA GLU E 285 -23.53 -63.72 -45.63
C GLU E 285 -23.94 -62.28 -45.31
N ASP E 286 -25.04 -62.12 -44.59
CA ASP E 286 -25.61 -60.80 -44.28
C ASP E 286 -25.52 -60.43 -42.79
N LEU E 287 -25.45 -59.14 -42.51
CA LEU E 287 -25.39 -58.64 -41.14
C LEU E 287 -26.72 -58.86 -40.40
N LYS E 288 -27.83 -58.94 -41.13
CA LYS E 288 -29.13 -59.11 -40.52
C LYS E 288 -29.32 -60.47 -39.84
N GLY E 289 -28.83 -61.53 -40.48
CA GLY E 289 -28.97 -62.87 -39.94
C GLY E 289 -27.92 -63.24 -38.92
N LEU E 290 -27.03 -62.31 -38.61
CA LEU E 290 -25.95 -62.55 -37.65
C LEU E 290 -26.41 -62.57 -36.20
N ALA E 291 -27.24 -61.61 -35.84
CA ALA E 291 -27.78 -61.54 -34.50
C ALA E 291 -28.66 -62.73 -34.19
N GLU E 292 -29.50 -63.11 -35.16
CA GLU E 292 -30.40 -64.25 -35.01
C GLU E 292 -29.64 -65.57 -34.89
N ALA E 293 -28.51 -65.65 -35.59
CA ALA E 293 -27.66 -66.85 -35.59
C ALA E 293 -27.05 -67.15 -34.23
N LEU E 294 -27.03 -66.15 -33.35
CA LEU E 294 -26.43 -66.32 -32.03
C LEU E 294 -27.35 -67.06 -31.07
N TRP E 295 -28.61 -67.22 -31.43
CA TRP E 295 -29.55 -67.97 -30.59
C TRP E 295 -29.80 -69.37 -31.16
N LEU E 296 -29.23 -69.64 -32.33
CA LEU E 296 -29.34 -70.96 -32.95
C LEU E 296 -27.99 -71.66 -32.97
N PRO E 297 -27.93 -72.88 -32.41
CA PRO E 297 -26.68 -73.65 -32.31
C PRO E 297 -26.18 -74.13 -33.67
N ARG E 298 -24.94 -74.62 -33.69
CA ARG E 298 -24.30 -75.13 -34.91
C ARG E 298 -24.31 -74.09 -36.03
N VAL F 26 12.77 -27.25 8.28
CA VAL F 26 12.07 -26.09 8.83
C VAL F 26 12.99 -24.88 8.92
N TYR F 27 12.41 -23.69 8.85
CA TYR F 27 13.17 -22.45 8.92
C TYR F 27 12.54 -21.46 9.90
N THR F 28 13.33 -20.49 10.34
CA THR F 28 12.85 -19.49 11.29
C THR F 28 11.97 -18.45 10.60
N ILE F 29 11.50 -17.47 11.38
CA ILE F 29 10.66 -16.41 10.84
C ILE F 29 11.49 -15.38 10.07
N ALA F 30 12.80 -15.43 10.26
CA ALA F 30 13.71 -14.52 9.58
C ALA F 30 14.42 -15.21 8.41
N GLU F 31 14.47 -16.54 8.48
CA GLU F 31 15.10 -17.32 7.42
C GLU F 31 14.27 -17.30 6.15
N VAL F 32 12.95 -17.41 6.31
CA VAL F 32 12.04 -17.37 5.18
C VAL F 32 11.92 -15.93 4.64
N GLU F 33 12.25 -14.97 5.49
CA GLU F 33 12.19 -13.56 5.12
C GLU F 33 13.26 -13.21 4.08
N ALA F 34 14.34 -13.99 4.05
CA ALA F 34 15.43 -13.76 3.12
C ALA F 34 15.34 -14.67 1.90
N MET F 35 14.65 -15.79 2.05
CA MET F 35 14.52 -16.75 0.96
C MET F 35 13.32 -16.43 0.07
N THR F 36 12.52 -15.45 0.48
CA THR F 36 11.34 -15.05 -0.28
C THR F 36 11.37 -13.56 -0.61
N GLY F 37 11.73 -12.75 0.38
CA GLY F 37 11.77 -11.30 0.21
C GLY F 37 10.74 -10.59 1.06
N LEU F 38 9.63 -11.26 1.33
CA LEU F 38 8.57 -10.71 2.16
C LEU F 38 9.02 -10.64 3.63
N SER F 39 8.71 -9.52 4.28
CA SER F 39 9.09 -9.32 5.67
C SER F 39 8.30 -10.22 6.61
N ALA F 40 8.78 -10.34 7.85
CA ALA F 40 8.13 -11.19 8.84
C ALA F 40 6.86 -10.54 9.39
N GLU F 41 6.73 -9.24 9.16
CA GLU F 41 5.57 -8.50 9.62
C GLU F 41 4.35 -8.77 8.74
N VAL F 42 4.60 -9.33 7.56
CA VAL F 42 3.54 -9.65 6.61
C VAL F 42 3.13 -11.11 6.71
N LEU F 43 4.10 -11.97 7.03
CA LEU F 43 3.86 -13.41 7.13
C LEU F 43 2.94 -13.73 8.31
N ARG F 44 2.95 -12.88 9.33
CA ARG F 44 2.12 -13.08 10.50
C ARG F 44 0.68 -12.64 10.25
N GLN F 45 0.51 -11.67 9.35
CA GLN F 45 -0.82 -11.19 9.00
C GLN F 45 -1.50 -12.13 8.01
N TRP F 46 -0.73 -12.67 7.08
CA TRP F 46 -1.25 -13.64 6.11
C TRP F 46 -1.77 -14.88 6.84
N GLU F 47 -1.20 -15.15 8.01
CA GLU F 47 -1.63 -16.26 8.84
C GLU F 47 -2.89 -15.90 9.63
N ARG F 48 -3.00 -14.62 9.98
CA ARG F 48 -4.10 -14.14 10.80
C ARG F 48 -5.23 -13.53 9.98
N ARG F 49 -5.20 -13.75 8.67
CA ARG F 49 -6.23 -13.23 7.78
C ARG F 49 -6.74 -14.29 6.80
N TYR F 50 -5.81 -14.97 6.14
CA TYR F 50 -6.16 -15.94 5.12
C TYR F 50 -6.01 -17.38 5.63
N GLY F 51 -4.97 -17.62 6.43
CA GLY F 51 -4.73 -18.92 6.99
C GLY F 51 -3.50 -19.60 6.42
N PHE F 52 -2.69 -18.84 5.70
CA PHE F 52 -1.48 -19.36 5.08
C PHE F 52 -0.33 -18.36 5.19
N PRO F 53 0.86 -18.82 5.61
CA PRO F 53 1.13 -20.20 6.02
C PRO F 53 0.76 -20.47 7.48
N LYS F 54 0.73 -21.74 7.86
CA LYS F 54 0.43 -22.13 9.24
C LYS F 54 1.58 -22.95 9.83
N PRO F 55 2.63 -22.27 10.28
CA PRO F 55 3.83 -22.94 10.82
C PRO F 55 3.62 -23.51 12.21
N ARG F 56 4.43 -24.50 12.59
CA ARG F 56 4.35 -25.08 13.92
C ARG F 56 4.91 -24.12 14.95
N ARG F 57 4.25 -24.03 16.10
CA ARG F 57 4.67 -23.13 17.17
C ARG F 57 5.89 -23.66 17.90
N HIS F 62 7.22 -18.73 19.17
CA HIS F 62 7.77 -18.39 17.87
C HIS F 62 7.06 -19.16 16.75
N ARG F 63 7.73 -19.31 15.62
CA ARG F 63 7.15 -20.00 14.47
C ARG F 63 8.22 -20.73 13.66
N LEU F 64 7.89 -21.93 13.20
CA LEU F 64 8.80 -22.71 12.38
C LEU F 64 8.15 -23.09 11.05
N TYR F 65 8.50 -22.36 9.99
CA TYR F 65 7.94 -22.60 8.67
C TYR F 65 8.57 -23.80 7.99
N SER F 66 7.75 -24.69 7.44
CA SER F 66 8.24 -25.88 6.77
C SER F 66 8.83 -25.55 5.40
N ALA F 67 9.46 -26.53 4.78
CA ALA F 67 10.09 -26.34 3.47
C ALA F 67 9.06 -26.26 2.36
N GLU F 68 7.89 -26.84 2.60
CA GLU F 68 6.81 -26.82 1.61
C GLU F 68 6.17 -25.44 1.54
N ASP F 69 6.41 -24.62 2.56
CA ASP F 69 5.84 -23.28 2.62
C ASP F 69 6.81 -22.26 2.01
N VAL F 70 8.11 -22.54 2.11
CA VAL F 70 9.13 -21.65 1.59
C VAL F 70 9.06 -21.59 0.06
N GLU F 71 8.91 -22.75 -0.56
CA GLU F 71 8.78 -22.83 -2.01
C GLU F 71 7.42 -22.31 -2.46
N ALA F 72 6.45 -22.34 -1.56
CA ALA F 72 5.11 -21.87 -1.85
C ALA F 72 5.04 -20.34 -1.80
N LEU F 73 5.72 -19.76 -0.82
CA LEU F 73 5.76 -18.30 -0.68
C LEU F 73 6.59 -17.69 -1.80
N LYS F 74 7.52 -18.46 -2.34
CA LYS F 74 8.34 -18.00 -3.45
C LYS F 74 7.52 -17.96 -4.74
N THR F 75 6.46 -18.76 -4.78
CA THR F 75 5.58 -18.80 -5.93
C THR F 75 4.60 -17.61 -5.92
N ILE F 76 4.06 -17.33 -4.74
CA ILE F 76 3.13 -16.21 -4.57
C ILE F 76 3.84 -14.88 -4.83
N LYS F 77 5.10 -14.80 -4.40
CA LYS F 77 5.90 -13.60 -4.60
C LYS F 77 6.09 -13.31 -6.10
N ARG F 78 6.13 -14.37 -6.89
CA ARG F 78 6.24 -14.23 -8.34
C ARG F 78 4.90 -13.83 -8.95
N TRP F 79 3.82 -14.28 -8.33
CA TRP F 79 2.47 -13.94 -8.79
C TRP F 79 2.09 -12.53 -8.36
N LEU F 80 2.48 -12.15 -7.14
CA LEU F 80 2.17 -10.82 -6.62
C LEU F 80 2.91 -9.74 -7.39
N GLU F 81 4.08 -10.08 -7.90
CA GLU F 81 4.86 -9.14 -8.71
C GLU F 81 4.32 -9.07 -10.13
N GLU F 82 3.65 -10.15 -10.54
CA GLU F 82 3.04 -10.21 -11.87
C GLU F 82 1.78 -9.36 -11.93
N GLY F 83 1.27 -8.97 -10.76
CA GLY F 83 0.09 -8.13 -10.67
C GLY F 83 -1.09 -8.83 -10.05
N ALA F 84 -0.89 -9.43 -8.89
CA ALA F 84 -1.95 -10.16 -8.20
C ALA F 84 -2.14 -9.66 -6.77
N THR F 85 -3.19 -10.15 -6.12
CA THR F 85 -3.49 -9.79 -4.74
C THR F 85 -3.38 -11.00 -3.82
N PRO F 86 -2.87 -10.79 -2.60
CA PRO F 86 -2.66 -11.85 -1.60
C PRO F 86 -3.89 -12.74 -1.37
N LYS F 87 -5.07 -12.13 -1.28
CA LYS F 87 -6.30 -12.90 -1.05
C LYS F 87 -6.60 -13.82 -2.22
N ALA F 88 -6.31 -13.36 -3.42
CA ALA F 88 -6.55 -14.14 -4.62
C ALA F 88 -5.37 -15.08 -4.92
N ALA F 89 -4.16 -14.61 -4.65
CA ALA F 89 -2.96 -15.39 -4.92
C ALA F 89 -2.88 -16.63 -4.04
N ILE F 90 -3.28 -16.48 -2.77
CA ILE F 90 -3.29 -17.60 -1.84
C ILE F 90 -4.42 -18.57 -2.19
N ARG F 91 -5.59 -18.02 -2.51
CA ARG F 91 -6.75 -18.83 -2.87
C ARG F 91 -6.49 -19.60 -4.17
N ARG F 92 -5.77 -18.96 -5.08
CA ARG F 92 -5.42 -19.60 -6.36
C ARG F 92 -4.44 -20.74 -6.14
N TYR F 93 -3.55 -20.57 -5.17
CA TYR F 93 -2.56 -21.60 -4.85
C TYR F 93 -3.19 -22.77 -4.10
N LEU F 94 -4.42 -22.57 -3.63
CA LEU F 94 -5.15 -23.64 -2.94
C LEU F 94 -5.79 -24.59 -3.95
N ALA F 95 -5.38 -24.47 -5.21
CA ALA F 95 -5.75 -25.43 -6.24
C ALA F 95 -4.63 -26.44 -6.40
N GLN F 96 -3.68 -26.41 -5.47
CA GLN F 96 -2.57 -27.35 -5.46
C GLN F 96 -3.04 -28.75 -5.09
N GLU F 97 -4.23 -28.82 -4.50
CA GLU F 97 -4.85 -30.09 -4.16
C GLU F 97 -5.07 -30.93 -5.42
N VAL F 98 -4.47 -32.11 -5.45
CA VAL F 98 -4.55 -32.97 -6.62
C VAL F 98 -5.97 -33.42 -6.91
N ARG F 99 -6.27 -33.56 -8.20
CA ARG F 99 -7.59 -33.95 -8.67
C ARG F 99 -7.97 -35.37 -8.25
N PRO F 100 -9.29 -35.68 -8.27
CA PRO F 100 -9.76 -37.05 -8.04
C PRO F 100 -8.96 -38.08 -8.85
N GLU F 101 -7.92 -38.59 -8.20
CA GLU F 101 -6.90 -39.41 -8.82
C GLU F 101 -7.31 -40.86 -8.99
N ASP F 102 -8.42 -41.24 -8.34
CA ASP F 102 -8.92 -42.60 -8.42
C ASP F 102 -9.69 -42.85 -9.71
N LEU F 103 -10.00 -41.78 -10.43
CA LEU F 103 -10.74 -41.88 -11.67
C LEU F 103 -9.91 -42.53 -12.77
N GLY F 104 -8.62 -42.22 -12.81
CA GLY F 104 -7.73 -42.83 -13.79
C GLY F 104 -7.64 -44.32 -13.56
N THR F 105 -7.37 -44.70 -12.31
CA THR F 105 -7.30 -46.11 -11.92
C THR F 105 -8.62 -46.82 -12.20
N GLY F 106 -9.71 -46.20 -11.72
CA GLY F 106 -11.05 -46.75 -11.89
C GLY F 106 -11.50 -46.94 -13.31
N LEU F 107 -11.21 -45.96 -14.17
CA LEU F 107 -11.60 -46.04 -15.58
C LEU F 107 -10.91 -47.22 -16.28
N LEU F 108 -9.61 -47.36 -16.06
CA LEU F 108 -8.85 -48.46 -16.62
C LEU F 108 -9.38 -49.82 -16.15
N GLU F 109 -9.64 -49.93 -14.84
CA GLU F 109 -10.16 -51.17 -14.28
C GLU F 109 -11.52 -51.52 -14.87
N ALA F 110 -12.34 -50.49 -15.10
CA ALA F 110 -13.67 -50.67 -15.68
C ALA F 110 -13.55 -51.20 -17.10
N LEU F 111 -12.61 -50.63 -17.86
CA LEU F 111 -12.40 -51.06 -19.24
C LEU F 111 -11.86 -52.48 -19.31
N LEU F 112 -10.93 -52.79 -18.41
CA LEU F 112 -10.28 -54.10 -18.39
C LEU F 112 -11.26 -55.23 -18.07
N ARG F 113 -12.40 -54.89 -17.46
CA ARG F 113 -13.38 -55.92 -17.15
C ARG F 113 -14.55 -55.86 -18.13
N GLY F 114 -14.40 -55.05 -19.16
CA GLY F 114 -15.36 -54.96 -20.23
C GLY F 114 -16.65 -54.25 -19.86
N ASP F 115 -16.58 -53.34 -18.89
CA ASP F 115 -17.76 -52.60 -18.48
C ASP F 115 -17.80 -51.24 -19.15
N LEU F 116 -18.29 -51.21 -20.39
CA LEU F 116 -18.35 -49.98 -21.16
C LEU F 116 -19.30 -48.96 -20.55
N ALA F 117 -20.42 -49.44 -20.04
CA ALA F 117 -21.41 -48.57 -19.40
C ALA F 117 -20.79 -47.85 -18.20
N GLY F 118 -20.12 -48.62 -17.35
CA GLY F 118 -19.46 -48.07 -16.18
C GLY F 118 -18.35 -47.10 -16.55
N ALA F 119 -17.58 -47.43 -17.58
CA ALA F 119 -16.50 -46.58 -18.06
C ALA F 119 -17.02 -45.25 -18.63
N GLU F 120 -18.07 -45.33 -19.44
CA GLU F 120 -18.71 -44.14 -20.00
C GLU F 120 -19.16 -43.21 -18.87
N ALA F 121 -19.78 -43.79 -17.84
CA ALA F 121 -20.28 -43.02 -16.71
C ALA F 121 -19.15 -42.35 -15.93
N LEU F 122 -18.04 -43.05 -15.79
CA LEU F 122 -16.87 -42.52 -15.07
C LEU F 122 -16.25 -41.36 -15.84
N PHE F 123 -16.26 -41.47 -17.17
CA PHE F 123 -15.71 -40.43 -18.02
C PHE F 123 -16.56 -39.17 -17.98
N ARG F 124 -17.87 -39.35 -17.88
CA ARG F 124 -18.78 -38.20 -17.81
C ARG F 124 -18.59 -37.43 -16.52
N ARG F 125 -18.26 -38.11 -15.43
CA ARG F 125 -17.98 -37.42 -14.18
C ARG F 125 -16.70 -36.61 -14.26
N GLY F 126 -15.69 -37.16 -14.92
CA GLY F 126 -14.44 -36.46 -15.13
C GLY F 126 -14.58 -35.22 -15.99
N LEU F 127 -15.43 -35.33 -17.01
CA LEU F 127 -15.71 -34.22 -17.90
C LEU F 127 -16.46 -33.05 -17.24
N ARG F 128 -17.43 -33.36 -16.39
CA ARG F 128 -18.22 -32.32 -15.71
C ARG F 128 -17.43 -31.57 -14.68
N PHE F 129 -16.49 -32.28 -14.07
CA PHE F 129 -15.69 -31.79 -12.97
C PHE F 129 -14.50 -30.98 -13.47
N TRP F 130 -13.74 -31.53 -14.42
CA TRP F 130 -12.52 -30.88 -14.85
C TRP F 130 -12.74 -30.07 -16.12
N GLY F 131 -13.89 -30.27 -16.75
CA GLY F 131 -14.23 -29.66 -18.02
C GLY F 131 -13.59 -30.35 -19.22
N PRO F 132 -13.86 -29.85 -20.42
CA PRO F 132 -13.43 -30.44 -21.69
C PRO F 132 -11.93 -30.62 -21.85
N GLU F 133 -11.19 -29.51 -21.82
CA GLU F 133 -9.74 -29.55 -21.93
C GLU F 133 -9.12 -30.32 -20.75
N GLY F 134 -9.65 -30.08 -19.55
CA GLY F 134 -9.12 -30.66 -18.33
C GLY F 134 -9.18 -32.17 -18.27
N VAL F 135 -10.28 -32.74 -18.76
CA VAL F 135 -10.48 -34.18 -18.73
C VAL F 135 -9.55 -34.92 -19.69
N LEU F 136 -9.11 -34.23 -20.73
CA LEU F 136 -8.16 -34.78 -21.67
C LEU F 136 -6.79 -34.93 -21.02
N GLU F 137 -6.33 -33.87 -20.36
CA GLU F 137 -5.00 -33.85 -19.73
C GLU F 137 -4.88 -34.76 -18.50
N HIS F 138 -5.91 -34.77 -17.65
CA HIS F 138 -5.87 -35.45 -16.36
C HIS F 138 -6.40 -36.89 -16.38
N LEU F 139 -7.18 -37.21 -17.40
CA LEU F 139 -7.87 -38.50 -17.49
C LEU F 139 -7.53 -39.25 -18.76
N LEU F 140 -7.82 -38.64 -19.90
CA LEU F 140 -7.66 -39.31 -21.18
C LEU F 140 -6.19 -39.65 -21.43
N LEU F 141 -5.31 -38.67 -21.28
CA LEU F 141 -3.87 -38.86 -21.51
C LEU F 141 -3.16 -39.80 -20.54
N PRO F 142 -3.36 -39.64 -19.20
CA PRO F 142 -2.69 -40.55 -18.27
C PRO F 142 -3.06 -42.01 -18.47
N VAL F 143 -4.34 -42.27 -18.75
CA VAL F 143 -4.80 -43.64 -18.94
C VAL F 143 -4.14 -44.28 -20.17
N LEU F 144 -4.10 -43.53 -21.27
CA LEU F 144 -3.48 -44.01 -22.50
C LEU F 144 -2.01 -44.35 -22.33
N ARG F 145 -1.29 -43.53 -21.55
CA ARG F 145 0.13 -43.77 -21.30
C ARG F 145 0.33 -45.01 -20.44
N GLU F 146 -0.53 -45.17 -19.43
CA GLU F 146 -0.42 -46.32 -18.53
C GLU F 146 -0.77 -47.62 -19.26
N VAL F 147 -1.76 -47.54 -20.15
CA VAL F 147 -2.14 -48.69 -20.97
C VAL F 147 -0.96 -49.21 -21.79
N GLY F 148 -0.21 -48.29 -22.40
CA GLY F 148 0.96 -48.68 -23.16
C GLY F 148 2.06 -49.27 -22.31
N GLU F 149 2.27 -48.69 -21.13
CA GLU F 149 3.25 -49.18 -20.18
C GLU F 149 2.85 -50.56 -19.63
N ALA F 150 1.56 -50.71 -19.32
CA ALA F 150 1.03 -51.96 -18.78
C ALA F 150 1.23 -53.08 -19.80
N TRP F 151 0.99 -52.75 -21.07
CA TRP F 151 1.20 -53.70 -22.15
C TRP F 151 2.67 -54.05 -22.25
N HIS F 152 3.50 -53.01 -22.15
CA HIS F 152 4.95 -53.15 -22.23
C HIS F 152 5.52 -54.04 -21.13
N ARG F 153 4.90 -53.98 -19.96
CA ARG F 153 5.34 -54.78 -18.82
C ARG F 153 4.75 -56.18 -18.90
N GLY F 154 3.82 -56.38 -19.83
CA GLY F 154 3.20 -57.68 -19.99
C GLY F 154 2.01 -57.94 -19.10
N GLU F 155 1.50 -56.88 -18.46
CA GLU F 155 0.38 -57.01 -17.56
C GLU F 155 -0.94 -57.18 -18.32
N ILE F 156 -1.01 -56.57 -19.50
CA ILE F 156 -2.17 -56.73 -20.37
C ILE F 156 -1.75 -57.10 -21.79
N GLY F 157 -2.66 -57.70 -22.55
CA GLY F 157 -2.36 -58.08 -23.92
C GLY F 157 -2.78 -56.98 -24.88
N VAL F 158 -2.60 -57.24 -26.18
CA VAL F 158 -2.92 -56.26 -27.21
C VAL F 158 -4.44 -56.04 -27.30
N ALA F 159 -5.19 -57.12 -27.14
CA ALA F 159 -6.64 -57.06 -27.25
C ALA F 159 -7.27 -56.17 -26.17
N GLU F 160 -6.72 -56.23 -24.97
CA GLU F 160 -7.12 -55.34 -23.88
C GLU F 160 -6.88 -53.87 -24.22
N GLU F 161 -5.69 -53.58 -24.73
CA GLU F 161 -5.32 -52.23 -25.14
C GLU F 161 -6.27 -51.70 -26.21
N HIS F 162 -6.53 -52.52 -27.23
CA HIS F 162 -7.45 -52.19 -28.31
C HIS F 162 -8.80 -51.69 -27.80
N LEU F 163 -9.38 -52.44 -26.87
CA LEU F 163 -10.69 -52.09 -26.31
C LEU F 163 -10.65 -50.71 -25.66
N ALA F 164 -9.66 -50.49 -24.81
CA ALA F 164 -9.47 -49.21 -24.12
C ALA F 164 -9.24 -48.06 -25.10
N SER F 165 -8.35 -48.28 -26.07
CA SER F 165 -7.98 -47.23 -27.02
C SER F 165 -9.15 -46.82 -27.90
N THR F 166 -9.94 -47.81 -28.34
CA THR F 166 -11.10 -47.54 -29.18
C THR F 166 -12.18 -46.76 -28.43
N PHE F 167 -12.35 -47.10 -27.16
CA PHE F 167 -13.29 -46.40 -26.28
C PHE F 167 -12.93 -44.93 -26.11
N LEU F 168 -11.67 -44.68 -25.75
CA LEU F 168 -11.22 -43.32 -25.46
C LEU F 168 -11.20 -42.46 -26.71
N ARG F 169 -10.96 -43.09 -27.85
CA ARG F 169 -11.02 -42.42 -29.14
C ARG F 169 -12.42 -41.95 -29.47
N ALA F 170 -13.40 -42.80 -29.16
CA ALA F 170 -14.81 -42.48 -29.35
C ALA F 170 -15.24 -41.27 -28.53
N ARG F 171 -14.78 -41.21 -27.28
CA ARG F 171 -15.13 -40.10 -26.42
C ARG F 171 -14.56 -38.79 -26.98
N LEU F 172 -13.29 -38.82 -27.40
CA LEU F 172 -12.63 -37.64 -27.93
C LEU F 172 -13.29 -37.15 -29.21
N GLN F 173 -13.72 -38.10 -30.05
CA GLN F 173 -14.39 -37.78 -31.30
C GLN F 173 -15.72 -37.07 -31.00
N GLU F 174 -16.35 -37.48 -29.90
CA GLU F 174 -17.59 -36.88 -29.45
C GLU F 174 -17.40 -35.41 -29.09
N LEU F 175 -16.34 -35.13 -28.32
CA LEU F 175 -15.99 -33.75 -27.97
C LEU F 175 -15.65 -32.93 -29.21
N LEU F 176 -14.96 -33.56 -30.15
CA LEU F 176 -14.59 -32.93 -31.42
C LEU F 176 -15.81 -32.44 -32.18
N ASP F 177 -16.83 -33.29 -32.24
CA ASP F 177 -18.07 -32.96 -32.92
C ASP F 177 -18.87 -31.94 -32.12
N LEU F 178 -18.70 -31.96 -30.80
CA LEU F 178 -19.38 -30.99 -29.94
C LEU F 178 -18.85 -29.56 -30.13
N ALA F 179 -17.58 -29.44 -30.50
CA ALA F 179 -16.98 -28.13 -30.71
C ALA F 179 -17.54 -27.53 -31.98
N GLY F 180 -17.48 -26.21 -32.13
CA GLY F 180 -18.05 -25.67 -33.35
C GLY F 180 -17.10 -25.83 -34.52
N PHE F 181 -17.64 -25.68 -35.72
CA PHE F 181 -16.85 -25.77 -36.94
C PHE F 181 -17.15 -24.52 -37.77
N PRO F 182 -16.35 -23.46 -37.58
CA PRO F 182 -16.43 -22.18 -38.28
C PRO F 182 -16.13 -22.22 -39.78
N PRO F 183 -16.76 -21.33 -40.55
CA PRO F 183 -16.46 -21.28 -41.99
C PRO F 183 -15.09 -20.63 -42.21
N GLY F 184 -14.59 -20.66 -43.42
CA GLY F 184 -13.30 -20.09 -43.73
C GLY F 184 -12.32 -21.13 -44.23
N PRO F 185 -11.09 -20.72 -44.53
CA PRO F 185 -10.02 -21.62 -44.97
C PRO F 185 -9.63 -22.63 -43.90
N PRO F 186 -9.81 -23.93 -44.19
CA PRO F 186 -9.63 -25.03 -43.24
C PRO F 186 -8.17 -25.26 -42.87
N VAL F 187 -7.94 -25.85 -41.69
CA VAL F 187 -6.63 -26.35 -41.33
C VAL F 187 -6.62 -27.88 -41.33
N LEU F 188 -5.82 -28.49 -42.19
CA LEU F 188 -5.81 -29.94 -42.30
C LEU F 188 -4.93 -30.57 -41.22
N VAL F 189 -5.49 -31.55 -40.51
CA VAL F 189 -4.76 -32.20 -39.43
C VAL F 189 -4.69 -33.71 -39.65
N THR F 190 -3.47 -34.26 -39.63
CA THR F 190 -3.27 -35.69 -39.81
C THR F 190 -1.93 -36.12 -39.22
N THR F 191 -1.44 -37.29 -39.62
CA THR F 191 -0.14 -37.76 -39.18
C THR F 191 0.71 -38.14 -40.40
N PRO F 192 2.05 -38.13 -40.24
CA PRO F 192 2.92 -38.53 -41.36
C PRO F 192 2.68 -39.97 -41.79
N PRO F 193 3.04 -40.31 -43.04
CA PRO F 193 2.92 -41.69 -43.55
C PRO F 193 3.66 -42.69 -42.67
N GLY F 194 3.04 -43.81 -42.34
CA GLY F 194 3.65 -44.81 -41.48
C GLY F 194 3.28 -44.65 -40.02
N GLU F 195 2.73 -43.48 -39.69
CA GLU F 195 2.33 -43.20 -38.31
C GLU F 195 0.86 -43.57 -38.09
N ARG F 196 0.59 -44.57 -37.25
CA ARG F 196 -0.78 -45.04 -37.05
C ARG F 196 -1.43 -44.51 -35.78
N HIS F 197 -0.64 -43.88 -34.92
CA HIS F 197 -1.22 -43.27 -33.74
C HIS F 197 -1.93 -41.97 -34.10
N GLU F 198 -3.25 -41.95 -33.92
CA GLU F 198 -4.07 -40.86 -34.45
C GLU F 198 -4.63 -39.97 -33.35
N ILE F 199 -4.48 -40.40 -32.10
CA ILE F 199 -5.11 -39.70 -30.99
C ILE F 199 -4.41 -38.37 -30.75
N GLY F 200 -3.11 -38.33 -31.03
CA GLY F 200 -2.34 -37.10 -30.96
C GLY F 200 -2.84 -36.04 -31.93
N ALA F 201 -3.15 -36.48 -33.15
CA ALA F 201 -3.71 -35.60 -34.18
C ALA F 201 -5.09 -35.07 -33.79
N MET F 202 -5.93 -35.94 -33.23
CA MET F 202 -7.25 -35.53 -32.78
C MET F 202 -7.18 -34.46 -31.70
N LEU F 203 -6.27 -34.62 -30.76
CA LEU F 203 -6.08 -33.64 -29.69
C LEU F 203 -5.72 -32.26 -30.24
N ALA F 204 -4.85 -32.25 -31.25
CA ALA F 204 -4.44 -31.00 -31.87
C ALA F 204 -5.61 -30.35 -32.58
N ALA F 205 -6.38 -31.15 -33.31
CA ALA F 205 -7.55 -30.65 -34.01
C ALA F 205 -8.62 -30.13 -33.07
N TYR F 206 -8.74 -30.77 -31.90
CA TYR F 206 -9.75 -30.37 -30.92
C TYR F 206 -9.43 -28.99 -30.34
N HIS F 207 -8.17 -28.77 -29.97
CA HIS F 207 -7.74 -27.51 -29.37
C HIS F 207 -7.85 -26.38 -30.37
N LEU F 208 -7.64 -26.70 -31.64
CA LEU F 208 -7.82 -25.71 -32.69
C LEU F 208 -9.27 -25.30 -32.81
N ARG F 209 -10.18 -26.27 -32.78
CA ARG F 209 -11.58 -25.93 -32.92
C ARG F 209 -12.11 -25.14 -31.74
N ARG F 210 -11.60 -25.45 -30.55
CA ARG F 210 -11.97 -24.74 -29.33
C ARG F 210 -11.57 -23.27 -29.40
N LYS F 211 -10.62 -22.95 -30.28
CA LYS F 211 -10.18 -21.58 -30.47
C LYS F 211 -10.75 -20.95 -31.74
N GLY F 212 -11.74 -21.61 -32.33
CA GLY F 212 -12.42 -21.08 -33.49
C GLY F 212 -11.74 -21.35 -34.83
N VAL F 213 -10.77 -22.25 -34.83
CA VAL F 213 -10.11 -22.63 -36.08
C VAL F 213 -10.77 -23.85 -36.74
N PRO F 214 -11.12 -23.72 -38.02
CA PRO F 214 -11.80 -24.79 -38.77
C PRO F 214 -10.84 -25.95 -39.07
N ALA F 215 -10.47 -26.71 -38.06
CA ALA F 215 -9.54 -27.82 -38.22
C ALA F 215 -10.22 -29.04 -38.81
N LEU F 216 -9.83 -29.39 -40.03
CA LEU F 216 -10.34 -30.58 -40.69
C LEU F 216 -9.46 -31.77 -40.31
N TYR F 217 -10.01 -32.69 -39.51
CA TYR F 217 -9.26 -33.89 -39.13
C TYR F 217 -9.42 -34.97 -40.18
N LEU F 218 -8.30 -35.38 -40.79
CA LEU F 218 -8.35 -36.32 -41.91
C LEU F 218 -8.29 -37.78 -41.46
N GLY F 219 -7.79 -38.02 -40.26
CA GLY F 219 -7.38 -39.37 -39.87
C GLY F 219 -5.88 -39.52 -40.02
N PRO F 220 -5.34 -40.69 -39.65
CA PRO F 220 -3.89 -40.87 -39.66
C PRO F 220 -3.36 -41.31 -41.03
N ASP F 221 -2.04 -41.26 -41.19
CA ASP F 221 -1.34 -41.94 -42.27
C ASP F 221 -1.72 -41.43 -43.65
N THR F 222 -1.40 -40.16 -43.91
CA THR F 222 -1.70 -39.54 -45.20
C THR F 222 -0.45 -39.32 -46.04
N PRO F 223 -0.44 -39.84 -47.28
CA PRO F 223 0.65 -39.59 -48.24
C PRO F 223 0.88 -38.11 -48.52
N LEU F 224 2.14 -37.69 -48.55
CA LEU F 224 2.47 -36.27 -48.70
C LEU F 224 2.00 -35.61 -50.02
N PRO F 225 2.13 -36.30 -51.18
CA PRO F 225 1.63 -35.64 -52.40
C PRO F 225 0.13 -35.40 -52.39
N ASP F 226 -0.63 -36.36 -51.86
CA ASP F 226 -2.08 -36.24 -51.76
C ASP F 226 -2.46 -35.13 -50.78
N LEU F 227 -1.72 -35.04 -49.68
CA LEU F 227 -1.94 -34.00 -48.68
C LEU F 227 -1.71 -32.61 -49.28
N ARG F 228 -0.65 -32.47 -50.06
CA ARG F 228 -0.34 -31.20 -50.69
C ARG F 228 -1.42 -30.81 -51.70
N ALA F 229 -1.89 -31.79 -52.46
CA ALA F 229 -2.92 -31.58 -53.47
C ALA F 229 -4.24 -31.14 -52.84
N LEU F 230 -4.58 -31.73 -51.70
CA LEU F 230 -5.82 -31.38 -51.01
C LEU F 230 -5.72 -30.00 -50.40
N ALA F 231 -4.59 -29.70 -49.76
CA ALA F 231 -4.35 -28.39 -49.16
C ALA F 231 -4.47 -27.28 -50.20
N ARG F 232 -3.94 -27.53 -51.39
CA ARG F 232 -4.01 -26.57 -52.48
C ARG F 232 -5.45 -26.35 -52.96
N ARG F 233 -6.19 -27.43 -53.14
CA ARG F 233 -7.53 -27.34 -53.69
C ARG F 233 -8.54 -26.71 -52.73
N LEU F 234 -8.36 -26.97 -51.43
CA LEU F 234 -9.25 -26.41 -50.42
C LEU F 234 -8.79 -25.04 -49.95
N GLY F 235 -7.61 -24.61 -50.42
CA GLY F 235 -7.02 -23.36 -50.00
C GLY F 235 -6.76 -23.36 -48.50
N ALA F 236 -6.26 -24.48 -48.00
CA ALA F 236 -5.99 -24.64 -46.56
C ALA F 236 -4.89 -23.68 -46.12
N GLY F 237 -5.11 -23.02 -44.99
CA GLY F 237 -4.13 -22.09 -44.47
C GLY F 237 -2.92 -22.75 -43.83
N ALA F 238 -3.11 -23.96 -43.32
CA ALA F 238 -2.02 -24.66 -42.63
C ALA F 238 -2.24 -26.17 -42.60
N VAL F 239 -1.15 -26.91 -42.41
CA VAL F 239 -1.21 -28.34 -42.18
C VAL F 239 -0.57 -28.67 -40.85
N VAL F 240 -1.23 -29.51 -40.05
CA VAL F 240 -0.68 -29.90 -38.76
C VAL F 240 -0.45 -31.41 -38.69
N LEU F 241 0.75 -31.81 -38.31
CA LEU F 241 1.10 -33.23 -38.25
C LEU F 241 1.46 -33.65 -36.83
N SER F 242 0.89 -34.77 -36.39
CA SER F 242 1.26 -35.35 -35.11
C SER F 242 2.13 -36.58 -35.31
N ALA F 243 3.34 -36.55 -34.73
CA ALA F 243 4.25 -37.68 -34.81
C ALA F 243 4.53 -38.27 -33.43
N VAL F 244 4.06 -39.48 -33.20
CA VAL F 244 4.29 -40.18 -31.94
C VAL F 244 5.57 -41.00 -32.00
N LEU F 245 5.76 -41.71 -33.11
CA LEU F 245 7.01 -42.41 -33.36
C LEU F 245 7.98 -41.53 -34.13
N SER F 246 9.28 -41.78 -33.95
CA SER F 246 10.29 -40.99 -34.63
C SER F 246 10.71 -41.59 -35.96
N GLU F 247 10.56 -42.91 -36.09
CA GLU F 247 10.98 -43.61 -37.30
C GLU F 247 10.28 -43.15 -38.60
N PRO F 248 8.96 -42.84 -38.54
CA PRO F 248 8.33 -42.29 -39.75
C PRO F 248 8.90 -40.94 -40.20
N LEU F 249 9.38 -40.14 -39.25
CA LEU F 249 10.00 -38.87 -39.59
C LEU F 249 11.38 -39.08 -40.18
N ARG F 250 12.16 -39.96 -39.56
CA ARG F 250 13.51 -40.24 -40.04
C ARG F 250 13.53 -40.81 -41.44
N ALA F 251 12.41 -41.41 -41.85
CA ALA F 251 12.29 -42.04 -43.17
C ALA F 251 12.05 -40.97 -44.25
N LEU F 252 11.65 -39.78 -43.83
CA LEU F 252 11.35 -38.70 -44.79
C LEU F 252 12.62 -37.94 -45.17
N PRO F 253 12.73 -37.56 -46.46
CA PRO F 253 13.87 -36.74 -46.91
C PRO F 253 13.79 -35.30 -46.43
N ASP F 254 14.92 -34.61 -46.51
CA ASP F 254 15.00 -33.20 -46.14
C ASP F 254 14.02 -32.31 -46.90
N GLY F 255 13.38 -31.38 -46.21
CA GLY F 255 12.48 -30.45 -46.86
C GLY F 255 11.16 -31.04 -47.35
N ALA F 256 10.88 -32.29 -46.97
CA ALA F 256 9.70 -32.99 -47.43
C ALA F 256 8.39 -32.29 -47.07
N LEU F 257 8.38 -31.56 -45.96
CA LEU F 257 7.16 -30.91 -45.48
C LEU F 257 7.05 -29.44 -45.88
N LYS F 258 8.07 -28.92 -46.56
CA LYS F 258 8.16 -27.48 -46.79
C LYS F 258 6.99 -26.88 -47.56
N ASP F 259 6.56 -27.55 -48.62
CA ASP F 259 5.60 -26.93 -49.52
C ASP F 259 4.18 -27.49 -49.40
N LEU F 260 3.89 -28.14 -48.27
CA LEU F 260 2.58 -28.75 -48.06
C LEU F 260 1.46 -27.71 -48.01
N ALA F 261 1.74 -26.63 -47.29
CA ALA F 261 0.77 -25.55 -47.08
C ALA F 261 1.54 -24.29 -46.71
N PRO F 262 0.86 -23.11 -46.75
CA PRO F 262 1.53 -21.87 -46.34
C PRO F 262 2.25 -21.96 -45.00
N ARG F 263 1.67 -22.69 -44.04
CA ARG F 263 2.37 -22.96 -42.79
C ARG F 263 2.26 -24.44 -42.42
N VAL F 264 3.34 -25.02 -41.90
CA VAL F 264 3.38 -26.44 -41.55
C VAL F 264 3.90 -26.65 -40.14
N PHE F 265 3.08 -27.27 -39.30
CA PHE F 265 3.45 -27.51 -37.91
C PHE F 265 3.66 -29.00 -37.60
N LEU F 266 4.65 -29.28 -36.76
CA LEU F 266 4.95 -30.66 -36.38
C LEU F 266 5.14 -30.78 -34.87
N GLY F 267 4.51 -31.79 -34.28
CA GLY F 267 4.63 -32.03 -32.85
C GLY F 267 4.36 -33.47 -32.48
N GLY F 268 4.41 -33.76 -31.19
CA GLY F 268 4.25 -35.12 -30.70
C GLY F 268 5.52 -35.63 -30.05
N GLN F 269 5.45 -36.82 -29.45
CA GLN F 269 6.58 -37.41 -28.76
C GLN F 269 7.71 -37.77 -29.72
N GLY F 270 7.35 -38.14 -30.94
CA GLY F 270 8.32 -38.56 -31.93
C GLY F 270 9.01 -37.41 -32.63
N ALA F 271 8.56 -36.18 -32.35
CA ALA F 271 9.10 -35.02 -33.05
C ALA F 271 9.99 -34.16 -32.15
N GLY F 272 11.00 -33.55 -32.74
CA GLY F 272 11.88 -32.64 -32.04
C GLY F 272 12.23 -31.41 -32.86
N PRO F 273 12.77 -30.37 -32.21
CA PRO F 273 13.14 -29.12 -32.88
C PRO F 273 14.15 -29.33 -34.00
N GLU F 274 15.18 -30.14 -33.73
CA GLU F 274 16.20 -30.42 -34.73
C GLU F 274 15.64 -31.14 -35.95
N GLU F 275 14.81 -32.14 -35.70
CA GLU F 275 14.17 -32.93 -36.75
C GLU F 275 13.20 -32.09 -37.60
N ALA F 276 12.46 -31.20 -36.92
CA ALA F 276 11.52 -30.30 -37.58
C ALA F 276 12.21 -29.35 -38.55
N ARG F 277 13.35 -28.80 -38.14
CA ARG F 277 14.09 -27.88 -38.98
C ARG F 277 14.53 -28.58 -40.27
N ARG F 278 15.02 -29.81 -40.15
CA ARG F 278 15.47 -30.59 -41.30
C ARG F 278 14.34 -30.84 -42.30
N LEU F 279 13.14 -31.10 -41.81
CA LEU F 279 12.02 -31.44 -42.70
C LEU F 279 11.33 -30.18 -43.24
N GLY F 280 11.69 -29.03 -42.71
CA GLY F 280 11.11 -27.77 -43.16
C GLY F 280 9.78 -27.45 -42.49
N ALA F 281 9.60 -27.90 -41.26
CA ALA F 281 8.39 -27.63 -40.51
C ALA F 281 8.70 -26.85 -39.23
N GLU F 282 7.68 -26.19 -38.70
CA GLU F 282 7.80 -25.49 -37.43
C GLU F 282 7.48 -26.40 -36.25
N TYR F 283 8.41 -26.45 -35.30
CA TYR F 283 8.24 -27.28 -34.11
C TYR F 283 7.33 -26.59 -33.10
N MET F 284 6.38 -27.34 -32.57
CA MET F 284 5.50 -26.89 -31.49
C MET F 284 5.56 -27.82 -30.29
N GLU F 285 5.91 -27.26 -29.14
CA GLU F 285 6.06 -28.05 -27.93
C GLU F 285 4.69 -28.50 -27.38
N ASP F 286 3.86 -27.53 -27.01
CA ASP F 286 2.55 -27.81 -26.42
C ASP F 286 1.32 -27.52 -27.31
N LEU F 287 0.22 -28.24 -27.08
CA LEU F 287 -1.00 -28.02 -27.86
C LEU F 287 -1.63 -26.65 -27.58
N LYS F 288 -1.36 -26.09 -26.41
CA LYS F 288 -1.95 -24.82 -26.00
C LYS F 288 -1.51 -23.71 -26.94
N GLY F 289 -0.19 -23.54 -27.10
CA GLY F 289 0.24 -22.43 -27.94
C GLY F 289 0.24 -22.69 -29.43
N LEU F 290 -0.43 -23.76 -29.86
CA LEU F 290 -0.54 -24.11 -31.27
C LEU F 290 -1.55 -23.19 -31.95
N ALA F 291 -2.71 -23.02 -31.31
CA ALA F 291 -3.75 -22.19 -31.89
C ALA F 291 -3.39 -20.71 -31.91
N GLU F 292 -2.62 -20.28 -30.92
CA GLU F 292 -2.16 -18.90 -30.83
C GLU F 292 -1.10 -18.62 -31.89
N ALA F 293 -0.32 -19.64 -32.20
CA ALA F 293 0.75 -19.54 -33.19
C ALA F 293 0.25 -19.40 -34.62
N LEU F 294 -0.98 -19.84 -34.88
CA LEU F 294 -1.55 -19.75 -36.21
C LEU F 294 -1.84 -18.31 -36.60
N TRP F 295 -2.05 -17.46 -35.59
CA TRP F 295 -2.39 -16.07 -35.82
C TRP F 295 -1.15 -15.22 -36.09
N LEU F 296 -0.02 -15.61 -35.49
CA LEU F 296 1.24 -14.89 -35.68
C LEU F 296 2.07 -15.52 -36.78
N PRO F 297 2.60 -14.68 -37.70
CA PRO F 297 3.36 -15.16 -38.87
C PRO F 297 4.81 -15.52 -38.56
N ARG F 298 5.22 -16.70 -39.01
CA ARG F 298 6.61 -17.16 -38.94
C ARG F 298 7.19 -17.09 -37.53
N GLY F 299 8.52 -16.92 -37.45
CA GLY F 299 9.21 -16.85 -36.18
C GLY F 299 10.60 -16.26 -36.33
N HIS G 20 -4.66 -28.54 -16.97
CA HIS G 20 -4.94 -27.97 -15.67
C HIS G 20 -6.31 -28.42 -15.15
N MET G 21 -6.32 -28.95 -13.92
CA MET G 21 -7.57 -29.43 -13.33
C MET G 21 -8.38 -28.26 -12.83
N THR G 22 -9.71 -28.42 -12.81
CA THR G 22 -10.62 -27.36 -12.38
C THR G 22 -10.35 -26.05 -13.12
N SER G 23 -10.84 -25.97 -14.35
CA SER G 23 -10.65 -24.79 -15.19
C SER G 23 -11.26 -23.56 -14.54
N SER G 24 -12.38 -23.75 -13.85
CA SER G 24 -13.03 -22.66 -13.13
C SER G 24 -12.28 -22.34 -11.85
N GLY G 25 -11.64 -21.17 -11.81
CA GLY G 25 -10.82 -20.78 -10.67
C GLY G 25 -11.05 -19.35 -10.23
N VAL G 26 -9.97 -18.67 -9.84
CA VAL G 26 -10.05 -17.31 -9.35
C VAL G 26 -8.87 -16.46 -9.79
N TYR G 27 -9.17 -15.30 -10.36
CA TYR G 27 -8.13 -14.35 -10.79
C TYR G 27 -8.51 -12.93 -10.40
N THR G 28 -7.67 -11.97 -10.73
CA THR G 28 -7.95 -10.57 -10.48
C THR G 28 -8.18 -9.83 -11.80
N ILE G 29 -8.80 -8.65 -11.72
CA ILE G 29 -9.05 -7.85 -12.92
C ILE G 29 -7.75 -7.21 -13.39
N ALA G 30 -6.75 -7.16 -12.52
CA ALA G 30 -5.44 -6.63 -12.86
C ALA G 30 -4.64 -7.65 -13.65
N GLU G 31 -4.77 -8.92 -13.26
CA GLU G 31 -4.07 -10.01 -13.93
C GLU G 31 -4.58 -10.18 -15.36
N VAL G 32 -5.88 -10.01 -15.54
CA VAL G 32 -6.49 -10.12 -16.87
C VAL G 32 -6.02 -9.00 -17.78
N GLU G 33 -5.83 -7.82 -17.20
CA GLU G 33 -5.37 -6.65 -17.96
C GLU G 33 -3.93 -6.81 -18.42
N ALA G 34 -3.19 -7.71 -17.78
CA ALA G 34 -1.80 -7.96 -18.13
C ALA G 34 -1.62 -9.26 -18.88
N MET G 35 -2.72 -9.99 -19.08
CA MET G 35 -2.67 -11.27 -19.78
C MET G 35 -3.39 -11.19 -21.12
N THR G 36 -4.46 -10.40 -21.17
CA THR G 36 -5.25 -10.27 -22.39
C THR G 36 -4.88 -9.01 -23.17
N GLY G 37 -4.47 -7.97 -22.45
CA GLY G 37 -4.12 -6.71 -23.07
C GLY G 37 -5.24 -5.69 -22.95
N LEU G 38 -6.46 -6.19 -22.76
CA LEU G 38 -7.62 -5.34 -22.59
C LEU G 38 -7.61 -4.67 -21.23
N SER G 39 -7.89 -3.37 -21.19
CA SER G 39 -7.87 -2.61 -19.94
C SER G 39 -8.98 -3.05 -19.00
N ALA G 40 -8.82 -2.73 -17.72
CA ALA G 40 -9.79 -3.12 -16.70
C ALA G 40 -11.13 -2.40 -16.89
N GLU G 41 -11.08 -1.21 -17.48
CA GLU G 41 -12.27 -0.42 -17.71
C GLU G 41 -13.19 -1.08 -18.74
N VAL G 42 -12.60 -1.78 -19.70
CA VAL G 42 -13.35 -2.46 -20.75
C VAL G 42 -14.03 -3.71 -20.21
N LEU G 43 -13.31 -4.46 -19.39
CA LEU G 43 -13.80 -5.72 -18.84
C LEU G 43 -15.09 -5.55 -18.03
N ARG G 44 -15.21 -4.40 -17.37
CA ARG G 44 -16.39 -4.11 -16.57
C ARG G 44 -17.55 -3.63 -17.42
N GLN G 45 -17.24 -3.08 -18.59
CA GLN G 45 -18.26 -2.57 -19.50
C GLN G 45 -18.93 -3.70 -20.28
N TRP G 46 -18.15 -4.69 -20.70
CA TRP G 46 -18.68 -5.82 -21.44
C TRP G 46 -19.53 -6.71 -20.53
N GLU G 47 -19.28 -6.63 -19.23
CA GLU G 47 -20.08 -7.36 -18.24
C GLU G 47 -21.40 -6.64 -18.01
N ARG G 48 -21.44 -5.35 -18.35
CA ARG G 48 -22.61 -4.52 -18.13
C ARG G 48 -23.54 -4.54 -19.35
N ARG G 49 -22.95 -4.60 -20.53
CA ARG G 49 -23.69 -4.48 -21.79
C ARG G 49 -24.04 -5.83 -22.40
N TYR G 50 -23.29 -6.87 -22.02
CA TYR G 50 -23.50 -8.20 -22.59
C TYR G 50 -23.75 -9.24 -21.51
N GLY G 51 -23.11 -9.06 -20.35
CA GLY G 51 -23.22 -10.01 -19.27
C GLY G 51 -22.04 -10.96 -19.24
N PHE G 52 -21.26 -10.95 -20.32
CA PHE G 52 -20.06 -11.78 -20.41
C PHE G 52 -18.81 -10.91 -20.45
N PRO G 53 -17.80 -11.27 -19.64
CA PRO G 53 -17.80 -12.42 -18.74
C PRO G 53 -18.48 -12.13 -17.40
N LYS G 54 -19.04 -13.16 -16.77
CA LYS G 54 -19.68 -13.02 -15.47
C LYS G 54 -18.96 -13.87 -14.43
N PRO G 55 -17.86 -13.35 -13.88
CA PRO G 55 -17.04 -14.08 -12.90
C PRO G 55 -17.69 -14.14 -11.53
N ARG G 56 -17.25 -15.10 -10.71
CA ARG G 56 -17.72 -15.20 -9.33
C ARG G 56 -17.28 -13.96 -8.55
N ARG G 57 -18.16 -13.48 -7.68
CA ARG G 57 -17.88 -12.27 -6.92
C ARG G 57 -17.47 -12.57 -5.48
N THR G 58 -16.45 -11.84 -5.01
CA THR G 58 -16.05 -11.92 -3.61
C THR G 58 -17.16 -11.36 -2.73
N PRO G 59 -17.20 -11.78 -1.45
CA PRO G 59 -18.18 -11.25 -0.49
C PRO G 59 -18.19 -9.72 -0.43
N GLY G 60 -17.06 -9.09 -0.72
CA GLY G 60 -16.98 -7.65 -0.74
C GLY G 60 -17.67 -7.06 -1.97
N GLY G 61 -17.39 -7.65 -3.13
CA GLY G 61 -18.00 -7.20 -4.37
C GLY G 61 -17.03 -7.23 -5.53
N HIS G 62 -15.79 -7.63 -5.26
CA HIS G 62 -14.76 -7.68 -6.29
C HIS G 62 -14.92 -8.89 -7.19
N ARG G 63 -14.30 -8.84 -8.37
CA ARG G 63 -14.43 -9.90 -9.37
C ARG G 63 -13.33 -10.95 -9.26
N LEU G 64 -13.71 -12.20 -9.48
CA LEU G 64 -12.75 -13.30 -9.48
C LEU G 64 -12.90 -14.14 -10.74
N TYR G 65 -12.18 -13.75 -11.79
CA TYR G 65 -12.28 -14.43 -13.09
C TYR G 65 -11.69 -15.84 -13.04
N SER G 66 -12.24 -16.72 -13.86
CA SER G 66 -11.75 -18.09 -13.94
C SER G 66 -10.77 -18.26 -15.12
N ALA G 67 -9.99 -19.33 -15.08
CA ALA G 67 -9.01 -19.59 -16.13
C ALA G 67 -9.68 -19.86 -17.47
N GLU G 68 -10.88 -20.42 -17.43
CA GLU G 68 -11.65 -20.69 -18.64
C GLU G 68 -12.05 -19.38 -19.32
N ASP G 69 -12.30 -18.36 -18.51
CA ASP G 69 -12.68 -17.05 -19.03
C ASP G 69 -11.46 -16.31 -19.59
N VAL G 70 -10.29 -16.59 -19.00
CA VAL G 70 -9.05 -15.94 -19.42
C VAL G 70 -8.68 -16.31 -20.85
N GLU G 71 -8.69 -17.61 -21.14
CA GLU G 71 -8.39 -18.10 -22.48
C GLU G 71 -9.50 -17.71 -23.45
N ALA G 72 -10.70 -17.53 -22.93
CA ALA G 72 -11.84 -17.13 -23.73
C ALA G 72 -11.67 -15.70 -24.25
N LEU G 73 -11.29 -14.80 -23.36
CA LEU G 73 -11.10 -13.39 -23.72
C LEU G 73 -9.92 -13.23 -24.67
N LYS G 74 -8.92 -14.09 -24.53
CA LYS G 74 -7.74 -14.05 -25.39
C LYS G 74 -8.11 -14.43 -26.83
N THR G 75 -9.19 -15.20 -26.97
CA THR G 75 -9.67 -15.61 -28.29
C THR G 75 -10.49 -14.50 -28.93
N ILE G 76 -11.25 -13.78 -28.12
CA ILE G 76 -12.07 -12.67 -28.62
C ILE G 76 -11.19 -11.53 -29.11
N LYS G 77 -10.05 -11.34 -28.45
CA LYS G 77 -9.11 -10.30 -28.85
C LYS G 77 -8.54 -10.56 -30.25
N ARG G 78 -8.48 -11.83 -30.62
CA ARG G 78 -8.01 -12.22 -31.95
C ARG G 78 -9.02 -11.82 -33.02
N TRP G 79 -10.30 -12.07 -32.75
CA TRP G 79 -11.36 -11.76 -33.69
C TRP G 79 -11.55 -10.26 -33.87
N LEU G 80 -11.40 -9.51 -32.79
CA LEU G 80 -11.54 -8.06 -32.83
C LEU G 80 -10.41 -7.43 -33.63
N GLU G 81 -9.25 -8.07 -33.62
CA GLU G 81 -8.10 -7.58 -34.37
C GLU G 81 -8.11 -8.10 -35.80
N GLU G 82 -8.96 -9.09 -36.06
CA GLU G 82 -9.09 -9.65 -37.39
C GLU G 82 -10.23 -8.98 -38.16
N GLY G 83 -11.01 -8.18 -37.46
CA GLY G 83 -12.12 -7.47 -38.07
C GLY G 83 -13.47 -7.94 -37.59
N ALA G 84 -13.82 -7.59 -36.37
CA ALA G 84 -15.11 -7.97 -35.80
C ALA G 84 -15.51 -7.02 -34.68
N THR G 85 -16.81 -6.91 -34.44
CA THR G 85 -17.33 -6.05 -33.37
C THR G 85 -17.55 -6.86 -32.10
N PRO G 86 -17.30 -6.25 -30.93
CA PRO G 86 -17.45 -6.91 -29.63
C PRO G 86 -18.84 -7.50 -29.39
N LYS G 87 -19.86 -6.91 -30.01
CA LYS G 87 -21.23 -7.38 -29.82
C LYS G 87 -21.44 -8.74 -30.49
N ALA G 88 -20.78 -8.96 -31.62
CA ALA G 88 -20.92 -10.20 -32.36
C ALA G 88 -19.80 -11.18 -32.02
N ALA G 89 -18.65 -10.65 -31.61
CA ALA G 89 -17.50 -11.48 -31.25
C ALA G 89 -17.80 -12.31 -30.01
N ILE G 90 -18.61 -11.76 -29.11
CA ILE G 90 -18.99 -12.46 -27.89
C ILE G 90 -20.15 -13.41 -28.15
N ARG G 91 -21.12 -12.96 -28.95
CA ARG G 91 -22.30 -13.75 -29.28
C ARG G 91 -21.94 -15.02 -30.05
N ARG G 92 -20.92 -14.92 -30.90
CA ARG G 92 -20.50 -16.07 -31.69
C ARG G 92 -19.71 -17.07 -30.85
N TYR G 93 -19.17 -16.60 -29.73
CA TYR G 93 -18.43 -17.46 -28.82
C TYR G 93 -19.35 -18.10 -27.79
N LEU G 94 -20.38 -17.36 -27.38
CA LEU G 94 -21.34 -17.85 -26.41
C LEU G 94 -22.14 -19.02 -26.97
N ALA G 95 -22.40 -18.98 -28.28
CA ALA G 95 -23.11 -20.05 -28.95
C ALA G 95 -22.22 -21.28 -29.12
N GLN G 96 -20.95 -21.06 -29.40
CA GLN G 96 -20.00 -22.15 -29.60
C GLN G 96 -19.70 -22.87 -28.29
N GLU G 97 -18.87 -22.26 -27.45
CA GLU G 97 -18.52 -22.84 -26.16
C GLU G 97 -19.50 -22.42 -25.08
N VAL G 98 -20.76 -22.81 -25.27
CA VAL G 98 -21.82 -22.45 -24.33
C VAL G 98 -21.61 -23.07 -22.96
N ARG G 99 -21.89 -22.29 -21.91
CA ARG G 99 -21.75 -22.77 -20.54
C ARG G 99 -22.72 -23.90 -20.24
N PRO G 100 -22.25 -24.92 -19.49
CA PRO G 100 -23.05 -26.10 -19.14
C PRO G 100 -24.38 -25.75 -18.49
N GLU G 101 -24.39 -24.78 -17.58
CA GLU G 101 -25.62 -24.42 -16.88
C GLU G 101 -26.47 -23.43 -17.68
N ASP G 102 -25.85 -22.79 -18.68
CA ASP G 102 -26.55 -21.81 -19.51
C ASP G 102 -27.39 -22.50 -20.58
N LEU G 103 -27.19 -23.80 -20.76
CA LEU G 103 -27.93 -24.56 -21.77
C LEU G 103 -29.40 -24.70 -21.38
N GLY G 104 -29.66 -24.91 -20.10
CA GLY G 104 -31.02 -25.00 -19.60
C GLY G 104 -31.78 -23.71 -19.81
N THR G 105 -31.16 -22.60 -19.43
CA THR G 105 -31.75 -21.28 -19.63
C THR G 105 -31.90 -20.97 -21.11
N GLY G 106 -30.85 -21.25 -21.88
CA GLY G 106 -30.82 -21.02 -23.31
C GLY G 106 -31.88 -21.78 -24.09
N LEU G 107 -32.02 -23.06 -23.78
CA LEU G 107 -33.00 -23.91 -24.44
C LEU G 107 -34.42 -23.40 -24.23
N LEU G 108 -34.75 -23.03 -23.00
CA LEU G 108 -36.09 -22.54 -22.68
C LEU G 108 -36.37 -21.23 -23.40
N GLU G 109 -35.38 -20.33 -23.41
CA GLU G 109 -35.51 -19.05 -24.09
C GLU G 109 -35.72 -19.25 -25.59
N ALA G 110 -35.00 -20.21 -26.17
CA ALA G 110 -35.14 -20.51 -27.59
C ALA G 110 -36.53 -21.04 -27.92
N LEU G 111 -37.05 -21.89 -27.05
CA LEU G 111 -38.40 -22.46 -27.22
C LEU G 111 -39.47 -21.38 -27.09
N LEU G 112 -39.32 -20.50 -26.10
CA LEU G 112 -40.28 -19.44 -25.83
C LEU G 112 -40.38 -18.43 -26.97
N ARG G 113 -39.34 -18.33 -27.78
CA ARG G 113 -39.35 -17.42 -28.93
C ARG G 113 -39.72 -18.16 -30.22
N GLY G 114 -40.03 -19.44 -30.10
CA GLY G 114 -40.48 -20.22 -31.25
C GLY G 114 -39.38 -20.66 -32.19
N ASP G 115 -38.14 -20.64 -31.72
CA ASP G 115 -36.98 -21.04 -32.52
C ASP G 115 -36.68 -22.54 -32.40
N LEU G 116 -37.44 -23.38 -33.09
CA LEU G 116 -37.26 -24.83 -32.99
C LEU G 116 -35.89 -25.25 -33.51
N ALA G 117 -35.44 -24.64 -34.59
CA ALA G 117 -34.13 -24.96 -35.17
C ALA G 117 -33.02 -24.72 -34.15
N GLY G 118 -33.03 -23.54 -33.54
CA GLY G 118 -32.06 -23.20 -32.51
C GLY G 118 -32.15 -24.10 -31.30
N ALA G 119 -33.36 -24.50 -30.95
CA ALA G 119 -33.59 -25.37 -29.80
C ALA G 119 -33.05 -26.76 -30.06
N GLU G 120 -33.32 -27.30 -31.24
CA GLU G 120 -32.81 -28.60 -31.64
C GLU G 120 -31.28 -28.63 -31.63
N ALA G 121 -30.67 -27.53 -32.05
CA ALA G 121 -29.23 -27.42 -32.12
C ALA G 121 -28.62 -27.41 -30.73
N LEU G 122 -29.28 -26.69 -29.81
CA LEU G 122 -28.81 -26.59 -28.43
C LEU G 122 -28.91 -27.94 -27.73
N PHE G 123 -29.96 -28.69 -28.03
CA PHE G 123 -30.17 -30.01 -27.44
C PHE G 123 -29.08 -30.97 -27.89
N ARG G 124 -28.73 -30.92 -29.17
CA ARG G 124 -27.68 -31.78 -29.71
C ARG G 124 -26.34 -31.51 -29.03
N ARG G 125 -26.07 -30.25 -28.71
CA ARG G 125 -24.85 -29.89 -27.99
C ARG G 125 -24.81 -30.52 -26.59
N GLY G 126 -25.96 -30.56 -25.94
CA GLY G 126 -26.11 -31.15 -24.62
C GLY G 126 -25.94 -32.65 -24.63
N LEU G 127 -26.51 -33.28 -25.66
CA LEU G 127 -26.46 -34.73 -25.87
C LEU G 127 -25.00 -35.19 -26.00
N ARG G 128 -24.20 -34.41 -26.70
CA ARG G 128 -22.82 -34.78 -26.95
C ARG G 128 -21.98 -34.56 -25.69
N PHE G 129 -22.38 -33.59 -24.86
CA PHE G 129 -21.64 -33.29 -23.62
C PHE G 129 -21.98 -34.20 -22.46
N TRP G 130 -23.27 -34.37 -22.17
CA TRP G 130 -23.67 -35.14 -20.99
C TRP G 130 -23.88 -36.60 -21.32
N GLY G 131 -24.01 -36.91 -22.61
CA GLY G 131 -24.33 -38.26 -23.02
C GLY G 131 -25.83 -38.46 -23.00
N PRO G 132 -26.29 -39.62 -23.50
CA PRO G 132 -27.72 -39.91 -23.61
C PRO G 132 -28.45 -39.82 -22.27
N GLU G 133 -27.98 -40.55 -21.26
CA GLU G 133 -28.58 -40.46 -19.93
C GLU G 133 -28.33 -39.12 -19.27
N GLY G 134 -27.13 -38.59 -19.46
CA GLY G 134 -26.75 -37.32 -18.87
C GLY G 134 -27.60 -36.14 -19.28
N VAL G 135 -27.92 -36.06 -20.57
CA VAL G 135 -28.66 -34.94 -21.12
C VAL G 135 -30.10 -34.95 -20.61
N LEU G 136 -30.62 -36.13 -20.26
CA LEU G 136 -31.97 -36.22 -19.72
C LEU G 136 -32.06 -35.68 -18.30
N GLU G 137 -31.09 -36.02 -17.46
CA GLU G 137 -31.09 -35.58 -16.07
C GLU G 137 -30.75 -34.10 -15.92
N HIS G 138 -29.77 -33.62 -16.69
CA HIS G 138 -29.26 -32.27 -16.48
C HIS G 138 -29.81 -31.23 -17.46
N LEU G 139 -30.58 -31.65 -18.46
CA LEU G 139 -31.13 -30.70 -19.42
C LEU G 139 -32.64 -30.90 -19.59
N LEU G 140 -33.04 -32.12 -19.97
CA LEU G 140 -34.44 -32.43 -20.24
C LEU G 140 -35.30 -32.23 -19.00
N LEU G 141 -34.89 -32.83 -17.89
CA LEU G 141 -35.66 -32.77 -16.65
C LEU G 141 -35.72 -31.37 -16.00
N PRO G 142 -34.58 -30.67 -15.86
CA PRO G 142 -34.66 -29.34 -15.23
C PRO G 142 -35.51 -28.33 -16.01
N VAL G 143 -35.49 -28.42 -17.34
CA VAL G 143 -36.28 -27.52 -18.16
C VAL G 143 -37.78 -27.78 -17.97
N LEU G 144 -38.17 -29.05 -17.98
CA LEU G 144 -39.57 -29.40 -17.77
C LEU G 144 -40.11 -28.95 -16.42
N ARG G 145 -39.28 -29.08 -15.38
CA ARG G 145 -39.68 -28.64 -14.05
C ARG G 145 -39.87 -27.13 -13.98
N GLU G 146 -38.92 -26.41 -14.58
CA GLU G 146 -38.96 -24.95 -14.58
C GLU G 146 -40.16 -24.44 -15.39
N VAL G 147 -40.45 -25.10 -16.51
CA VAL G 147 -41.62 -24.76 -17.33
C VAL G 147 -42.92 -24.85 -16.53
N GLY G 148 -43.06 -25.87 -15.71
CA GLY G 148 -44.23 -26.03 -14.87
C GLY G 148 -44.31 -24.95 -13.81
N GLU G 149 -43.16 -24.61 -13.23
CA GLU G 149 -43.09 -23.58 -12.20
C GLU G 149 -43.34 -22.19 -12.81
N ALA G 150 -42.80 -21.96 -14.00
CA ALA G 150 -42.96 -20.68 -14.68
C ALA G 150 -44.43 -20.46 -15.01
N TRP G 151 -45.10 -21.53 -15.44
CA TRP G 151 -46.53 -21.47 -15.73
C TRP G 151 -47.28 -21.20 -14.43
N HIS G 152 -46.86 -21.88 -13.37
CA HIS G 152 -47.50 -21.76 -12.07
C HIS G 152 -47.38 -20.34 -11.50
N ARG G 153 -46.25 -19.69 -11.79
CA ARG G 153 -46.04 -18.32 -11.34
C ARG G 153 -46.77 -17.31 -12.23
N GLY G 154 -47.21 -17.78 -13.40
CA GLY G 154 -47.93 -16.94 -14.34
C GLY G 154 -47.02 -16.23 -15.32
N GLU G 155 -45.79 -16.70 -15.44
CA GLU G 155 -44.81 -16.07 -16.32
C GLU G 155 -45.05 -16.50 -17.76
N ILE G 156 -45.54 -17.72 -17.94
CA ILE G 156 -45.91 -18.22 -19.27
C ILE G 156 -47.31 -18.81 -19.24
N GLY G 157 -47.93 -18.88 -20.42
CA GLY G 157 -49.25 -19.46 -20.56
C GLY G 157 -49.18 -20.93 -20.93
N VAL G 158 -50.35 -21.57 -21.01
CA VAL G 158 -50.43 -23.00 -21.30
C VAL G 158 -49.88 -23.31 -22.69
N ALA G 159 -50.17 -22.43 -23.65
CA ALA G 159 -49.73 -22.61 -25.02
C ALA G 159 -48.22 -22.64 -25.15
N GLU G 160 -47.52 -21.85 -24.32
CA GLU G 160 -46.07 -21.82 -24.35
C GLU G 160 -45.49 -23.12 -23.78
N GLU G 161 -46.12 -23.61 -22.72
CA GLU G 161 -45.76 -24.91 -22.13
C GLU G 161 -45.93 -26.05 -23.13
N HIS G 162 -47.07 -26.05 -23.82
CA HIS G 162 -47.37 -27.07 -24.82
C HIS G 162 -46.27 -27.20 -25.88
N LEU G 163 -45.82 -26.07 -26.39
CA LEU G 163 -44.78 -26.04 -27.42
C LEU G 163 -43.51 -26.72 -26.89
N ALA G 164 -43.08 -26.30 -25.71
CA ALA G 164 -41.86 -26.81 -25.09
C ALA G 164 -41.98 -28.29 -24.75
N SER G 165 -43.12 -28.70 -24.22
CA SER G 165 -43.31 -30.09 -23.80
C SER G 165 -43.35 -31.04 -25.00
N THR G 166 -44.01 -30.60 -26.07
CA THR G 166 -44.11 -31.40 -27.29
C THR G 166 -42.73 -31.60 -27.94
N PHE G 167 -41.94 -30.53 -27.93
CA PHE G 167 -40.58 -30.57 -28.46
C PHE G 167 -39.70 -31.56 -27.71
N LEU G 168 -39.69 -31.44 -26.39
CA LEU G 168 -38.82 -32.27 -25.56
C LEU G 168 -39.23 -33.73 -25.60
N ARG G 169 -40.53 -33.97 -25.73
CA ARG G 169 -41.07 -35.31 -25.87
C ARG G 169 -40.56 -35.94 -27.17
N ALA G 170 -40.50 -35.15 -28.23
CA ALA G 170 -40.04 -35.62 -29.54
C ALA G 170 -38.56 -36.02 -29.52
N ARG G 171 -37.76 -35.29 -28.75
CA ARG G 171 -36.33 -35.59 -28.61
C ARG G 171 -36.14 -36.90 -27.86
N LEU G 172 -36.91 -37.09 -26.79
CA LEU G 172 -36.82 -38.29 -25.96
C LEU G 172 -37.26 -39.52 -26.75
N GLN G 173 -38.31 -39.37 -27.56
CA GLN G 173 -38.80 -40.46 -28.40
C GLN G 173 -37.76 -40.87 -29.44
N GLU G 174 -36.98 -39.89 -29.89
CA GLU G 174 -35.91 -40.13 -30.84
C GLU G 174 -34.84 -41.02 -30.20
N LEU G 175 -34.46 -40.71 -28.97
CA LEU G 175 -33.48 -41.49 -28.22
C LEU G 175 -34.02 -42.89 -27.95
N LEU G 176 -35.31 -42.97 -27.65
CA LEU G 176 -35.97 -44.24 -27.37
C LEU G 176 -35.83 -45.17 -28.59
N ASP G 177 -36.08 -44.61 -29.77
CA ASP G 177 -36.01 -45.37 -31.01
C ASP G 177 -34.56 -45.72 -31.38
N LEU G 178 -33.62 -44.93 -30.89
CA LEU G 178 -32.21 -45.21 -31.21
C LEU G 178 -31.67 -46.32 -30.33
N ALA G 179 -32.29 -46.53 -29.17
CA ALA G 179 -31.85 -47.62 -28.33
C ALA G 179 -32.25 -48.93 -29.01
N GLY G 180 -31.59 -50.02 -28.62
CA GLY G 180 -31.92 -51.35 -29.09
C GLY G 180 -33.30 -51.79 -28.68
N PHE G 181 -33.86 -52.75 -29.38
CA PHE G 181 -35.08 -53.41 -28.93
C PHE G 181 -34.92 -54.90 -29.11
N PRO G 182 -34.41 -55.56 -28.05
CA PRO G 182 -34.12 -56.99 -28.03
C PRO G 182 -35.37 -57.86 -28.06
N PRO G 183 -35.24 -59.10 -28.57
CA PRO G 183 -36.32 -60.08 -28.54
C PRO G 183 -36.62 -60.54 -27.12
N GLY G 184 -37.59 -61.45 -26.96
CA GLY G 184 -37.92 -61.93 -25.63
C GLY G 184 -39.16 -61.30 -25.04
N PRO G 185 -39.62 -61.82 -23.90
CA PRO G 185 -40.83 -61.33 -23.23
C PRO G 185 -40.75 -59.84 -22.91
N PRO G 186 -41.70 -59.05 -23.41
CA PRO G 186 -41.65 -57.59 -23.31
C PRO G 186 -41.95 -57.10 -21.89
N VAL G 187 -41.60 -55.85 -21.61
CA VAL G 187 -42.05 -55.16 -20.40
C VAL G 187 -42.95 -54.01 -20.81
N LEU G 188 -44.20 -54.02 -20.33
CA LEU G 188 -45.13 -52.97 -20.71
C LEU G 188 -45.01 -51.76 -19.81
N VAL G 189 -44.83 -50.60 -20.43
CA VAL G 189 -44.67 -49.34 -19.69
C VAL G 189 -45.76 -48.34 -20.05
N THR G 190 -46.46 -47.85 -19.03
CA THR G 190 -47.51 -46.84 -19.22
C THR G 190 -47.76 -46.08 -17.94
N THR G 191 -48.89 -45.38 -17.87
CA THR G 191 -49.28 -44.67 -16.66
C THR G 191 -50.67 -45.10 -16.22
N PRO G 192 -50.99 -44.91 -14.92
CA PRO G 192 -52.33 -45.31 -14.45
C PRO G 192 -53.43 -44.49 -15.13
N PRO G 193 -54.66 -45.00 -15.14
CA PRO G 193 -55.79 -44.25 -15.70
C PRO G 193 -56.00 -42.89 -15.04
N GLY G 194 -56.22 -41.86 -15.83
CA GLY G 194 -56.37 -40.51 -15.31
C GLY G 194 -55.08 -39.73 -15.28
N GLU G 195 -53.98 -40.41 -15.55
CA GLU G 195 -52.65 -39.80 -15.55
C GLU G 195 -52.19 -39.48 -16.96
N ARG G 196 -52.10 -38.20 -17.29
CA ARG G 196 -51.79 -37.78 -18.67
C ARG G 196 -50.34 -37.33 -18.85
N HIS G 197 -49.57 -37.31 -17.77
CA HIS G 197 -48.15 -37.03 -17.88
C HIS G 197 -47.42 -38.30 -18.30
N GLU G 198 -46.84 -38.27 -19.49
CA GLU G 198 -46.33 -39.49 -20.12
C GLU G 198 -44.81 -39.52 -20.20
N ILE G 199 -44.18 -38.38 -19.91
CA ILE G 199 -42.74 -38.24 -20.09
C ILE G 199 -42.01 -39.08 -19.04
N GLY G 200 -42.62 -39.20 -17.86
CA GLY G 200 -42.10 -40.05 -16.81
C GLY G 200 -42.04 -41.51 -17.22
N ALA G 201 -43.09 -41.98 -17.88
CA ALA G 201 -43.13 -43.34 -18.41
C ALA G 201 -42.10 -43.58 -19.49
N MET G 202 -41.92 -42.60 -20.38
CA MET G 202 -40.92 -42.70 -21.44
C MET G 202 -39.50 -42.82 -20.89
N LEU G 203 -39.20 -42.05 -19.84
CA LEU G 203 -37.90 -42.13 -19.19
C LEU G 203 -37.63 -43.53 -18.65
N ALA G 204 -38.63 -44.11 -17.99
CA ALA G 204 -38.51 -45.45 -17.44
C ALA G 204 -38.24 -46.47 -18.56
N ALA G 205 -39.02 -46.38 -19.62
CA ALA G 205 -38.89 -47.24 -20.79
C ALA G 205 -37.49 -47.13 -21.40
N TYR G 206 -36.99 -45.91 -21.47
CA TYR G 206 -35.68 -45.65 -22.08
C TYR G 206 -34.54 -46.28 -21.31
N HIS G 207 -34.56 -46.12 -20.00
CA HIS G 207 -33.53 -46.68 -19.13
C HIS G 207 -33.54 -48.21 -19.19
N LEU G 208 -34.71 -48.79 -19.41
CA LEU G 208 -34.86 -50.24 -19.53
C LEU G 208 -34.24 -50.72 -20.84
N ARG G 209 -34.54 -50.04 -21.94
CA ARG G 209 -33.99 -50.37 -23.27
C ARG G 209 -32.47 -50.26 -23.28
N ARG G 210 -31.94 -49.27 -22.56
CA ARG G 210 -30.51 -49.08 -22.46
C ARG G 210 -29.80 -50.20 -21.72
N LYS G 211 -30.56 -50.97 -20.94
CA LYS G 211 -30.02 -52.13 -20.24
C LYS G 211 -30.43 -53.44 -20.87
N GLY G 212 -30.95 -53.35 -22.10
CA GLY G 212 -31.26 -54.52 -22.90
C GLY G 212 -32.58 -55.17 -22.52
N VAL G 213 -33.49 -54.38 -21.94
CA VAL G 213 -34.82 -54.88 -21.64
C VAL G 213 -35.80 -54.41 -22.71
N PRO G 214 -36.56 -55.35 -23.29
CA PRO G 214 -37.53 -55.02 -24.34
C PRO G 214 -38.74 -54.30 -23.78
N ALA G 215 -38.56 -53.04 -23.40
CA ALA G 215 -39.66 -52.25 -22.87
C ALA G 215 -40.60 -51.71 -23.95
N LEU G 216 -41.83 -52.20 -23.94
CA LEU G 216 -42.88 -51.69 -24.81
C LEU G 216 -43.59 -50.50 -24.20
N TYR G 217 -43.30 -49.31 -24.72
CA TYR G 217 -43.99 -48.11 -24.27
C TYR G 217 -45.36 -48.00 -24.93
N LEU G 218 -46.40 -47.95 -24.12
CA LEU G 218 -47.77 -47.97 -24.63
C LEU G 218 -48.31 -46.57 -24.85
N GLY G 219 -47.75 -45.58 -24.16
CA GLY G 219 -48.40 -44.30 -24.05
C GLY G 219 -49.08 -44.19 -22.71
N PRO G 220 -49.66 -43.01 -22.40
CA PRO G 220 -50.24 -42.82 -21.08
C PRO G 220 -51.68 -43.32 -20.99
N ASP G 221 -52.21 -43.36 -19.76
CA ASP G 221 -53.64 -43.48 -19.51
C ASP G 221 -54.19 -44.80 -20.06
N THR G 222 -53.85 -45.92 -19.42
CA THR G 222 -54.28 -47.23 -19.88
C THR G 222 -55.17 -47.89 -18.82
N PRO G 223 -56.40 -48.25 -19.21
CA PRO G 223 -57.31 -48.98 -18.31
C PRO G 223 -56.71 -50.30 -17.80
N LEU G 224 -56.89 -50.58 -16.52
CA LEU G 224 -56.29 -51.75 -15.89
C LEU G 224 -56.71 -53.12 -16.45
N PRO G 225 -58.01 -53.33 -16.73
CA PRO G 225 -58.39 -54.62 -17.31
C PRO G 225 -57.74 -54.90 -18.66
N ASP G 226 -57.64 -53.86 -19.49
CA ASP G 226 -57.04 -53.98 -20.81
C ASP G 226 -55.55 -54.21 -20.71
N LEU G 227 -54.93 -53.57 -19.73
CA LEU G 227 -53.50 -53.72 -19.48
C LEU G 227 -53.19 -55.14 -19.04
N ARG G 228 -54.04 -55.70 -18.18
CA ARG G 228 -53.85 -57.06 -17.69
C ARG G 228 -54.01 -58.07 -18.83
N ALA G 229 -55.00 -57.81 -19.69
CA ALA G 229 -55.28 -58.69 -20.82
C ALA G 229 -54.13 -58.71 -21.82
N LEU G 230 -53.54 -57.54 -22.06
CA LEU G 230 -52.41 -57.43 -22.98
C LEU G 230 -51.16 -58.09 -22.43
N ALA G 231 -50.93 -57.91 -21.13
CA ALA G 231 -49.77 -58.48 -20.46
C ALA G 231 -49.85 -60.00 -20.51
N ARG G 232 -51.05 -60.53 -20.34
CA ARG G 232 -51.25 -61.97 -20.38
C ARG G 232 -50.99 -62.52 -21.78
N ARG G 233 -51.55 -61.85 -22.79
CA ARG G 233 -51.47 -62.34 -24.17
C ARG G 233 -50.05 -62.28 -24.74
N LEU G 234 -49.30 -61.25 -24.35
CA LEU G 234 -47.93 -61.09 -24.85
C LEU G 234 -46.92 -61.79 -23.95
N GLY G 235 -47.40 -62.38 -22.87
CA GLY G 235 -46.54 -63.02 -21.89
C GLY G 235 -45.53 -62.05 -21.31
N ALA G 236 -45.97 -60.83 -21.04
CA ALA G 236 -45.09 -59.79 -20.51
C ALA G 236 -44.55 -60.20 -19.14
N GLY G 237 -43.27 -59.94 -18.92
CA GLY G 237 -42.64 -60.30 -17.66
C GLY G 237 -42.96 -59.32 -16.55
N ALA G 238 -43.19 -58.06 -16.91
CA ALA G 238 -43.48 -57.04 -15.91
C ALA G 238 -44.28 -55.87 -16.48
N VAL G 239 -44.94 -55.13 -15.60
CA VAL G 239 -45.60 -53.88 -15.96
C VAL G 239 -45.01 -52.74 -15.14
N VAL G 240 -44.70 -51.62 -15.81
CA VAL G 240 -44.14 -50.45 -15.14
C VAL G 240 -45.06 -49.24 -15.28
N LEU G 241 -45.44 -48.66 -14.15
CA LEU G 241 -46.33 -47.51 -14.13
C LEU G 241 -45.66 -46.24 -13.59
N SER G 242 -45.80 -45.14 -14.33
CA SER G 242 -45.31 -43.85 -13.86
C SER G 242 -46.45 -42.96 -13.39
N ALA G 243 -46.42 -42.58 -12.11
CA ALA G 243 -47.44 -41.69 -11.57
C ALA G 243 -46.86 -40.35 -11.14
N VAL G 244 -47.25 -39.30 -11.85
CA VAL G 244 -46.79 -37.94 -11.53
C VAL G 244 -47.72 -37.28 -10.52
N LEU G 245 -49.02 -37.41 -10.75
CA LEU G 245 -50.04 -36.97 -9.81
C LEU G 245 -50.42 -38.09 -8.85
N SER G 246 -50.83 -37.71 -7.63
CA SER G 246 -51.21 -38.68 -6.62
C SER G 246 -52.68 -39.05 -6.67
N GLU G 247 -53.51 -38.16 -7.20
CA GLU G 247 -54.96 -38.37 -7.21
C GLU G 247 -55.39 -39.60 -8.03
N PRO G 248 -54.79 -39.83 -9.23
CA PRO G 248 -55.12 -41.07 -9.95
C PRO G 248 -54.88 -42.34 -9.14
N LEU G 249 -53.83 -42.35 -8.31
CA LEU G 249 -53.54 -43.49 -7.47
C LEU G 249 -54.54 -43.64 -6.34
N ARG G 250 -54.87 -42.52 -5.69
CA ARG G 250 -55.81 -42.53 -4.58
C ARG G 250 -57.19 -43.01 -5.03
N ALA G 251 -57.52 -42.78 -6.28
CA ALA G 251 -58.80 -43.22 -6.83
C ALA G 251 -58.88 -44.73 -7.08
N LEU G 252 -57.74 -45.41 -7.05
CA LEU G 252 -57.71 -46.86 -7.24
C LEU G 252 -57.94 -47.63 -5.96
N PRO G 253 -58.72 -48.72 -6.03
CA PRO G 253 -58.96 -49.57 -4.86
C PRO G 253 -57.73 -50.37 -4.44
N ASP G 254 -57.75 -50.95 -3.24
CA ASP G 254 -56.66 -51.76 -2.73
C ASP G 254 -56.39 -52.98 -3.61
N GLY G 255 -55.11 -53.28 -3.83
CA GLY G 255 -54.70 -54.44 -4.60
C GLY G 255 -55.03 -54.39 -6.07
N ALA G 256 -55.35 -53.20 -6.58
CA ALA G 256 -55.76 -53.03 -7.97
C ALA G 256 -54.66 -53.41 -8.96
N LEU G 257 -53.41 -53.30 -8.54
CA LEU G 257 -52.27 -53.54 -9.42
C LEU G 257 -51.64 -54.91 -9.22
N LYS G 258 -52.18 -55.71 -8.31
CA LYS G 258 -51.51 -56.94 -7.90
C LYS G 258 -51.36 -57.97 -9.03
N ASP G 259 -52.42 -58.18 -9.79
CA ASP G 259 -52.44 -59.26 -10.78
C ASP G 259 -52.20 -58.83 -12.22
N LEU G 260 -51.63 -57.64 -12.41
CA LEU G 260 -51.42 -57.12 -13.76
C LEU G 260 -50.40 -57.96 -14.53
N ALA G 261 -49.30 -58.27 -13.86
CA ALA G 261 -48.20 -59.00 -14.46
C ALA G 261 -47.45 -59.73 -13.34
N PRO G 262 -46.54 -60.67 -13.69
CA PRO G 262 -45.76 -61.35 -12.64
C PRO G 262 -45.03 -60.38 -11.70
N ARG G 263 -44.59 -59.24 -12.22
CA ARG G 263 -44.02 -58.17 -11.38
C ARG G 263 -44.57 -56.81 -11.77
N VAL G 264 -44.93 -56.01 -10.78
CA VAL G 264 -45.48 -54.69 -11.05
C VAL G 264 -44.71 -53.61 -10.29
N PHE G 265 -44.26 -52.58 -11.02
CA PHE G 265 -43.49 -51.51 -10.42
C PHE G 265 -44.21 -50.17 -10.53
N LEU G 266 -44.02 -49.33 -9.53
CA LEU G 266 -44.67 -48.03 -9.48
C LEU G 266 -43.72 -46.95 -8.99
N GLY G 267 -43.57 -45.89 -9.77
CA GLY G 267 -42.71 -44.77 -9.41
C GLY G 267 -43.23 -43.44 -9.91
N GLY G 268 -42.49 -42.37 -9.62
CA GLY G 268 -42.93 -41.04 -10.02
C GLY G 268 -43.15 -40.16 -8.81
N GLN G 269 -43.35 -38.87 -9.05
CA GLN G 269 -43.54 -37.91 -7.98
C GLN G 269 -44.83 -38.17 -7.21
N GLY G 270 -45.85 -38.68 -7.91
CA GLY G 270 -47.13 -38.93 -7.29
C GLY G 270 -47.22 -40.25 -6.53
N ALA G 271 -46.14 -41.02 -6.58
CA ALA G 271 -46.12 -42.34 -5.94
C ALA G 271 -45.25 -42.34 -4.68
N GLY G 272 -45.61 -43.22 -3.74
CA GLY G 272 -44.86 -43.36 -2.51
C GLY G 272 -44.90 -44.80 -2.03
N PRO G 273 -43.97 -45.15 -1.12
CA PRO G 273 -43.86 -46.54 -0.63
C PRO G 273 -45.12 -47.02 0.07
N GLU G 274 -45.78 -46.14 0.82
CA GLU G 274 -46.98 -46.49 1.57
C GLU G 274 -48.11 -46.79 0.60
N GLU G 275 -48.24 -45.93 -0.41
CA GLU G 275 -49.29 -46.06 -1.42
C GLU G 275 -49.08 -47.26 -2.33
N ALA G 276 -47.82 -47.55 -2.63
CA ALA G 276 -47.48 -48.71 -3.45
C ALA G 276 -47.86 -50.02 -2.78
N ARG G 277 -47.59 -50.12 -1.48
CA ARG G 277 -47.94 -51.31 -0.71
C ARG G 277 -49.45 -51.58 -0.70
N ARG G 278 -50.24 -50.52 -0.66
CA ARG G 278 -51.69 -50.63 -0.62
C ARG G 278 -52.24 -51.15 -1.95
N LEU G 279 -51.64 -50.69 -3.05
CA LEU G 279 -52.10 -51.07 -4.38
C LEU G 279 -51.53 -52.41 -4.83
N GLY G 280 -50.57 -52.94 -4.08
CA GLY G 280 -49.98 -54.22 -4.39
C GLY G 280 -48.87 -54.13 -5.42
N ALA G 281 -48.16 -53.01 -5.44
CA ALA G 281 -47.06 -52.83 -6.38
C ALA G 281 -45.75 -52.58 -5.63
N GLU G 282 -44.63 -52.80 -6.31
CA GLU G 282 -43.32 -52.54 -5.71
C GLU G 282 -42.89 -51.09 -5.97
N TYR G 283 -42.54 -50.38 -4.90
CA TYR G 283 -42.09 -48.99 -5.04
C TYR G 283 -40.66 -48.91 -5.50
N MET G 284 -40.40 -48.04 -6.48
CA MET G 284 -39.05 -47.82 -6.95
C MET G 284 -38.68 -46.33 -6.87
N GLU G 285 -37.62 -46.00 -6.15
CA GLU G 285 -37.23 -44.61 -5.94
C GLU G 285 -36.63 -43.97 -7.17
N ASP G 286 -35.67 -44.63 -7.81
CA ASP G 286 -34.97 -44.02 -8.93
C ASP G 286 -34.95 -44.91 -10.16
N LEU G 287 -34.84 -44.28 -11.32
CA LEU G 287 -34.86 -44.96 -12.61
C LEU G 287 -33.66 -45.89 -12.82
N LYS G 288 -32.54 -45.56 -12.18
CA LYS G 288 -31.31 -46.34 -12.34
C LYS G 288 -31.46 -47.76 -11.81
N GLY G 289 -31.97 -47.86 -10.58
CA GLY G 289 -32.16 -49.15 -9.91
C GLY G 289 -33.29 -50.01 -10.45
N LEU G 290 -34.12 -49.44 -11.31
CA LEU G 290 -35.25 -50.16 -11.88
C LEU G 290 -34.89 -51.31 -12.82
N ALA G 291 -33.93 -51.09 -13.71
CA ALA G 291 -33.52 -52.15 -14.62
C ALA G 291 -32.82 -53.29 -13.87
N GLU G 292 -32.04 -52.95 -12.85
CA GLU G 292 -31.33 -53.96 -12.07
C GLU G 292 -32.27 -54.75 -11.17
N ALA G 293 -33.43 -54.16 -10.89
CA ALA G 293 -34.40 -54.80 -10.00
C ALA G 293 -35.19 -55.87 -10.72
N LEU G 294 -35.15 -55.84 -12.06
CA LEU G 294 -35.81 -56.85 -12.87
C LEU G 294 -35.02 -58.15 -12.96
N TRP G 295 -33.86 -58.17 -12.32
CA TRP G 295 -33.00 -59.36 -12.33
C TRP G 295 -33.06 -60.10 -11.00
N LEU G 296 -32.95 -59.37 -9.90
CA LEU G 296 -33.01 -59.97 -8.57
C LEU G 296 -34.42 -59.85 -7.98
N PRO G 297 -35.12 -60.99 -7.86
CA PRO G 297 -36.50 -61.01 -7.36
C PRO G 297 -36.59 -60.65 -5.88
N ARG G 298 -37.32 -59.58 -5.59
CA ARG G 298 -37.50 -59.14 -4.21
C ARG G 298 -38.91 -59.45 -3.71
N GLY G 299 -39.80 -59.78 -4.64
CA GLY G 299 -41.18 -60.10 -4.31
C GLY G 299 -42.17 -59.42 -5.22
N GLU H 97 -39.82 -58.40 -50.07
CA GLU H 97 -40.96 -59.29 -50.22
C GLU H 97 -42.15 -58.80 -49.40
N VAL H 98 -42.90 -57.84 -49.95
CA VAL H 98 -44.05 -57.28 -49.27
C VAL H 98 -45.04 -56.66 -50.26
N ARG H 99 -46.25 -57.18 -50.30
CA ARG H 99 -47.29 -56.68 -51.19
C ARG H 99 -47.80 -55.31 -50.73
N PRO H 100 -48.25 -54.47 -51.68
CA PRO H 100 -48.73 -53.11 -51.41
C PRO H 100 -49.82 -53.03 -50.34
N GLU H 101 -51.03 -53.49 -50.67
CA GLU H 101 -52.17 -53.43 -49.74
C GLU H 101 -51.95 -54.32 -48.52
N ASP H 102 -50.97 -55.21 -48.59
CA ASP H 102 -50.67 -56.12 -47.49
C ASP H 102 -49.86 -55.43 -46.40
N LEU H 103 -49.34 -54.24 -46.70
CA LEU H 103 -48.54 -53.49 -45.74
C LEU H 103 -49.38 -52.97 -44.58
N GLY H 104 -50.60 -52.53 -44.88
CA GLY H 104 -51.55 -52.10 -43.87
C GLY H 104 -51.85 -53.21 -42.89
N THR H 105 -52.24 -54.36 -43.44
CA THR H 105 -52.55 -55.54 -42.66
C THR H 105 -51.31 -55.99 -41.87
N GLY H 106 -50.19 -56.12 -42.58
CA GLY H 106 -48.94 -56.55 -41.98
C GLY H 106 -48.43 -55.67 -40.85
N LEU H 107 -48.51 -54.36 -41.02
CA LEU H 107 -48.06 -53.41 -40.01
C LEU H 107 -48.85 -53.56 -38.71
N LEU H 108 -50.18 -53.62 -38.84
CA LEU H 108 -51.06 -53.81 -37.69
C LEU H 108 -50.75 -55.12 -36.97
N GLU H 109 -50.61 -56.20 -37.73
CA GLU H 109 -50.31 -57.51 -37.14
C GLU H 109 -48.98 -57.49 -36.40
N ALA H 110 -48.01 -56.79 -36.95
CA ALA H 110 -46.69 -56.66 -36.35
C ALA H 110 -46.79 -55.93 -35.01
N LEU H 111 -47.57 -54.85 -35.00
CA LEU H 111 -47.76 -54.06 -33.80
C LEU H 111 -48.51 -54.85 -32.72
N LEU H 112 -49.53 -55.59 -33.13
CA LEU H 112 -50.34 -56.37 -32.20
C LEU H 112 -49.56 -57.47 -31.51
N ARG H 113 -48.46 -57.91 -32.12
CA ARG H 113 -47.63 -58.95 -31.54
C ARG H 113 -46.44 -58.35 -30.81
N GLY H 114 -46.41 -57.02 -30.73
CA GLY H 114 -45.35 -56.31 -30.02
C GLY H 114 -44.00 -56.31 -30.71
N ASP H 115 -43.99 -56.44 -32.03
CA ASP H 115 -42.74 -56.43 -32.78
C ASP H 115 -42.46 -55.04 -33.34
N LEU H 116 -41.89 -54.18 -32.51
CA LEU H 116 -41.60 -52.81 -32.91
C LEU H 116 -40.56 -52.74 -34.02
N ALA H 117 -39.55 -53.61 -33.93
CA ALA H 117 -38.49 -53.66 -34.92
C ALA H 117 -39.07 -53.98 -36.29
N GLY H 118 -39.90 -55.01 -36.35
CA GLY H 118 -40.55 -55.44 -37.58
C GLY H 118 -41.48 -54.36 -38.12
N ALA H 119 -42.18 -53.71 -37.20
CA ALA H 119 -43.12 -52.63 -37.55
C ALA H 119 -42.39 -51.43 -38.16
N GLU H 120 -41.31 -51.01 -37.51
CA GLU H 120 -40.46 -49.92 -38.01
C GLU H 120 -39.97 -50.23 -39.42
N ALA H 121 -39.48 -51.45 -39.63
CA ALA H 121 -38.96 -51.89 -40.92
C ALA H 121 -40.03 -51.84 -42.02
N LEU H 122 -41.25 -52.25 -41.66
CA LEU H 122 -42.36 -52.26 -42.61
C LEU H 122 -42.77 -50.85 -43.00
N PHE H 123 -42.68 -49.93 -42.03
CA PHE H 123 -43.01 -48.54 -42.29
C PHE H 123 -42.00 -47.87 -43.20
N ARG H 124 -40.71 -48.18 -43.01
CA ARG H 124 -39.68 -47.63 -43.87
C ARG H 124 -39.86 -48.07 -45.33
N ARG H 125 -40.29 -49.31 -45.53
CA ARG H 125 -40.59 -49.81 -46.88
C ARG H 125 -41.73 -49.03 -47.55
N GLY H 126 -42.74 -48.69 -46.76
CA GLY H 126 -43.87 -47.91 -47.22
C GLY H 126 -43.49 -46.49 -47.59
N LEU H 127 -42.67 -45.88 -46.73
CA LEU H 127 -42.12 -44.56 -46.97
C LEU H 127 -41.33 -44.46 -48.28
N ARG H 128 -40.54 -45.49 -48.57
CA ARG H 128 -39.74 -45.56 -49.80
C ARG H 128 -40.57 -45.69 -51.08
N PHE H 129 -41.63 -46.49 -51.00
CA PHE H 129 -42.50 -46.79 -52.14
C PHE H 129 -43.40 -45.62 -52.55
N TRP H 130 -44.00 -44.95 -51.58
CA TRP H 130 -45.07 -43.99 -51.84
C TRP H 130 -44.61 -42.58 -51.53
N GLY H 131 -43.43 -42.47 -50.90
CA GLY H 131 -42.92 -41.20 -50.44
C GLY H 131 -43.56 -40.72 -49.15
N PRO H 132 -43.12 -39.54 -48.69
CA PRO H 132 -43.55 -38.97 -47.40
C PRO H 132 -45.06 -38.72 -47.29
N GLU H 133 -45.62 -37.97 -48.23
CA GLU H 133 -47.05 -37.68 -48.21
C GLU H 133 -47.86 -38.97 -48.44
N GLY H 134 -47.40 -39.77 -49.40
CA GLY H 134 -48.10 -40.98 -49.79
C GLY H 134 -48.23 -42.01 -48.68
N VAL H 135 -47.19 -42.17 -47.88
CA VAL H 135 -47.20 -43.18 -46.81
C VAL H 135 -48.17 -42.80 -45.69
N LEU H 136 -48.43 -41.51 -45.54
CA LEU H 136 -49.38 -41.04 -44.56
C LEU H 136 -50.80 -41.43 -44.99
N GLU H 137 -51.10 -41.16 -46.26
CA GLU H 137 -52.42 -41.39 -46.85
C GLU H 137 -52.76 -42.87 -47.01
N HIS H 138 -51.79 -43.67 -47.44
CA HIS H 138 -52.01 -45.07 -47.80
C HIS H 138 -51.73 -46.07 -46.67
N LEU H 139 -50.96 -45.64 -45.68
CA LEU H 139 -50.51 -46.52 -44.61
C LEU H 139 -50.87 -46.02 -43.22
N LEU H 140 -50.42 -44.83 -42.89
CA LEU H 140 -50.59 -44.28 -41.56
C LEU H 140 -52.07 -44.09 -41.22
N LEU H 141 -52.81 -43.45 -42.12
CA LEU H 141 -54.24 -43.18 -41.92
C LEU H 141 -55.15 -44.43 -41.92
N PRO H 142 -55.00 -45.33 -42.91
CA PRO H 142 -55.87 -46.51 -42.88
C PRO H 142 -55.69 -47.39 -41.65
N VAL H 143 -54.46 -47.54 -41.19
CA VAL H 143 -54.19 -48.35 -40.01
C VAL H 143 -54.84 -47.75 -38.75
N LEU H 144 -54.72 -46.43 -38.59
CA LEU H 144 -55.31 -45.74 -37.47
C LEU H 144 -56.84 -45.88 -37.43
N ARG H 145 -57.46 -45.83 -38.60
CA ARG H 145 -58.92 -45.95 -38.67
C ARG H 145 -59.36 -47.37 -38.34
N GLU H 146 -58.60 -48.35 -38.82
CA GLU H 146 -58.92 -49.75 -38.58
C GLU H 146 -58.73 -50.11 -37.10
N VAL H 147 -57.69 -49.55 -36.50
CA VAL H 147 -57.44 -49.74 -35.08
C VAL H 147 -58.61 -49.28 -34.21
N GLY H 148 -59.18 -48.12 -34.55
CA GLY H 148 -60.35 -47.63 -33.84
C GLY H 148 -61.57 -48.52 -34.03
N GLU H 149 -61.76 -48.97 -35.26
CA GLU H 149 -62.86 -49.86 -35.61
C GLU H 149 -62.71 -51.21 -34.92
N ALA H 150 -61.49 -51.74 -34.92
CA ALA H 150 -61.19 -53.04 -34.32
C ALA H 150 -61.47 -52.98 -32.82
N TRP H 151 -61.10 -51.87 -32.20
CA TRP H 151 -61.37 -51.64 -30.78
C TRP H 151 -62.87 -51.57 -30.56
N HIS H 152 -63.54 -50.84 -31.45
CA HIS H 152 -64.99 -50.65 -31.39
C HIS H 152 -65.74 -51.98 -31.50
N ARG H 153 -65.21 -52.90 -32.30
CA ARG H 153 -65.84 -54.20 -32.47
C ARG H 153 -65.47 -55.15 -31.34
N GLY H 154 -64.51 -54.72 -30.51
CA GLY H 154 -64.08 -55.54 -29.39
C GLY H 154 -63.00 -56.55 -29.73
N GLU H 155 -62.39 -56.40 -30.90
CA GLU H 155 -61.34 -57.33 -31.34
C GLU H 155 -60.02 -57.06 -30.61
N ILE H 156 -59.78 -55.79 -30.26
CA ILE H 156 -58.60 -55.43 -29.49
C ILE H 156 -58.98 -54.55 -28.30
N GLY H 157 -58.12 -54.52 -27.28
CA GLY H 157 -58.39 -53.68 -26.12
C GLY H 157 -57.75 -52.32 -26.27
N VAL H 158 -57.89 -51.50 -25.23
CA VAL H 158 -57.36 -50.14 -25.25
C VAL H 158 -55.82 -50.14 -25.24
N ALA H 159 -55.25 -51.09 -24.50
CA ALA H 159 -53.80 -51.18 -24.38
C ALA H 159 -53.12 -51.49 -25.72
N GLU H 160 -53.76 -52.35 -26.51
CA GLU H 160 -53.29 -52.64 -27.87
C GLU H 160 -53.30 -51.39 -28.75
N GLU H 161 -54.40 -50.64 -28.70
CA GLU H 161 -54.53 -49.40 -29.46
C GLU H 161 -53.44 -48.40 -29.08
N HIS H 162 -53.25 -48.23 -27.77
CA HIS H 162 -52.22 -47.33 -27.24
C HIS H 162 -50.85 -47.59 -27.86
N LEU H 163 -50.44 -48.86 -27.88
CA LEU H 163 -49.14 -49.23 -28.44
C LEU H 163 -49.02 -48.80 -29.89
N ALA H 164 -50.02 -49.15 -30.68
CA ALA H 164 -50.05 -48.80 -32.11
C ALA H 164 -50.07 -47.29 -32.34
N SER H 165 -50.90 -46.58 -31.59
CA SER H 165 -51.04 -45.14 -31.77
C SER H 165 -49.76 -44.38 -31.39
N THR H 166 -49.11 -44.82 -30.32
CA THR H 166 -47.86 -44.20 -29.87
C THR H 166 -46.74 -44.40 -30.89
N PHE H 167 -46.70 -45.58 -31.47
CA PHE H 167 -45.73 -45.92 -32.52
C PHE H 167 -45.89 -45.03 -33.74
N LEU H 168 -47.12 -44.96 -34.25
CA LEU H 168 -47.38 -44.24 -35.49
C LEU H 168 -47.19 -42.74 -35.30
N ARG H 169 -47.45 -42.26 -34.09
CA ARG H 169 -47.21 -40.88 -33.73
C ARG H 169 -45.72 -40.53 -33.75
N ALA H 170 -44.91 -41.46 -33.27
CA ALA H 170 -43.46 -41.32 -33.29
C ALA H 170 -42.89 -41.21 -34.70
N ARG H 171 -43.47 -41.98 -35.63
CA ARG H 171 -43.01 -41.99 -37.02
C ARG H 171 -43.35 -40.67 -37.68
N LEU H 172 -44.55 -40.15 -37.40
CA LEU H 172 -44.99 -38.89 -37.97
C LEU H 172 -44.18 -37.71 -37.43
N GLN H 173 -43.83 -37.78 -36.15
CA GLN H 173 -43.03 -36.74 -35.51
C GLN H 173 -41.64 -36.71 -36.14
N GLU H 174 -41.14 -37.89 -36.54
CA GLU H 174 -39.87 -37.99 -37.27
C GLU H 174 -39.91 -37.23 -38.57
N LEU H 175 -40.96 -37.45 -39.34
CA LEU H 175 -41.10 -36.81 -40.63
C LEU H 175 -41.25 -35.30 -40.45
N LEU H 176 -41.95 -34.91 -39.39
CA LEU H 176 -42.13 -33.51 -39.03
C LEU H 176 -40.81 -32.81 -38.82
N ASP H 177 -39.92 -33.47 -38.07
CA ASP H 177 -38.61 -32.93 -37.78
C ASP H 177 -37.71 -32.98 -39.01
N LEU H 178 -37.99 -33.94 -39.88
CA LEU H 178 -37.26 -34.08 -41.13
C LEU H 178 -37.52 -32.90 -42.07
N ALA H 179 -38.75 -32.39 -42.05
CA ALA H 179 -39.12 -31.28 -42.92
C ALA H 179 -38.37 -30.03 -42.48
N GLY H 180 -38.20 -29.06 -43.37
CA GLY H 180 -37.54 -27.86 -42.92
C GLY H 180 -38.42 -26.94 -42.11
N PHE H 181 -37.76 -26.03 -41.38
CA PHE H 181 -38.49 -25.07 -40.58
C PHE H 181 -37.96 -23.69 -40.92
N PRO H 182 -38.66 -23.01 -41.83
CA PRO H 182 -38.23 -21.69 -42.31
C PRO H 182 -38.43 -20.58 -41.28
N PRO H 183 -37.72 -19.46 -41.43
CA PRO H 183 -37.86 -18.26 -40.60
C PRO H 183 -39.15 -17.54 -40.96
N GLY H 184 -39.54 -16.55 -40.17
CA GLY H 184 -40.73 -15.78 -40.50
C GLY H 184 -41.84 -16.03 -39.52
N PRO H 185 -42.93 -15.24 -39.62
CA PRO H 185 -44.09 -15.38 -38.74
C PRO H 185 -44.65 -16.79 -38.73
N PRO H 186 -44.68 -17.42 -37.55
CA PRO H 186 -45.09 -18.83 -37.43
C PRO H 186 -46.58 -19.04 -37.62
N VAL H 187 -46.97 -20.29 -37.88
CA VAL H 187 -48.38 -20.68 -37.85
C VAL H 187 -48.60 -21.69 -36.73
N LEU H 188 -49.45 -21.32 -35.77
CA LEU H 188 -49.66 -22.18 -34.61
C LEU H 188 -50.70 -23.28 -34.91
N VAL H 189 -50.33 -24.52 -34.62
CA VAL H 189 -51.21 -25.64 -34.91
C VAL H 189 -51.49 -26.43 -33.64
N THR H 190 -52.77 -26.63 -33.34
CA THR H 190 -53.16 -27.42 -32.17
C THR H 190 -54.59 -27.94 -32.33
N THR H 191 -55.21 -28.33 -31.22
CA THR H 191 -56.60 -28.78 -31.23
C THR H 191 -57.41 -27.99 -30.21
N PRO H 192 -58.74 -27.89 -30.41
CA PRO H 192 -59.58 -27.19 -29.43
C PRO H 192 -59.54 -27.85 -28.05
N PRO H 193 -59.85 -27.09 -26.99
CA PRO H 193 -59.90 -27.63 -25.63
C PRO H 193 -60.85 -28.83 -25.53
N GLY H 194 -60.42 -29.89 -24.86
CA GLY H 194 -61.24 -31.09 -24.73
C GLY H 194 -60.95 -32.13 -25.79
N GLU H 195 -60.23 -31.71 -26.82
CA GLU H 195 -59.87 -32.59 -27.94
C GLU H 195 -58.49 -33.21 -27.73
N ARG H 196 -58.45 -34.51 -27.43
CA ARG H 196 -57.18 -35.19 -27.14
C ARG H 196 -56.58 -35.94 -28.33
N HIS H 197 -57.27 -35.98 -29.47
CA HIS H 197 -56.69 -36.56 -30.68
C HIS H 197 -55.79 -35.54 -31.36
N GLU H 198 -54.49 -35.86 -31.41
CA GLU H 198 -53.49 -34.89 -31.81
C GLU H 198 -52.89 -35.20 -33.18
N ILE H 199 -53.17 -36.40 -33.70
CA ILE H 199 -52.51 -36.86 -34.91
C ILE H 199 -53.02 -36.08 -36.12
N GLY H 200 -54.28 -35.64 -36.04
CA GLY H 200 -54.86 -34.77 -37.05
C GLY H 200 -54.15 -33.44 -37.16
N ALA H 201 -53.82 -32.87 -36.01
CA ALA H 201 -53.08 -31.61 -35.93
C ALA H 201 -51.67 -31.75 -36.50
N MET H 202 -51.00 -32.85 -36.17
CA MET H 202 -49.67 -33.13 -36.68
C MET H 202 -49.65 -33.22 -38.21
N LEU H 203 -50.64 -33.89 -38.78
CA LEU H 203 -50.74 -34.02 -40.23
C LEU H 203 -50.86 -32.66 -40.90
N ALA H 204 -51.66 -31.78 -40.31
CA ALA H 204 -51.85 -30.43 -40.84
C ALA H 204 -50.54 -29.65 -40.78
N ALA H 205 -49.85 -29.74 -39.64
CA ALA H 205 -48.58 -29.06 -39.48
C ALA H 205 -47.51 -29.59 -40.42
N TYR H 206 -47.56 -30.88 -40.72
CA TYR H 206 -46.59 -31.51 -41.60
C TYR H 206 -46.73 -30.99 -43.04
N HIS H 207 -47.96 -30.95 -43.52
CA HIS H 207 -48.23 -30.51 -44.89
C HIS H 207 -47.90 -29.04 -45.06
N LEU H 208 -48.06 -28.27 -43.99
CA LEU H 208 -47.67 -26.87 -44.01
C LEU H 208 -46.15 -26.72 -44.17
N ARG H 209 -45.40 -27.46 -43.36
CA ARG H 209 -43.95 -27.40 -43.42
C ARG H 209 -43.38 -27.84 -44.78
N ARG H 210 -44.01 -28.85 -45.37
CA ARG H 210 -43.66 -29.33 -46.72
C ARG H 210 -43.82 -28.27 -47.78
N LYS H 211 -44.66 -27.28 -47.49
CA LYS H 211 -44.89 -26.17 -48.41
C LYS H 211 -44.15 -24.91 -47.99
N GLY H 212 -43.21 -25.06 -47.06
CA GLY H 212 -42.40 -23.94 -46.62
C GLY H 212 -43.02 -23.02 -45.58
N VAL H 213 -44.11 -23.45 -44.97
CA VAL H 213 -44.75 -22.68 -43.90
C VAL H 213 -44.22 -23.08 -42.52
N PRO H 214 -43.77 -22.08 -41.74
CA PRO H 214 -43.21 -22.35 -40.41
C PRO H 214 -44.30 -22.72 -39.40
N ALA H 215 -44.85 -23.92 -39.53
CA ALA H 215 -45.93 -24.39 -38.67
C ALA H 215 -45.40 -24.84 -37.31
N LEU H 216 -45.76 -24.09 -36.27
CA LEU H 216 -45.38 -24.45 -34.91
C LEU H 216 -46.45 -25.39 -34.33
N TYR H 217 -46.09 -26.67 -34.15
CA TYR H 217 -47.02 -27.62 -33.55
C TYR H 217 -46.95 -27.57 -32.03
N LEU H 218 -48.08 -27.22 -31.40
CA LEU H 218 -48.11 -27.00 -29.96
C LEU H 218 -48.42 -28.28 -29.18
N GLY H 219 -49.03 -29.25 -29.84
CA GLY H 219 -49.64 -30.36 -29.11
C GLY H 219 -51.14 -30.13 -28.99
N PRO H 220 -51.87 -31.09 -28.40
CA PRO H 220 -53.32 -30.97 -28.36
C PRO H 220 -53.82 -30.17 -27.17
N ASP H 221 -55.10 -29.82 -27.18
CA ASP H 221 -55.83 -29.37 -26.00
C ASP H 221 -55.27 -28.06 -25.44
N THR H 222 -55.41 -26.99 -26.22
CA THR H 222 -54.93 -25.67 -25.81
C THR H 222 -56.08 -24.72 -25.50
N PRO H 223 -56.08 -24.14 -24.29
CA PRO H 223 -57.07 -23.11 -23.92
C PRO H 223 -57.04 -21.90 -24.86
N LEU H 224 -58.22 -21.42 -25.23
CA LEU H 224 -58.34 -20.32 -26.20
C LEU H 224 -57.69 -18.98 -25.80
N PRO H 225 -57.84 -18.56 -24.52
CA PRO H 225 -57.18 -17.30 -24.15
C PRO H 225 -55.65 -17.36 -24.25
N ASP H 226 -55.08 -18.48 -23.82
CA ASP H 226 -53.65 -18.69 -23.89
C ASP H 226 -53.15 -18.78 -25.33
N LEU H 227 -53.95 -19.40 -26.18
CA LEU H 227 -53.66 -19.51 -27.60
C LEU H 227 -53.63 -18.13 -28.26
N ARG H 228 -54.61 -17.30 -27.92
CA ARG H 228 -54.68 -15.96 -28.49
C ARG H 228 -53.49 -15.11 -28.02
N ALA H 229 -53.13 -15.26 -26.75
CA ALA H 229 -52.02 -14.52 -26.16
C ALA H 229 -50.69 -14.88 -26.83
N LEU H 230 -50.51 -16.16 -27.12
CA LEU H 230 -49.29 -16.65 -27.76
C LEU H 230 -49.21 -16.18 -29.20
N ALA H 231 -50.33 -16.29 -29.91
CA ALA H 231 -50.41 -15.84 -31.30
C ALA H 231 -50.06 -14.37 -31.43
N ARG H 232 -50.54 -13.57 -30.49
CA ARG H 232 -50.27 -12.13 -30.47
C ARG H 232 -48.79 -11.86 -30.24
N ARG H 233 -48.19 -12.54 -29.26
CA ARG H 233 -46.81 -12.27 -28.87
C ARG H 233 -45.80 -12.72 -29.91
N LEU H 234 -46.09 -13.82 -30.59
CA LEU H 234 -45.20 -14.33 -31.62
C LEU H 234 -45.48 -13.73 -32.98
N GLY H 235 -46.55 -12.93 -33.07
CA GLY H 235 -47.00 -12.35 -34.31
C GLY H 235 -47.34 -13.42 -35.32
N ALA H 236 -48.03 -14.46 -34.86
CA ALA H 236 -48.42 -15.57 -35.71
C ALA H 236 -49.38 -15.13 -36.80
N GLY H 237 -49.14 -15.58 -38.03
CA GLY H 237 -50.00 -15.22 -39.15
C GLY H 237 -51.34 -15.94 -39.15
N ALA H 238 -51.37 -17.14 -38.57
CA ALA H 238 -52.60 -17.93 -38.57
C ALA H 238 -52.60 -18.97 -37.46
N VAL H 239 -53.80 -19.43 -37.10
CA VAL H 239 -53.96 -20.55 -36.19
C VAL H 239 -54.72 -21.67 -36.89
N VAL H 240 -54.24 -22.91 -36.74
CA VAL H 240 -54.94 -24.05 -37.34
C VAL H 240 -55.38 -25.04 -36.27
N LEU H 241 -56.66 -25.40 -36.31
CA LEU H 241 -57.23 -26.32 -35.33
C LEU H 241 -57.74 -27.60 -35.97
N SER H 242 -57.36 -28.74 -35.40
CA SER H 242 -57.89 -30.02 -35.84
C SER H 242 -58.92 -30.55 -34.86
N ALA H 243 -60.14 -30.77 -35.34
CA ALA H 243 -61.19 -31.33 -34.50
C ALA H 243 -61.65 -32.69 -35.00
N VAL H 244 -61.38 -33.73 -34.21
CA VAL H 244 -61.80 -35.08 -34.55
C VAL H 244 -63.17 -35.38 -33.98
N LEU H 245 -63.40 -34.99 -32.74
CA LEU H 245 -64.73 -35.10 -32.15
C LEU H 245 -65.51 -33.80 -32.36
N SER H 246 -66.83 -33.90 -32.35
CA SER H 246 -67.67 -32.74 -32.56
C SER H 246 -68.10 -32.08 -31.25
N GLU H 247 -68.14 -32.86 -30.18
CA GLU H 247 -68.56 -32.33 -28.88
C GLU H 247 -67.70 -31.17 -28.33
N PRO H 248 -66.37 -31.22 -28.50
CA PRO H 248 -65.58 -30.05 -28.06
C PRO H 248 -65.92 -28.76 -28.80
N LEU H 249 -66.33 -28.87 -30.05
CA LEU H 249 -66.73 -27.70 -30.83
C LEU H 249 -68.10 -27.19 -30.38
N ARG H 250 -69.04 -28.12 -30.17
CA ARG H 250 -70.38 -27.75 -29.74
C ARG H 250 -70.36 -27.04 -28.40
N ALA H 251 -69.35 -27.36 -27.57
CA ALA H 251 -69.25 -26.77 -26.25
C ALA H 251 -68.77 -25.31 -26.30
N LEU H 252 -68.23 -24.89 -27.45
CA LEU H 252 -67.72 -23.53 -27.59
C LEU H 252 -68.83 -22.56 -27.98
N PRO H 253 -68.80 -21.34 -27.42
CA PRO H 253 -69.76 -20.29 -27.79
C PRO H 253 -69.51 -19.72 -29.18
N ASP H 254 -70.53 -19.05 -29.72
CA ASP H 254 -70.42 -18.40 -31.02
C ASP H 254 -69.26 -17.40 -31.11
N GLY H 255 -68.54 -17.41 -32.22
CA GLY H 255 -67.47 -16.44 -32.42
C GLY H 255 -66.22 -16.66 -31.58
N ALA H 256 -66.16 -17.80 -30.90
CA ALA H 256 -65.07 -18.10 -29.98
C ALA H 256 -63.69 -18.09 -30.65
N LEU H 257 -63.65 -18.44 -31.92
CA LEU H 257 -62.38 -18.54 -32.64
C LEU H 257 -62.03 -17.31 -33.47
N LYS H 258 -62.92 -16.32 -33.48
CA LYS H 258 -62.79 -15.19 -34.40
C LYS H 258 -61.50 -14.39 -34.26
N ASP H 259 -61.09 -14.11 -33.03
CA ASP H 259 -59.99 -13.18 -32.81
C ASP H 259 -58.69 -13.85 -32.38
N LEU H 260 -58.57 -15.14 -32.63
CA LEU H 260 -57.37 -15.89 -32.23
C LEU H 260 -56.13 -15.41 -32.97
N ALA H 261 -56.29 -15.20 -34.27
CA ALA H 261 -55.19 -14.79 -35.14
C ALA H 261 -55.78 -14.14 -36.39
N PRO H 262 -54.94 -13.45 -37.19
CA PRO H 262 -55.44 -12.84 -38.43
C PRO H 262 -56.26 -13.80 -39.30
N ARG H 263 -55.85 -15.06 -39.36
CA ARG H 263 -56.66 -16.07 -40.03
C ARG H 263 -56.80 -17.33 -39.17
N VAL H 264 -57.98 -17.93 -39.16
CA VAL H 264 -58.25 -19.11 -38.34
C VAL H 264 -58.89 -20.23 -39.14
N PHE H 265 -58.23 -21.37 -39.19
CA PHE H 265 -58.71 -22.52 -39.96
C PHE H 265 -59.16 -23.68 -39.07
N LEU H 266 -60.23 -24.35 -39.48
CA LEU H 266 -60.76 -25.48 -38.74
C LEU H 266 -61.06 -26.66 -39.64
N GLY H 267 -60.63 -27.85 -39.25
CA GLY H 267 -60.91 -29.04 -40.03
C GLY H 267 -60.87 -30.30 -39.20
N GLY H 268 -61.05 -31.44 -39.84
CA GLY H 268 -61.08 -32.72 -39.16
C GLY H 268 -62.46 -33.35 -39.29
N GLN H 269 -62.59 -34.58 -38.80
CA GLN H 269 -63.86 -35.32 -38.88
C GLN H 269 -64.97 -34.68 -38.05
N GLY H 270 -64.58 -34.06 -36.93
CA GLY H 270 -65.54 -33.44 -36.04
C GLY H 270 -66.00 -32.06 -36.47
N ALA H 271 -65.41 -31.55 -37.54
CA ALA H 271 -65.71 -30.19 -37.98
C ALA H 271 -66.52 -30.18 -39.27
N GLY H 272 -67.40 -29.18 -39.40
CA GLY H 272 -68.20 -28.99 -40.60
C GLY H 272 -68.28 -27.53 -40.99
N PRO H 273 -68.71 -27.25 -42.23
CA PRO H 273 -68.84 -25.87 -42.73
C PRO H 273 -69.80 -25.06 -41.89
N GLU H 274 -70.97 -25.62 -41.58
CA GLU H 274 -71.96 -24.93 -40.76
C GLU H 274 -71.44 -24.56 -39.38
N GLU H 275 -70.71 -25.48 -38.76
CA GLU H 275 -70.16 -25.30 -37.42
C GLU H 275 -69.03 -24.29 -37.43
N ALA H 276 -68.22 -24.33 -38.49
CA ALA H 276 -67.11 -23.40 -38.65
C ALA H 276 -67.57 -21.95 -38.77
N ARG H 277 -68.64 -21.73 -39.51
CA ARG H 277 -69.21 -20.39 -39.66
C ARG H 277 -69.69 -19.81 -38.34
N ARG H 278 -70.29 -20.66 -37.51
CA ARG H 278 -70.80 -20.24 -36.21
C ARG H 278 -69.67 -19.81 -35.27
N LEU H 279 -68.55 -20.52 -35.33
CA LEU H 279 -67.44 -20.25 -34.42
C LEU H 279 -66.53 -19.13 -34.94
N GLY H 280 -66.75 -18.74 -36.20
CA GLY H 280 -65.98 -17.68 -36.80
C GLY H 280 -64.67 -18.14 -37.39
N ALA H 281 -64.64 -19.38 -37.85
CA ALA H 281 -63.43 -19.92 -38.48
C ALA H 281 -63.70 -20.32 -39.92
N GLU H 282 -62.63 -20.43 -40.71
CA GLU H 282 -62.73 -20.91 -42.09
C GLU H 282 -62.65 -22.43 -42.17
N TYR H 283 -63.65 -23.04 -42.81
CA TYR H 283 -63.67 -24.48 -42.96
C TYR H 283 -62.74 -24.94 -44.10
N MET H 284 -61.93 -25.95 -43.83
CA MET H 284 -61.07 -26.61 -44.82
C MET H 284 -61.30 -28.11 -44.95
N GLU H 285 -61.73 -28.50 -46.14
CA GLU H 285 -62.05 -29.91 -46.47
C GLU H 285 -60.85 -30.83 -46.41
N ASP H 286 -59.73 -30.44 -47.05
CA ASP H 286 -58.64 -31.38 -47.07
C ASP H 286 -57.32 -30.68 -46.76
N LEU H 287 -56.33 -31.49 -46.41
CA LEU H 287 -55.02 -30.99 -46.03
C LEU H 287 -54.18 -30.40 -47.14
N LYS H 288 -54.45 -30.85 -48.35
CA LYS H 288 -53.74 -30.38 -49.55
C LYS H 288 -53.95 -28.90 -49.83
N GLY H 289 -55.20 -28.50 -49.77
CA GLY H 289 -55.69 -27.16 -50.04
C GLY H 289 -55.36 -26.16 -48.96
N LEU H 290 -55.05 -26.63 -47.76
CA LEU H 290 -54.76 -25.76 -46.63
C LEU H 290 -53.53 -24.86 -46.80
N ALA H 291 -52.43 -25.43 -47.28
CA ALA H 291 -51.19 -24.66 -47.47
C ALA H 291 -51.37 -23.59 -48.55
N GLU H 292 -52.19 -23.88 -49.56
CA GLU H 292 -52.32 -22.93 -50.65
C GLU H 292 -53.32 -21.85 -50.24
N ALA H 293 -54.19 -22.19 -49.30
CA ALA H 293 -55.23 -21.28 -48.82
C ALA H 293 -54.59 -20.11 -48.06
N LEU H 294 -53.36 -20.32 -47.61
CA LEU H 294 -52.68 -19.37 -46.74
C LEU H 294 -51.66 -18.52 -47.49
N TRP H 295 -51.18 -19.04 -48.61
CA TRP H 295 -50.23 -18.32 -49.45
C TRP H 295 -50.95 -17.21 -50.23
N LEU H 296 -52.28 -17.29 -50.27
CA LEU H 296 -53.09 -16.30 -50.95
C LEU H 296 -54.29 -15.90 -50.10
N PRO H 297 -54.65 -14.62 -50.13
CA PRO H 297 -55.79 -14.12 -49.34
C PRO H 297 -57.13 -14.61 -49.87
CO B12 M . -0.52 47.89 31.07
N21 B12 M . -1.59 48.71 29.75
N22 B12 M . -1.62 48.67 32.44
N23 B12 M . 0.70 47.00 32.25
N24 B12 M . 0.27 47.01 29.58
C1 B12 M . -1.12 48.67 28.37
C20 B12 M . -0.09 49.77 28.18
C2 B12 M . -2.44 48.80 27.49
C25 B12 M . -2.25 49.59 26.20
C26 B12 M . -3.07 47.42 27.20
C27 B12 M . -4.29 47.43 26.26
O28 B12 M . -4.13 47.22 25.05
N29 B12 M . -5.48 47.65 26.79
C3 B12 M . -3.40 49.52 28.51
C30 B12 M . -3.39 51.05 28.34
C31 B12 M . -4.76 51.63 27.99
C32 B12 M . -4.77 53.14 27.93
O34 B12 M . -5.75 53.79 28.33
N33 B12 M . -3.68 53.70 27.44
C4 B12 M . -2.80 49.13 29.84
C5 B12 M . -3.56 49.19 31.10
C35 B12 M . -5.03 49.39 30.88
C6 B12 M . -2.93 49.08 32.32
C7 B12 M . -3.53 49.23 33.72
C36 B12 M . -4.31 50.54 33.91
C37 B12 M . -4.38 47.95 34.03
C38 B12 M . -4.95 48.00 35.46
O39 B12 M . -4.28 47.58 36.41
N40 B12 M . -6.17 48.46 35.59
C8 B12 M . -2.28 49.25 34.63
C41 B12 M . -1.72 50.65 34.91
C42 B12 M . -0.61 50.68 35.96
C43 B12 M . 0.00 52.05 36.14
O44 B12 M . 0.86 52.48 35.37
N45 B12 M . -0.45 52.75 37.17
C9 B12 M . -1.32 48.50 33.73
C10 B12 M . -0.35 47.69 34.31
C11 B12 M . 0.59 46.96 33.59
C12 B12 M . 1.61 46.09 34.26
C46 B12 M . 1.03 44.71 34.65
C47 B12 M . 2.19 46.76 35.51
C13 B12 M . 2.64 45.84 33.11
C48 B12 M . 3.87 46.74 33.22
C49 B12 M . 5.17 45.97 33.43
C50 B12 M . 6.38 46.87 33.55
O51 B12 M . 6.64 47.72 32.71
N52 B12 M . 7.15 46.66 34.62
C14 B12 M . 1.81 46.23 31.86
C15 B12 M . 2.14 45.83 30.60
C53 B12 M . 3.33 44.92 30.40
C16 B12 M . 1.38 46.33 29.40
C17 B12 M . 1.68 46.07 27.93
C54 B12 M . 1.28 44.63 27.55
C55 B12 M . 3.10 46.39 27.40
C56 B12 M . 3.60 47.71 27.98
C57 B12 M . 4.94 48.03 27.33
O58 B12 M . 5.92 48.29 28.01
N59 B12 M . 4.96 48.01 26.00
C18 B12 M . 0.78 47.14 27.27
C60 B12 M . 0.28 46.83 25.86
C61 B12 M . 0.54 47.96 24.88
O63 B12 M . 1.47 48.75 25.06
N62 B12 M . -0.28 48.04 23.83
C19 B12 M . -0.38 47.30 28.28
C1P B12 M . 6.14 48.32 25.22
C2P B12 M . 6.30 49.86 24.98
C3P B12 M . 7.76 50.19 24.86
O3 B12 M . 5.69 50.16 23.74
O4 B12 M . 4.12 51.56 22.17
O5 B12 M . 4.71 52.33 24.49
P B12 M . 5.16 51.59 23.23
O2 B12 M . 6.54 52.27 22.81
C3R B12 M . 6.92 52.75 21.53
C2R B12 M . 6.91 54.27 21.36
O7R B12 M . 5.89 54.86 22.15
C1R B12 M . 8.31 54.63 21.89
O6R B12 M . 9.10 53.45 21.88
C4R B12 M . 8.37 52.39 21.24
C5R B12 M . 8.74 52.33 19.78
O8R B12 M . 7.99 51.35 19.08
N1B B12 M . 8.31 55.17 23.25
C8B B12 M . 9.15 56.22 23.58
C2B B12 M . 8.09 54.49 24.41
N3B B12 M . 8.69 55.00 25.46
C9B B12 M . 9.37 56.10 24.94
C4B B12 M . 10.20 57.03 25.58
C5B B12 M . 10.80 58.05 24.85
C5M B12 M . 11.67 59.05 25.57
C6B B12 M . 10.55 58.15 23.46
C6M B12 M . 11.19 59.25 22.64
C7B B12 M . 9.72 57.23 22.83
N1 5AD N . -3.19 43.95 38.91
C2 5AD N . -2.10 43.72 38.17
N3 5AD N . -1.97 43.71 36.84
C4 5AD N . -3.13 44.00 36.25
N9 5AD N . -3.38 44.09 34.90
C8 5AD N . -4.71 44.41 34.78
N7 5AD N . -5.32 44.54 35.93
C5 5AD N . -4.34 44.28 36.87
C6 5AD N . -4.35 44.25 38.27
N6 5AD N . -5.44 44.49 39.01
C1' 5AD N . -2.42 43.88 33.81
C2' 5AD N . -2.97 43.02 32.65
C3' 5AD N . -2.68 43.87 31.41
C4' 5AD N . -1.67 44.91 31.92
C5' 5AD N . -1.66 46.21 31.17
O4' 5AD N . -2.06 45.14 33.28
O2' 5AD N . -2.29 41.77 32.61
O3' 5AD N . -2.10 43.11 30.36
CO B12 O . 9.60 49.57 50.04
N21 B12 O . 9.51 49.40 51.91
N22 B12 O . 7.87 50.39 50.04
N23 B12 O . 9.88 49.63 48.15
N24 B12 O . 11.39 49.00 50.29
C1 B12 O . 10.53 48.60 52.58
C20 B12 O . 10.16 47.14 52.45
C2 B12 O . 10.60 49.19 54.06
C25 B12 O . 10.88 48.12 55.13
C26 B12 O . 11.61 50.35 54.17
C27 B12 O . 11.82 50.91 55.59
O28 B12 O . 12.77 50.48 56.27
N29 B12 O . 11.00 51.83 56.04
C3 B12 O . 9.17 49.81 54.20
C30 B12 O . 8.17 48.85 54.85
C31 B12 O . 7.54 49.38 56.14
C32 B12 O . 6.49 48.47 56.71
O34 B12 O . 5.48 48.93 57.26
N33 B12 O . 6.70 47.18 56.59
C4 B12 O . 8.80 50.07 52.76
C5 B12 O . 7.75 51.03 52.37
C35 B12 O . 7.32 51.91 53.50
C6 B12 O . 7.26 51.07 51.07
C7 B12 O . 6.11 51.92 50.52
C36 B12 O . 4.81 51.78 51.33
C37 B12 O . 6.60 53.38 50.38
C38 B12 O . 5.53 54.27 49.74
O39 B12 O . 5.43 54.36 48.52
N40 B12 O . 4.74 54.94 50.59
C8 B12 O . 5.90 51.29 49.10
C41 B12 O . 4.85 50.17 49.06
C42 B12 O . 4.52 49.71 47.63
C43 B12 O . 3.58 48.52 47.62
O44 B12 O . 4.00 47.38 47.77
N45 B12 O . 2.30 48.81 47.41
C9 B12 O . 7.28 50.74 48.88
C10 B12 O . 7.80 50.70 47.59
C11 B12 O . 9.04 50.19 47.26
C12 B12 O . 9.57 50.20 45.85
C46 B12 O . 10.15 51.58 45.46
C47 B12 O . 8.47 49.83 44.84
C13 B12 O . 10.74 49.20 45.93
C48 B12 O . 10.37 47.81 45.40
C49 B12 O . 11.19 47.39 44.18
C50 B12 O . 10.81 46.01 43.65
O51 B12 O . 10.79 45.03 44.39
N52 B12 O . 10.53 45.96 42.36
C14 B12 O . 11.00 49.13 47.46
C15 B12 O . 12.18 48.68 48.00
C53 B12 O . 13.31 48.28 47.09
C16 B12 O . 12.33 48.53 49.49
C17 B12 O . 13.51 47.94 50.25
C54 B12 O . 14.68 48.95 50.26
C55 B12 O . 14.02 46.54 49.84
C56 B12 O . 12.86 45.59 49.58
C57 B12 O . 13.40 44.21 49.33
O58 B12 O . 13.08 43.57 48.33
N59 B12 O . 14.24 43.73 50.24
C18 B12 O . 12.88 47.73 51.63
C60 B12 O . 13.84 47.78 52.84
C61 B12 O . 13.70 46.59 53.76
O63 B12 O . 13.29 45.51 53.33
N62 B12 O . 14.05 46.77 55.01
C19 B12 O . 11.81 48.83 51.70
C1P B12 O . 14.85 42.41 50.16
C2P B12 O . 13.92 41.31 50.77
C3P B12 O . 14.19 40.01 50.06
O3 B12 O . 14.30 41.14 52.11
O4 B12 O . 13.80 40.90 54.69
O5 B12 O . 11.97 40.84 52.97
P B12 O . 13.42 40.51 53.32
O2 B12 O . 13.58 38.95 52.98
C3R B12 O . 14.14 37.95 53.82
C2R B12 O . 13.14 36.99 54.46
O7R B12 O . 11.92 37.66 54.76
C1R B12 O . 12.94 35.96 53.35
O6R B12 O . 14.04 36.07 52.46
C4R B12 O . 15.00 37.00 52.99
C5R B12 O . 16.06 36.25 53.76
O8R B12 O . 16.98 37.13 54.39
N1B B12 O . 11.71 36.12 52.59
C8B B12 O . 10.98 35.00 52.20
C2B B12 O . 11.41 37.10 51.67
N3B B12 O . 10.58 36.71 50.75
C9B B12 O . 10.29 35.39 51.06
C4B B12 O . 9.46 34.47 50.43
C5B B12 O . 9.33 33.18 50.93
C5M B12 O . 8.43 32.19 50.23
C6B B12 O . 10.05 32.80 52.09
C6M B12 O . 9.95 31.40 52.65
C7B B12 O . 10.88 33.72 52.73
N1 5AD P . 6.84 56.58 44.83
C2 5AD P . 7.79 55.67 44.58
N3 5AD P . 8.65 55.11 45.43
C4 5AD P . 8.47 55.57 46.68
N9 5AD P . 9.17 55.23 47.80
C8 5AD P . 8.62 55.96 48.82
N7 5AD P . 7.64 56.75 48.44
C5 5AD P . 7.54 56.50 47.08
C6 5AD P . 6.68 57.03 46.09
N6 5AD P . 5.74 57.95 46.33
C1' 5AD P . 10.28 54.28 47.89
C2' 5AD P . 11.46 54.78 48.75
C3' 5AD P . 11.69 53.63 49.74
C4' 5AD P . 10.92 52.47 49.12
C5' 5AD P . 10.44 51.42 50.09
O4' 5AD P . 9.79 53.09 48.49
O2' 5AD P . 12.59 55.01 47.93
O3' 5AD P . 13.06 53.29 49.84
CO B12 Q . 49.94 31.08 17.56
N21 B12 Q . 51.29 31.08 18.87
N22 B12 Q . 51.27 31.08 16.20
N23 B12 Q . 48.43 31.15 16.39
N24 B12 Q . 48.79 30.84 19.05
C1 B12 Q . 50.91 31.30 20.26
C20 B12 Q . 50.76 32.79 20.48
C2 B12 Q . 52.04 30.57 21.11
C25 B12 Q . 52.36 31.29 22.42
C26 B12 Q . 51.70 29.09 21.37
C27 B12 Q . 52.68 28.33 22.30
O28 B12 Q . 52.43 28.25 23.50
N29 B12 Q . 53.76 27.80 21.74
C3 B12 Q . 53.24 30.59 20.09
C30 B12 Q . 54.16 31.80 20.29
C31 B12 Q . 55.60 31.43 20.62
C32 B12 Q . 56.53 32.63 20.70
O34 B12 Q . 57.69 32.56 20.29
N33 B12 Q . 56.00 33.72 21.22
C4 B12 Q . 52.52 30.67 18.77
C5 B12 Q . 53.14 30.29 17.49
C35 B12 Q . 54.44 29.55 17.69
C6 B12 Q . 52.58 30.60 16.28
C7 B12 Q . 53.13 30.38 14.88
C36 B12 Q . 54.56 30.96 14.68
C37 B12 Q . 53.03 28.87 14.54
C38 B12 Q . 53.50 28.58 13.11
O39 B12 Q . 52.71 28.69 12.16
N40 B12 Q . 54.76 28.21 12.96
C8 B12 Q . 52.14 31.19 13.99
C41 B12 Q . 52.55 32.64 13.73
C42 B12 Q . 51.68 33.36 12.71
C43 B12 Q . 52.02 34.83 12.56
O44 B12 Q . 51.61 35.67 13.35
N45 B12 Q . 52.81 35.13 11.53
C9 B12 Q . 50.93 31.14 14.89
C10 B12 Q . 49.66 31.11 14.32
C11 B12 Q . 48.48 31.08 15.05
C12 B12 Q . 47.13 31.02 14.38
C46 B12 Q . 46.77 29.58 13.97
C47 B12 Q . 47.08 31.93 13.15
C13 B12 Q . 46.18 31.42 15.55
C48 B12 Q . 45.75 32.89 15.47
C49 B12 Q . 44.24 33.07 15.27
C50 B12 Q . 43.82 34.53 15.18
O51 B12 Q . 44.15 35.34 16.05
N52 B12 Q . 43.08 34.84 14.13
C14 B12 Q . 47.08 31.21 16.78
C15 B12 Q . 46.57 31.06 18.04
C53 B12 Q . 45.08 31.06 18.26
C16 B12 Q . 47.51 30.96 19.24
C17 B12 Q . 47.10 30.92 20.72
C54 B12 Q . 46.55 29.52 21.07
C55 B12 Q . 46.17 32.02 21.27
C56 B12 Q . 46.57 33.40 20.72
C57 B12 Q . 45.71 34.44 21.39
O58 B12 Q . 45.08 35.26 20.74
N59 B12 Q . 45.69 34.41 22.72
C18 B12 Q . 48.47 31.20 21.37
C60 B12 Q . 48.69 30.62 22.78
C61 B12 Q . 49.17 31.66 23.77
O63 B12 Q . 48.92 32.85 23.62
N62 B12 Q . 49.88 31.20 24.80
C19 B12 Q . 49.48 30.66 20.35
C1P B12 Q . 44.94 35.36 23.52
C2P B12 Q . 45.75 36.67 23.79
C3P B12 Q . 44.78 37.81 23.95
O3 B12 Q . 46.42 36.52 25.02
O4 B12 Q . 48.52 36.63 26.59
O5 B12 Q . 48.51 37.66 24.29
P B12 Q . 47.72 37.31 25.54
O2 B12 Q . 47.03 38.69 26.00
C3R B12 Q . 47.02 39.26 27.30
C2R B12 Q . 47.95 40.47 27.49
O7R B12 Q . 49.12 40.34 26.68
C1R B12 Q . 47.06 41.61 26.97
O6R B12 Q . 45.72 41.16 26.99
C4R B12 Q . 45.66 39.86 27.60
C5R B12 Q . 45.33 40.01 29.07
O8R B12 Q . 45.34 38.76 29.74
N1B B12 Q . 47.38 42.07 25.62
C8B B12 Q . 47.35 43.42 25.33
C2B B12 Q . 47.14 41.42 24.44
N3B B12 Q . 46.96 42.21 23.43
C9B B12 Q . 47.10 43.49 23.96
C4B B12 Q . 47.00 44.74 23.35
C5B B12 Q . 47.15 45.90 24.10
C5M B12 Q . 47.06 47.24 23.42
C6B B12 Q . 47.41 45.81 25.50
C6M B12 Q . 47.57 47.05 26.33
C7B B12 Q . 47.51 44.56 26.10
N1 5AD R . 49.64 26.51 9.63
C2 5AD R . 48.63 26.97 10.37
N3 5AD R . 48.53 27.02 11.71
C4 5AD R . 49.63 26.53 12.29
N9 5AD R . 49.88 26.42 13.64
C8 5AD R . 51.13 25.87 13.73
N7 5AD R . 51.70 25.62 12.57
C5 5AD R . 50.75 26.03 11.65
C6 5AD R . 50.74 26.03 10.25
N6 5AD R . 51.74 25.58 9.49
C1' 5AD R . 49.01 26.81 14.74
C2' 5AD R . 48.93 25.78 15.86
C3' 5AD R . 49.22 26.59 17.13
C4' 5AD R . 49.05 28.03 16.65
C5' 5AD R . 49.82 29.08 17.42
O4' 5AD R . 49.49 28.02 15.29
O2' 5AD R . 47.63 25.19 15.92
O3' 5AD R . 48.30 26.33 18.17
CO B12 S . 43.12 38.92 -1.15
N21 B12 S . 43.11 38.77 -3.02
N22 B12 S . 44.99 38.53 -1.13
N23 B12 S . 42.91 39.08 0.75
N24 B12 S . 41.34 39.52 -1.41
C1 B12 S . 41.82 38.76 -3.71
C20 B12 S . 41.24 37.36 -3.63
C2 B12 S . 42.13 39.29 -5.17
C25 B12 S . 41.28 38.65 -6.26
C26 B12 S . 42.03 40.84 -5.25
C27 B12 S . 42.19 41.45 -6.65
O28 B12 S . 41.19 41.70 -7.33
N29 B12 S . 43.42 41.70 -7.07
C3 B12 S . 43.66 38.95 -5.30
C30 B12 S . 43.89 37.59 -5.98
C31 B12 S . 44.71 37.69 -7.27
C32 B12 S . 45.03 36.34 -7.87
O34 B12 S . 46.12 36.12 -8.42
N33 B12 S . 44.08 35.42 -7.77
C4 B12 S . 44.09 38.90 -3.85
C5 B12 S . 45.50 39.03 -3.44
C35 B12 S . 46.39 39.51 -4.55
C6 B12 S . 45.90 38.74 -2.15
C7 B12 S . 47.33 38.71 -1.58
C36 B12 S . 48.29 37.84 -2.40
C37 B12 S . 47.80 40.17 -1.41
C38 B12 S . 49.19 40.23 -0.76
O39 B12 S . 49.31 40.21 0.47
N40 B12 S . 50.23 40.31 -1.58
C8 B12 S . 47.11 38.05 -0.19
C41 B12 S . 47.26 36.53 -0.17
C42 B12 S . 47.25 35.92 1.23
C43 B12 S . 47.30 34.40 1.22
O44 B12 S . 46.27 33.74 1.03
N45 B12 S . 48.48 33.86 1.40
C9 B12 S . 45.66 38.43 0.03
C10 B12 S . 45.22 38.67 1.32
C11 B12 S . 43.92 39.01 1.64
C12 B12 S . 43.48 39.29 3.06
C46 B12 S . 43.83 40.73 3.48
C47 B12 S . 44.12 38.30 4.04
C13 B12 S . 41.94 39.20 2.96
C48 B12 S . 41.39 37.85 3.45
C49 B12 S . 40.47 37.97 4.67
C50 B12 S . 39.95 36.63 5.15
O51 B12 S . 39.39 35.86 4.39
N52 B12 S . 40.13 36.38 6.44
C14 B12 S . 41.71 39.33 1.43
C15 B12 S . 40.51 39.68 0.90
C53 B12 S . 39.34 40.03 1.79
C16 B12 S . 40.31 39.70 -0.61
C17 B12 S . 39.01 39.96 -1.37
C54 B12 S . 38.68 41.46 -1.35
C55 B12 S . 37.76 39.13 -1.00
C56 B12 S . 38.12 37.66 -0.78
C57 B12 S . 36.85 36.88 -0.55
O58 B12 S . 36.72 36.15 0.43
N59 B12 S . 35.90 37.03 -1.47
C18 B12 S . 39.41 39.45 -2.78
C60 B12 S . 38.68 40.09 -3.97
C61 B12 S . 38.09 39.07 -4.91
O63 B12 S . 37.77 37.96 -4.52
N62 B12 S . 37.94 39.47 -6.17
C19 B12 S . 40.92 39.69 -2.82
C1P B12 S . 34.62 36.32 -1.43
C2P B12 S . 34.71 34.91 -2.07
C3P B12 S . 33.72 34.01 -1.39
O3 B12 S . 34.33 35.02 -3.42
O4 B12 S . 34.61 34.61 -5.99
O5 B12 S . 36.03 33.41 -4.29
P B12 S . 34.67 34.03 -4.63
O2 B12 S . 33.60 32.86 -4.35
C3R B12 S . 32.56 32.43 -5.21
C2R B12 S . 32.81 31.07 -5.88
O7R B12 S . 34.19 30.89 -6.17
C1R B12 S . 32.33 30.10 -4.80
O6R B12 S . 31.51 30.82 -3.89
C4R B12 S . 31.30 32.16 -4.39
C5R B12 S . 30.01 32.20 -5.19
O8R B12 S . 29.80 33.48 -5.77
N1B B12 S . 33.40 29.47 -4.04
C8B B12 S . 33.31 28.13 -3.69
C2B B12 S . 34.21 30.05 -3.10
N3B B12 S . 34.64 29.22 -2.19
C9B B12 S . 34.09 28.00 -2.54
C4B B12 S . 34.19 26.75 -1.94
C5B B12 S . 33.53 25.65 -2.48
C5M B12 S . 33.66 24.31 -1.81
C6B B12 S . 32.74 25.81 -3.64
C6M B12 S . 31.99 24.65 -4.23
C7B B12 S . 32.64 27.06 -4.25
N1 5AD T . 49.48 42.74 4.23
C2 5AD T . 48.17 42.57 4.46
N3 5AD T . 47.15 42.66 3.60
C4 5AD T . 47.58 42.96 2.37
N9 5AD T . 46.83 43.13 1.23
C8 5AD T . 47.72 43.42 0.24
N7 5AD T . 48.97 43.44 0.63
C5 5AD T . 48.90 43.16 1.98
C6 5AD T . 49.88 43.04 2.98
N6 5AD T . 51.19 43.21 2.76
C1' 5AD T . 45.38 43.03 1.13
C2' 5AD T . 44.73 44.16 0.29
C3' 5AD T . 43.88 43.41 -0.73
C4' 5AD T . 43.78 42.00 -0.15
C5' 5AD T . 43.56 40.89 -1.14
O4' 5AD T . 45.05 41.81 0.50
O2' 5AD T . 43.95 45.01 1.13
O3' 5AD T . 42.57 43.96 -0.83
CO B12 U . -9.10 -49.66 -48.61
N21 B12 U . -9.56 -50.73 -50.08
N22 B12 U . -7.31 -50.32 -48.70
N23 B12 U . -8.83 -48.51 -47.09
N24 B12 U . -10.83 -48.94 -48.86
C1 B12 U . -10.98 -50.85 -50.42
C20 B12 U . -11.61 -51.88 -49.50
C2 B12 U . -10.99 -51.21 -51.97
C25 B12 U . -12.12 -52.15 -52.38
C26 B12 U . -11.00 -49.94 -52.85
C27 B12 U . -11.13 -50.17 -54.37
O28 B12 U . -12.25 -50.13 -54.88
N29 B12 U . -10.02 -50.40 -55.06
C3 B12 U . -9.57 -51.85 -52.14
C30 B12 U . -9.60 -53.38 -52.01
C31 B12 U . -9.10 -54.12 -53.26
C32 B12 U . -9.03 -55.61 -53.08
O34 B12 U . -8.12 -56.28 -53.59
N33 B12 U . -9.98 -56.15 -52.35
C4 B12 U . -8.80 -51.23 -51.00
C5 B12 U . -7.33 -51.17 -50.95
C35 B12 U . -6.71 -51.51 -52.28
C6 B12 U . -6.65 -50.84 -49.81
C7 B12 U . -5.15 -50.83 -49.55
C36 B12 U . -4.46 -52.16 -49.92
C37 B12 U . -4.53 -49.61 -50.28
C38 B12 U . -3.03 -49.49 -50.00
O39 B12 U . -2.62 -48.90 -49.00
N40 B12 U . -2.22 -50.03 -50.89
C8 B12 U . -5.06 -50.63 -48.01
C41 B12 U . -5.01 -51.93 -47.20
C42 B12 U . -4.73 -51.72 -45.71
C43 B12 U . -4.81 -53.01 -44.91
O44 B12 U . -5.88 -53.47 -44.54
N45 B12 U . -3.64 -53.59 -44.65
C9 B12 U . -6.38 -49.94 -47.80
C10 B12 U . -6.49 -48.99 -46.79
C11 B12 U . -7.65 -48.30 -46.49
C12 B12 U . -7.71 -47.25 -45.40
C46 B12 U . -7.17 -45.90 -45.89
C47 B12 U . -6.92 -47.69 -44.16
C13 B12 U . -9.25 -47.09 -45.18
C48 B12 U . -9.75 -47.87 -43.96
C49 B12 U . -10.34 -46.98 -42.87
C50 B12 U . -10.81 -47.75 -41.65
O51 B12 U . -11.60 -48.71 -41.78
N52 B12 U . -10.36 -47.34 -40.49
C14 B12 U . -9.81 -47.72 -46.47
C15 B12 U . -11.09 -47.48 -46.91
C53 B12 U . -11.97 -46.52 -46.16
C16 B12 U . -11.64 -48.21 -48.12
C17 B12 U . -13.05 -48.13 -48.68
C54 B12 U . -13.27 -46.80 -49.41
C55 B12 U . -14.24 -48.40 -47.71
C56 B12 U . -13.93 -49.59 -46.80
C57 B12 U . -15.16 -49.89 -45.99
O58 B12 U . -15.10 -49.98 -44.76
N59 B12 U . -16.29 -50.06 -46.66
C18 B12 U . -13.04 -49.34 -49.62
C60 B12 U . -13.98 -49.29 -50.83
C61 B12 U . -14.86 -50.51 -50.97
O63 B12 U . -15.14 -51.19 -49.99
N62 B12 U . -15.28 -50.80 -52.19
C19 B12 U . -11.56 -49.45 -50.05
C1P B12 U . -17.57 -50.38 -46.04
C2P B12 U . -17.74 -51.93 -45.81
C3P B12 U . -18.60 -52.15 -44.61
O3 B12 U . -18.42 -52.44 -46.92
O4 B12 U . -18.79 -54.16 -48.88
O5 B12 U . -17.09 -54.56 -47.05
P B12 U . -18.45 -53.97 -47.45
O2 B12 U . -19.50 -54.60 -46.41
C3R B12 U . -20.74 -55.21 -46.70
C2R B12 U . -20.76 -56.73 -46.58
O7R B12 U . -19.50 -57.29 -46.93
C1R B12 U . -21.03 -56.90 -45.07
O6R B12 U . -21.56 -55.69 -44.58
C4R B12 U . -21.79 -54.78 -45.68
C5R B12 U . -23.21 -54.91 -46.15
O8R B12 U . -23.47 -54.10 -47.28
N1B B12 U . -19.85 -57.25 -44.28
C8B B12 U . -19.95 -58.17 -43.26
C2B B12 U . -18.81 -56.43 -43.96
N3B B12 U . -18.22 -56.73 -42.83
C9B B12 U . -18.93 -57.85 -42.36
C4B B12 U . -18.78 -58.60 -41.21
C5B B12 U . -19.63 -59.67 -40.96
C5M B12 U . -19.43 -60.49 -39.70
C6B B12 U . -20.66 -59.99 -41.87
C6M B12 U . -21.61 -61.13 -41.60
C7B B12 U . -20.81 -59.23 -43.03
N1 5AD V . -1.39 -44.88 -47.29
C2 5AD V . -2.62 -44.66 -46.79
N3 5AD V . -3.79 -44.83 -47.38
C4 5AD V . -3.65 -45.30 -48.63
N9 5AD V . -4.64 -45.59 -49.53
C8 5AD V . -4.00 -46.03 -50.66
N7 5AD V . -2.69 -46.03 -50.56
C5 5AD V . -2.46 -45.57 -49.27
C6 5AD V . -1.27 -45.34 -48.55
N6 5AD V . -0.05 -45.56 -49.04
C1' 5AD V . -6.09 -45.46 -49.33
C2' 5AD V . -6.82 -44.82 -50.52
C3' 5AD V . -7.96 -45.81 -50.82
C4' 5AD V . -7.99 -46.68 -49.56
C5' 5AD V . -8.53 -48.08 -49.74
O4' 5AD V . -6.63 -46.75 -49.14
O2' 5AD V . -7.32 -43.53 -50.16
O3' 5AD V . -9.20 -45.15 -50.98
CO B12 W . 1.50 -47.82 -29.94
N21 B12 W . 3.11 -47.41 -29.07
N22 B12 W . 2.49 -48.77 -31.29
N23 B12 W . -0.23 -48.12 -30.70
N24 B12 W . 0.71 -47.07 -28.39
C1 B12 W . 3.06 -46.43 -27.98
C20 B12 W . 3.05 -45.04 -28.57
C2 B12 W . 4.31 -46.78 -27.07
C25 B12 W . 4.97 -45.56 -26.42
C26 B12 W . 3.97 -47.84 -25.99
C27 B12 W . 5.09 -48.17 -24.99
O28 B12 W . 5.12 -47.57 -23.90
N29 B12 W . 5.98 -49.08 -25.33
C3 B12 W . 5.25 -47.50 -28.11
C30 B12 W . 6.26 -46.53 -28.75
C31 B12 W . 7.71 -46.93 -28.52
C32 B12 W . 8.70 -46.04 -29.24
O34 B12 W . 9.73 -46.49 -29.73
N33 B12 W . 8.37 -44.75 -29.31
C4 B12 W . 4.26 -47.99 -29.14
C5 B12 W . 4.56 -49.08 -30.09
C35 B12 W . 5.82 -49.82 -29.73
C6 B12 W . 3.75 -49.35 -31.16
C7 B12 W . 3.96 -50.36 -32.30
C36 B12 W . 5.32 -50.20 -32.98
C37 B12 W . 3.70 -51.78 -31.75
C38 B12 W . 3.82 -52.82 -32.84
O39 B12 W . 2.84 -53.11 -33.55
N40 B12 W . 4.98 -53.43 -32.98
C8 B12 W . 2.84 -49.96 -33.30
C41 B12 W . 3.26 -48.94 -34.37
C42 B12 W . 2.21 -48.71 -35.46
C43 B12 W . 2.61 -47.63 -36.43
O44 B12 W . 2.43 -46.44 -36.16
N45 B12 W . 3.15 -48.03 -37.56
C9 B12 W . 1.86 -49.32 -32.34
C10 B12 W . 0.50 -49.44 -32.58
C11 B12 W . -0.49 -48.89 -31.78
C12 B12 W . -1.95 -49.06 -32.07
C46 B12 W . -2.48 -50.41 -31.59
C47 B12 W . -2.24 -48.92 -33.58
C13 B12 W . -2.59 -47.96 -31.17
C48 B12 W . -2.95 -46.69 -31.96
C49 B12 W . -4.45 -46.38 -31.98
C50 B12 W . -4.80 -45.14 -32.77
O51 B12 W . -4.24 -44.06 -32.55
N52 B12 W . -5.74 -45.29 -33.69
C14 B12 W . -1.45 -47.66 -30.18
C15 B12 W . -1.67 -47.04 -28.99
C53 B12 W . -3.06 -46.68 -28.56
C16 B12 W . -0.50 -46.66 -28.09
C17 B12 W . -0.54 -45.88 -26.78
C54 B12 W . -1.09 -46.77 -25.65
C55 B12 W . -1.27 -44.51 -26.77
C56 B12 W . -0.94 -43.70 -28.03
C57 B12 W . -1.56 -42.33 -27.89
O58 B12 W . -2.28 -41.87 -28.78
N59 B12 W . -1.28 -41.66 -26.77
C18 B12 W . 0.95 -45.52 -26.62
C60 B12 W . 1.44 -45.32 -25.18
C61 B12 W . 2.20 -44.02 -25.00
O63 B12 W . 1.97 -43.06 -25.73
N62 B12 W . 3.09 -44.00 -24.01
C19 B12 W . 1.66 -46.68 -27.33
C1P B12 W . -1.77 -40.33 -26.50
C2P B12 W . -0.85 -39.22 -27.12
C3P B12 W . -1.69 -38.03 -27.45
O3 B12 W . 0.07 -38.83 -26.13
O4 B12 W . 2.48 -38.28 -25.23
O5 B12 W . 2.01 -38.61 -27.69
P B12 W . 1.49 -38.11 -26.33
O2 B12 W . 1.01 -36.60 -26.59
C3R B12 W . 1.32 -35.45 -25.83
C2R B12 W . 2.33 -34.50 -26.48
O7R B12 W . 3.29 -35.22 -27.26
C1R B12 W . 1.42 -33.65 -27.37
O6R B12 W . 0.09 -33.80 -26.90
C4R B12 W . 0.10 -34.57 -25.68
C5R B12 W . 0.13 -33.63 -24.50
O8R B12 W . 0.21 -34.34 -23.27
N1B B12 W . 1.44 -34.02 -28.78
C8B B12 W . 1.42 -33.04 -29.75
C2B B12 W . 0.91 -35.13 -29.36
N3B B12 W . 0.55 -34.95 -30.61
C9B B12 W . 0.87 -33.63 -30.87
C4B B12 W . 0.70 -32.88 -32.04
C5B B12 W . 1.09 -31.55 -32.07
C5M B12 W . 0.92 -30.75 -33.33
C6B B12 W . 1.66 -30.95 -30.91
C6M B12 W . 2.07 -29.50 -30.91
C7B B12 W . 1.82 -31.70 -29.75
N1 5AD X . -0.85 -55.71 -33.98
C2 5AD X . -1.64 -54.78 -33.44
N3 5AD X . -1.43 -54.03 -32.35
C4 5AD X . -0.24 -54.33 -31.79
N9 5AD X . 0.30 -53.77 -30.66
C8 5AD X . 1.51 -54.39 -30.48
N7 5AD X . 1.78 -55.29 -31.39
C5 5AD X . 0.67 -55.26 -32.23
C6 5AD X . 0.34 -55.99 -33.39
N6 5AD X . 1.11 -56.93 -33.93
C1' 5AD X . -0.28 -52.73 -29.82
C2' 5AD X . -0.16 -53.01 -28.31
C3' 5AD X . 0.46 -51.71 -27.76
C4' 5AD X . 0.25 -50.71 -28.89
C5' 5AD X . 1.24 -49.58 -28.95
O4' 5AD X . 0.38 -51.50 -30.08
O2' 5AD X . -1.45 -53.25 -27.74
O3' 5AD X . -0.22 -51.25 -26.60
CO B12 Y . -48.92 -30.95 -15.63
N21 B12 Y . -48.55 -30.63 -13.81
N22 B12 Y . -50.79 -31.03 -15.22
N23 B12 Y . -49.09 -31.30 -17.51
N24 B12 Y . -47.07 -30.59 -15.86
C1 B12 Y . -47.16 -30.68 -13.38
C20 B12 Y . -46.77 -32.13 -13.17
C2 B12 Y . -47.10 -29.76 -12.09
C25 B12 Y . -46.12 -30.25 -11.02
C26 B12 Y . -46.82 -28.28 -12.45
C27 B12 Y . -46.63 -27.31 -11.26
O28 B12 Y . -45.48 -27.08 -10.85
N29 B12 Y . -47.71 -26.78 -10.72
C3 B12 Y . -48.60 -29.82 -11.62
C30 B12 Y . -48.83 -30.92 -10.55
C31 B12 Y . -49.36 -30.38 -9.23
C32 B12 Y . -49.69 -31.47 -8.24
O34 B12 Y . -50.66 -31.37 -7.48
N33 B12 Y . -48.88 -32.52 -8.25
C4 B12 Y . -49.33 -30.15 -12.89
C5 B12 Y . -50.76 -29.91 -13.08
C35 B12 Y . -51.34 -29.03 -12.01
C6 B12 Y . -51.45 -30.44 -14.16
C7 B12 Y . -52.95 -30.38 -14.45
C36 B12 Y . -53.82 -30.85 -13.27
C37 B12 Y . -53.30 -28.94 -14.93
C38 B12 Y . -54.77 -28.83 -15.32
O39 B12 Y . -55.15 -29.13 -16.47
N40 B12 Y . -55.60 -28.39 -14.40
C8 B12 Y . -53.10 -31.38 -15.63
C41 B12 Y . -53.42 -32.83 -15.20
C42 B12 Y . -53.75 -33.75 -16.37
C43 B12 Y . -53.95 -35.19 -15.94
O44 B12 Y . -52.99 -35.93 -15.76
N45 B12 Y . -55.21 -35.57 -15.78
C9 B12 Y . -51.70 -31.31 -16.18
C10 B12 Y . -51.50 -31.46 -17.54
C11 B12 Y . -50.26 -31.42 -18.16
C12 B12 Y . -50.09 -31.56 -19.66
C46 B12 Y . -50.37 -30.23 -20.39
C47 B12 Y . -51.03 -32.64 -20.22
C13 B12 Y . -48.58 -31.87 -19.80
C48 B12 Y . -48.30 -33.37 -19.98
C49 B12 Y . -47.64 -33.70 -21.32
C50 B12 Y . -47.38 -35.17 -21.52
O51 B12 Y . -46.76 -35.82 -20.68
N52 B12 Y . -47.84 -35.70 -22.64
C14 B12 Y . -48.04 -31.41 -18.42
C15 B12 Y . -46.71 -31.13 -18.22
C53 B12 Y . -45.74 -31.21 -19.35
C16 B12 Y . -46.21 -30.78 -16.83
C17 B12 Y . -44.77 -30.55 -16.40
C54 B12 Y . -44.29 -29.17 -16.88
C55 B12 Y . -43.71 -31.63 -16.73
C56 B12 Y . -44.28 -33.03 -16.49
C57 B12 Y . -43.16 -34.04 -16.70
O58 B12 Y . -43.32 -35.00 -17.46
N59 B12 Y . -42.05 -33.82 -16.03
C18 B12 Y . -44.93 -30.62 -14.86
C60 B12 Y . -43.91 -29.83 -14.03
C61 B12 Y . -43.24 -30.67 -12.95
O63 B12 Y . -43.14 -31.89 -13.08
N62 B12 Y . -42.79 -30.02 -11.90
C19 B12 Y . -46.37 -30.15 -14.62
C1P B12 Y . -40.89 -34.70 -16.11
C2P B12 Y . -41.00 -35.89 -15.09
C3P B12 Y . -40.26 -37.07 -15.66
O3 B12 Y . -40.33 -35.52 -13.91
O4 B12 Y . -40.13 -35.22 -11.30
O5 B12 Y . -41.99 -36.57 -12.36
P B12 Y . -40.52 -36.11 -12.43
O2 B12 Y . -39.67 -37.46 -12.57
C3R B12 Y . -38.53 -37.84 -11.81
C2R B12 Y . -38.77 -38.93 -10.77
O7R B12 Y . -40.08 -38.81 -10.22
C1R B12 Y . -38.63 -40.20 -11.61
O6R B12 Y . -37.94 -39.85 -12.80
C4R B12 Y . -37.49 -38.49 -12.72
C5R B12 Y . -36.08 -38.45 -12.21
O8R B12 Y . -35.62 -37.12 -12.03
N1B B12 Y . -39.90 -40.82 -11.98
C8B B12 Y . -40.03 -42.20 -11.96
C2B B12 Y . -40.82 -40.36 -12.89
N3B B12 Y . -41.52 -41.31 -13.46
C9B B12 Y . -41.03 -42.48 -12.89
C4B B12 Y . -41.40 -43.81 -13.10
C5B B12 Y . -40.75 -44.83 -12.41
C5M B12 Y . -41.17 -46.26 -12.65
C6B B12 Y . -39.73 -44.52 -11.48
C6M B12 Y . -39.01 -45.61 -10.73
C7B B12 Y . -39.38 -43.20 -11.26
N1 5AD Z . -55.80 -27.60 -20.69
C2 5AD Z . -54.59 -28.03 -21.08
N3 5AD Z . -53.42 -27.90 -20.46
C4 5AD Z . -53.55 -27.24 -19.30
N9 5AD Z . -52.56 -26.93 -18.40
C8 5AD Z . -53.20 -26.25 -17.38
N7 5AD Z . -54.49 -26.13 -17.54
C5 5AD Z . -54.73 -26.75 -18.77
C6 5AD Z . -55.90 -26.95 -19.51
N6 5AD Z . -57.11 -26.53 -19.12
C1' 5AD Z . -51.14 -27.21 -18.52
C2' 5AD Z . -50.23 -26.03 -18.14
C3' 5AD Z . -49.27 -26.63 -17.11
C4' 5AD Z . -49.45 -28.14 -17.30
C5' 5AD Z . -49.13 -28.99 -16.09
O4' 5AD Z . -50.83 -28.28 -17.64
O2' 5AD Z . -49.54 -25.55 -19.29
O3' 5AD Z . -47.91 -26.29 -17.39
CO B12 AA . -60.31 -41.97 -30.01
N21 B12 AA . -61.88 -42.09 -31.01
N22 B12 AA . -61.33 -41.43 -28.47
N23 B12 AA . -58.59 -41.85 -29.16
N24 B12 AA . -59.52 -42.74 -31.53
C1 B12 AA . -61.77 -42.29 -32.45
C20 B12 AA . -61.52 -40.94 -33.10
C2 B12 AA . -63.12 -43.00 -32.87
C25 B12 AA . -63.63 -42.60 -34.26
C26 B12 AA . -63.00 -44.55 -32.78
C27 B12 AA . -64.22 -45.35 -33.29
O28 B12 AA . -64.23 -45.77 -34.44
N29 B12 AA . -65.21 -45.57 -32.43
C3 B12 AA . -64.08 -42.57 -31.71
C30 B12 AA . -64.89 -41.31 -32.07
C31 B12 AA . -66.40 -41.53 -32.04
C32 B12 AA . -67.19 -40.26 -32.28
O34 B12 AA . -68.24 -40.04 -31.69
N33 B12 AA . -66.67 -39.42 -33.16
C4 B12 AA . -63.11 -42.27 -30.60
C5 B12 AA . -63.50 -42.22 -29.18
C35 B12 AA . -64.87 -42.79 -28.95
C6 B12 AA . -62.66 -41.71 -28.21
C7 B12 AA . -62.94 -41.49 -26.72
C36 B12 AA . -64.22 -40.68 -26.47
C37 B12 AA . -62.93 -42.87 -26.01
C38 B12 AA . -63.12 -42.72 -24.51
O39 B12 AA . -62.16 -42.51 -23.76
N40 B12 AA . -64.37 -42.85 -24.05
C8 B12 AA . -61.71 -40.65 -26.27
C41 B12 AA . -61.91 -39.13 -26.36
C42 B12 AA . -60.77 -38.33 -25.73
C43 B12 AA . -60.94 -36.84 -25.92
O44 B12 AA . -60.60 -36.29 -26.97
N45 B12 AA . -61.45 -36.17 -24.90
C9 B12 AA . -60.72 -41.10 -27.32
C10 B12 AA . -59.38 -41.19 -26.98
C11 B12 AA . -58.38 -41.58 -27.86
C12 B12 AA . -56.93 -41.69 -27.44
C46 B12 AA . -56.64 -43.01 -26.72
C47 B12 AA . -56.54 -40.51 -26.52
C13 B12 AA . -56.20 -41.73 -28.81
C48 B12 AA . -55.61 -40.36 -29.20
C49 B12 AA . -54.09 -40.37 -29.33
C50 B12 AA . -53.51 -39.04 -29.70
O51 B12 AA . -53.91 -38.42 -30.69
N52 B12 AA . -52.54 -38.58 -28.91
C14 B12 AA . -57.35 -42.10 -29.77
C15 B12 AA . -57.12 -42.63 -31.03
C53 B12 AA . -55.72 -42.92 -31.47
C16 B12 AA . -58.28 -42.88 -31.97
C17 B12 AA . -58.20 -43.34 -33.41
C54 B12 AA . -57.88 -44.85 -33.47
C55 B12 AA . -57.29 -42.57 -34.40
C56 B12 AA . -57.42 -41.06 -34.19
C57 B12 AA . -56.60 -40.36 -35.25
O58 B12 AA . -55.78 -39.51 -34.96
N59 B12 AA . -56.86 -40.72 -36.51
C18 B12 AA . -59.63 -43.02 -33.88
C60 B12 AA . -60.19 -43.89 -35.03
C61 B12 AA . -60.75 -43.07 -36.17
O63 B12 AA . -60.34 -41.93 -36.39
N62 B12 AA . -61.69 -43.65 -36.90
C19 B12 AA . -60.47 -43.14 -32.60
C1P B12 AA . -56.19 -40.13 -37.65
C2P B12 AA . -56.91 -38.81 -38.12
C3P B12 AA . -55.88 -37.90 -38.74
O3 B12 AA . -57.82 -39.15 -39.13
O4 B12 AA . -60.17 -39.10 -40.31
O5 B12 AA . -59.59 -37.56 -38.39
P B12 AA . -59.11 -38.32 -39.62
O2 B12 AA . -58.39 -37.21 -40.54
C3R B12 AA . -58.59 -36.98 -41.93
C2R B12 AA . -59.40 -35.74 -42.28
O7R B12 AA . -60.39 -35.48 -41.29
C1R B12 AA . -58.30 -34.65 -42.25
O6R B12 AA . -57.05 -35.31 -42.37
C4R B12 AA . -57.25 -36.71 -42.61
C5R B12 AA . -57.21 -36.97 -44.10
O8R B12 AA . -57.50 -38.34 -44.39
N1B B12 AA . -58.30 -33.84 -41.05
C8B B12 AA . -58.07 -32.47 -41.14
C2B B12 AA . -57.89 -34.21 -39.79
N3B B12 AA . -57.44 -33.22 -39.07
C9B B12 AA . -57.53 -32.11 -39.91
C4B B12 AA . -57.18 -30.78 -39.68
C5B B12 AA . -57.37 -29.83 -40.68
C5M B12 AA . -57.00 -28.40 -40.41
C6B B12 AA . -57.91 -30.22 -41.93
C6M B12 AA . -58.10 -29.22 -43.04
C7B B12 AA . -58.26 -31.56 -42.14
N1 5AD BA . -58.88 -44.43 -21.29
C2 5AD BA . -58.01 -44.35 -22.30
N3 5AD BA . -58.17 -44.64 -23.59
C4 5AD BA . -59.42 -45.08 -23.83
N9 5AD BA . -59.94 -45.47 -25.02
C8 5AD BA . -61.24 -45.84 -24.76
N7 5AD BA . -61.58 -45.70 -23.49
C5 5AD BA . -60.42 -45.22 -22.89
C6 5AD BA . -60.13 -44.88 -21.56
N6 5AD BA . -61.00 -44.98 -20.56
C1' 5AD BA . -59.27 -45.51 -26.32
C2' 5AD BA . -59.52 -46.79 -27.13
C3' 5AD BA . -59.98 -46.27 -28.49
C4' 5AD BA . -59.56 -44.80 -28.47
C5' 5AD BA . -60.37 -43.88 -29.34
O4' 5AD BA . -59.72 -44.42 -27.10
O2' 5AD BA . -58.34 -47.56 -27.23
O3' 5AD BA . -59.32 -46.93 -29.56
#